data_5IS7
#
_entry.id   5IS7
#
_cell.length_a   74.528
_cell.length_b   98.935
_cell.length_c   206.914
_cell.angle_alpha   90.00
_cell.angle_beta   90.00
_cell.angle_gamma   90.00
#
_symmetry.space_group_name_H-M   'P 21 21 2'
#
loop_
_entity.id
_entity.type
_entity.pdbx_description
1 polymer 'Histone-arginine methyltransferase CARM1'
2 non-polymer 1,2-ETHANEDIOL
3 non-polymer DI(HYDROXYETHYL)ETHER
4 non-polymer "5'-S-(3-aminopropyl)-5'-thioadenosine"
5 water water
#
_entity_poly.entity_id   1
_entity_poly.type   'polypeptide(L)'
_entity_poly.pdbx_seq_one_letter_code
;GHMGHTLERSVFSERTEESSAVQYFQFYGYLSQQQNMMQDYVRTGTYQRAILQNHTDFKDKIVLDVGCGSGILSFFAAQA
GARKIYAVEASTMAQHAEVLVKSNNLTDRIVVIPGKVEEVSLPEQVDIIISEPMGYMLFNERMLESYLHAKKYLKPSGNM
FPTIGDVHLAPFTDEQLYMEQFTKANFWYQPSFHGVDLSALRGAAVDEYFRQPVVDTFDIRILMAKSVKYTVNFLEAKEG
DLHRIEIPFKFHMLHSGLVHGLAFWFDVAFIGSIMTVWLSTAPTEPLTHWYQVRCLFQSPLFAKAGDTLSGTCLLIANKR
QSYDISIVAQVDQTGSKSSNLLDLKNPFFRYTGTTPSPPPG
;
_entity_poly.pdbx_strand_id   A,B,C,D
#
loop_
_chem_comp.id
_chem_comp.type
_chem_comp.name
_chem_comp.formula
DSH non-polymer 5'-S-(3-aminopropyl)-5'-thioadenosine 'C13 H20 N6 O3 S'
EDO non-polymer 1,2-ETHANEDIOL 'C2 H6 O2'
PEG non-polymer DI(HYDROXYETHYL)ETHER 'C4 H10 O3'
#
# COMPACT_ATOMS: atom_id res chain seq x y z
N SER A 10 13.90 -42.66 11.57
CA SER A 10 12.51 -42.67 11.13
C SER A 10 12.41 -43.06 9.66
N VAL A 11 11.20 -43.35 9.21
CA VAL A 11 10.96 -43.75 7.83
C VAL A 11 11.33 -42.62 6.87
N PHE A 12 11.13 -41.39 7.31
CA PHE A 12 11.42 -40.23 6.47
C PHE A 12 12.92 -40.04 6.26
N SER A 13 13.68 -40.14 7.35
CA SER A 13 15.12 -39.90 7.29
C SER A 13 15.85 -40.99 6.52
N GLU A 14 15.22 -42.15 6.39
CA GLU A 14 15.85 -43.28 5.71
C GLU A 14 15.70 -43.19 4.19
N ARG A 15 14.71 -42.43 3.73
CA ARG A 15 14.47 -42.29 2.30
C ARG A 15 14.85 -40.89 1.79
N THR A 16 15.36 -40.05 2.68
CA THR A 16 15.67 -38.67 2.33
C THR A 16 17.09 -38.27 2.74
N GLU A 17 17.85 -37.78 1.78
CA GLU A 17 19.16 -37.22 2.06
C GLU A 17 18.97 -35.91 2.80
N GLU A 18 19.67 -35.74 3.92
CA GLU A 18 19.47 -34.59 4.79
C GLU A 18 19.58 -33.26 4.04
N SER A 19 20.55 -33.18 3.12
CA SER A 19 20.74 -31.97 2.33
C SER A 19 19.43 -31.55 1.66
N SER A 20 18.69 -32.54 1.16
CA SER A 20 17.41 -32.29 0.49
C SER A 20 16.35 -31.86 1.51
N ALA A 21 16.32 -32.53 2.65
CA ALA A 21 15.31 -32.28 3.67
C ALA A 21 15.44 -30.87 4.24
N VAL A 22 16.67 -30.42 4.45
CA VAL A 22 16.92 -29.09 4.97
C VAL A 22 16.31 -28.04 4.05
N GLN A 23 16.68 -28.10 2.77
CA GLN A 23 16.21 -27.11 1.79
C GLN A 23 14.69 -27.20 1.61
N TYR A 24 14.17 -28.42 1.64
CA TYR A 24 12.74 -28.66 1.45
C TYR A 24 11.90 -27.94 2.52
N PHE A 25 12.28 -28.09 3.78
CA PHE A 25 11.50 -27.52 4.88
C PHE A 25 11.81 -26.04 5.10
N GLN A 26 12.98 -25.59 4.68
CA GLN A 26 13.30 -24.16 4.69
C GLN A 26 12.39 -23.43 3.69
N PHE A 27 12.22 -24.05 2.52
CA PHE A 27 11.39 -23.50 1.46
C PHE A 27 9.96 -23.29 1.94
N TYR A 28 9.47 -24.21 2.77
CA TYR A 28 8.08 -24.15 3.24
C TYR A 28 7.91 -23.34 4.52
N GLY A 29 9.02 -22.85 5.07
CA GLY A 29 8.94 -21.97 6.22
C GLY A 29 8.51 -20.56 5.86
N TYR A 30 8.57 -20.25 4.56
CA TYR A 30 8.23 -18.91 4.08
C TYR A 30 6.72 -18.70 3.95
N LEU A 31 6.24 -17.59 4.49
CA LEU A 31 4.83 -17.22 4.38
C LEU A 31 4.47 -16.90 2.92
N SER A 32 5.45 -16.41 2.17
CA SER A 32 5.24 -16.07 0.77
C SER A 32 4.80 -17.30 -0.02
N GLN A 33 5.30 -18.47 0.37
CA GLN A 33 4.97 -19.70 -0.33
C GLN A 33 3.55 -20.15 0.03
N GLN A 34 3.20 -20.02 1.30
CA GLN A 34 1.85 -20.34 1.74
C GLN A 34 0.84 -19.44 1.04
N GLN A 35 1.18 -18.16 0.92
CA GLN A 35 0.32 -17.19 0.25
C GLN A 35 0.09 -17.59 -1.20
N ASN A 36 1.16 -17.96 -1.90
CA ASN A 36 1.07 -18.33 -3.30
C ASN A 36 0.13 -19.52 -3.49
N MET A 37 0.17 -20.46 -2.55
CA MET A 37 -0.67 -21.65 -2.64
C MET A 37 -2.11 -21.31 -2.28
N MET A 38 -2.27 -20.48 -1.26
CA MET A 38 -3.60 -20.11 -0.80
C MET A 38 -4.31 -19.22 -1.82
N GLN A 39 -3.54 -18.59 -2.70
CA GLN A 39 -4.11 -17.70 -3.72
C GLN A 39 -4.55 -18.46 -4.98
N ASP A 40 -4.29 -19.77 -5.00
CA ASP A 40 -4.84 -20.64 -6.03
C ASP A 40 -6.25 -21.03 -5.60
N TYR A 41 -7.26 -20.33 -6.12
N TYR A 41 -7.25 -20.33 -6.13
CA TYR A 41 -8.62 -20.52 -5.67
CA TYR A 41 -8.63 -20.51 -5.67
C TYR A 41 -9.13 -21.93 -5.95
C TYR A 41 -9.15 -21.91 -5.98
N VAL A 42 -8.69 -22.50 -7.07
CA VAL A 42 -9.09 -23.85 -7.43
C VAL A 42 -8.69 -24.79 -6.30
N ARG A 43 -7.45 -24.65 -5.84
CA ARG A 43 -6.93 -25.42 -4.72
C ARG A 43 -7.70 -25.15 -3.43
N THR A 44 -7.64 -23.90 -2.97
CA THR A 44 -8.27 -23.51 -1.71
C THR A 44 -9.77 -23.75 -1.74
N GLY A 45 -10.44 -23.24 -2.77
CA GLY A 45 -11.88 -23.38 -2.90
C GLY A 45 -12.35 -24.82 -2.88
N THR A 46 -11.78 -25.65 -3.75
CA THR A 46 -12.23 -27.03 -3.90
C THR A 46 -12.10 -27.80 -2.59
N TYR A 47 -11.00 -27.58 -1.87
CA TYR A 47 -10.79 -28.24 -0.59
C TYR A 47 -11.88 -27.84 0.40
N GLN A 48 -12.15 -26.54 0.51
CA GLN A 48 -13.18 -26.05 1.41
C GLN A 48 -14.53 -26.68 1.03
N ARG A 49 -14.86 -26.62 -0.25
CA ARG A 49 -16.10 -27.23 -0.74
C ARG A 49 -16.16 -28.71 -0.40
N ALA A 50 -15.07 -29.42 -0.68
CA ALA A 50 -15.02 -30.86 -0.47
C ALA A 50 -15.27 -31.22 1.00
N ILE A 51 -14.71 -30.41 1.89
CA ILE A 51 -14.85 -30.66 3.32
C ILE A 51 -16.24 -30.24 3.80
N LEU A 52 -16.66 -29.04 3.44
CA LEU A 52 -17.93 -28.50 3.94
C LEU A 52 -19.14 -29.23 3.38
N GLN A 53 -19.11 -29.57 2.09
CA GLN A 53 -20.23 -30.28 1.49
C GLN A 53 -20.31 -31.72 1.99
N ASN A 54 -19.29 -32.16 2.70
CA ASN A 54 -19.28 -33.50 3.32
C ASN A 54 -19.13 -33.39 4.83
N HIS A 55 -19.82 -32.42 5.43
CA HIS A 55 -19.69 -32.12 6.85
C HIS A 55 -19.99 -33.34 7.74
N THR A 56 -20.75 -34.29 7.21
CA THR A 56 -21.08 -35.49 7.98
C THR A 56 -19.86 -36.39 8.16
N ASP A 57 -18.81 -36.11 7.39
CA ASP A 57 -17.56 -36.86 7.52
C ASP A 57 -16.64 -36.19 8.54
N PHE A 58 -17.03 -35.01 9.00
CA PHE A 58 -16.19 -34.21 9.89
C PHE A 58 -16.88 -33.86 11.20
N LYS A 59 -18.19 -33.69 11.14
CA LYS A 59 -18.96 -33.26 12.31
C LYS A 59 -18.63 -34.10 13.54
N ASP A 60 -18.03 -33.47 14.54
CA ASP A 60 -17.73 -34.12 15.82
C ASP A 60 -16.80 -35.32 15.64
N LYS A 61 -15.93 -35.25 14.63
CA LYS A 61 -14.99 -36.33 14.35
C LYS A 61 -13.58 -35.95 14.82
N ILE A 62 -12.66 -36.89 14.73
CA ILE A 62 -11.26 -36.65 15.04
C ILE A 62 -10.47 -36.61 13.73
N VAL A 63 -9.72 -35.53 13.52
CA VAL A 63 -9.08 -35.28 12.23
C VAL A 63 -7.57 -35.17 12.35
N LEU A 64 -6.87 -35.71 11.36
CA LEU A 64 -5.43 -35.55 11.23
C LEU A 64 -5.10 -34.75 9.98
N ASP A 65 -4.36 -33.66 10.16
CA ASP A 65 -3.90 -32.85 9.03
C ASP A 65 -2.40 -33.02 8.86
N VAL A 66 -2.00 -33.70 7.79
CA VAL A 66 -0.59 -33.96 7.52
C VAL A 66 0.00 -32.81 6.72
N GLY A 67 1.04 -32.18 7.26
CA GLY A 67 1.66 -31.04 6.61
C GLY A 67 0.68 -29.89 6.47
N CYS A 68 0.15 -29.45 7.61
CA CYS A 68 -0.92 -28.47 7.65
C CYS A 68 -0.51 -27.09 7.14
N GLY A 69 0.79 -26.86 6.98
CA GLY A 69 1.29 -25.56 6.57
C GLY A 69 0.78 -24.47 7.50
N SER A 70 0.16 -23.45 6.92
CA SER A 70 -0.41 -22.36 7.72
C SER A 70 -1.58 -22.89 8.56
N GLY A 71 -2.13 -24.03 8.16
CA GLY A 71 -3.19 -24.67 8.90
C GLY A 71 -4.58 -24.44 8.31
N ILE A 72 -4.61 -23.96 7.08
CA ILE A 72 -5.87 -23.59 6.43
C ILE A 72 -6.84 -24.77 6.42
N LEU A 73 -6.35 -25.96 6.14
CA LEU A 73 -7.21 -27.14 6.01
C LEU A 73 -7.83 -27.49 7.36
N SER A 74 -7.06 -27.33 8.43
CA SER A 74 -7.54 -27.62 9.77
C SER A 74 -8.70 -26.70 10.13
N PHE A 75 -8.62 -25.44 9.72
CA PHE A 75 -9.69 -24.49 9.98
C PHE A 75 -10.95 -24.90 9.23
N PHE A 76 -10.78 -25.41 8.01
CA PHE A 76 -11.92 -25.88 7.23
C PHE A 76 -12.58 -27.06 7.94
N ALA A 77 -11.76 -27.91 8.54
CA ALA A 77 -12.25 -29.06 9.29
C ALA A 77 -13.04 -28.60 10.52
N ALA A 78 -12.61 -27.49 11.10
CA ALA A 78 -13.29 -26.91 12.25
C ALA A 78 -14.65 -26.37 11.83
N GLN A 79 -14.68 -25.63 10.72
CA GLN A 79 -15.92 -25.07 10.19
C GLN A 79 -16.95 -26.18 9.93
N ALA A 80 -16.46 -27.37 9.62
CA ALA A 80 -17.34 -28.50 9.33
C ALA A 80 -17.88 -29.15 10.60
N GLY A 81 -17.32 -28.79 11.74
CA GLY A 81 -17.84 -29.24 13.02
C GLY A 81 -16.99 -30.30 13.72
N ALA A 82 -15.75 -30.45 13.28
CA ALA A 82 -14.85 -31.44 13.87
C ALA A 82 -14.71 -31.21 15.38
N ARG A 83 -14.55 -32.29 16.12
CA ARG A 83 -14.35 -32.22 17.56
C ARG A 83 -12.91 -31.85 17.90
N LYS A 84 -11.97 -32.58 17.32
CA LYS A 84 -10.56 -32.35 17.55
C LYS A 84 -9.78 -32.55 16.26
N ILE A 85 -8.80 -31.66 16.02
CA ILE A 85 -7.96 -31.75 14.84
C ILE A 85 -6.50 -31.71 15.26
N TYR A 86 -5.75 -32.75 14.90
CA TYR A 86 -4.32 -32.78 15.13
C TYR A 86 -3.61 -32.34 13.86
N ALA A 87 -3.00 -31.16 13.90
CA ALA A 87 -2.36 -30.58 12.73
C ALA A 87 -0.84 -30.69 12.86
N VAL A 88 -0.25 -31.49 11.98
CA VAL A 88 1.18 -31.78 12.03
C VAL A 88 1.94 -31.00 10.96
N GLU A 89 3.04 -30.37 11.38
CA GLU A 89 3.88 -29.59 10.46
C GLU A 89 5.34 -29.66 10.90
N ALA A 90 6.22 -29.97 9.95
CA ALA A 90 7.63 -30.20 10.27
C ALA A 90 8.49 -28.96 10.09
N SER A 91 7.99 -27.97 9.34
CA SER A 91 8.75 -26.75 9.11
C SER A 91 8.51 -25.75 10.24
N THR A 92 9.11 -24.57 10.13
CA THR A 92 8.92 -23.51 11.11
C THR A 92 7.58 -22.81 10.94
N MET A 93 6.85 -23.20 9.89
CA MET A 93 5.51 -22.67 9.65
C MET A 93 4.56 -23.11 10.77
N ALA A 94 4.97 -24.12 11.53
CA ALA A 94 4.19 -24.62 12.65
C ALA A 94 3.97 -23.53 13.70
N GLN A 95 4.97 -22.67 13.87
CA GLN A 95 4.88 -21.56 14.81
C GLN A 95 3.73 -20.64 14.44
N HIS A 96 3.69 -20.26 13.16
CA HIS A 96 2.68 -19.34 12.66
C HIS A 96 1.29 -19.97 12.70
N ALA A 97 1.23 -21.28 12.52
CA ALA A 97 -0.02 -22.01 12.61
C ALA A 97 -0.61 -21.85 14.02
N GLU A 98 0.22 -22.04 15.03
CA GLU A 98 -0.22 -21.91 16.42
C GLU A 98 -0.79 -20.52 16.68
N VAL A 99 -0.16 -19.51 16.09
CA VAL A 99 -0.60 -18.13 16.25
C VAL A 99 -2.02 -17.97 15.73
N LEU A 100 -2.27 -18.51 14.55
CA LEU A 100 -3.57 -18.36 13.91
C LEU A 100 -4.66 -19.11 14.68
N VAL A 101 -4.30 -20.24 15.27
CA VAL A 101 -5.25 -21.01 16.06
C VAL A 101 -5.62 -20.23 17.31
N LYS A 102 -4.64 -19.55 17.90
CA LYS A 102 -4.88 -18.72 19.07
C LYS A 102 -5.76 -17.53 18.72
N SER A 103 -5.34 -16.78 17.70
CA SER A 103 -6.06 -15.56 17.30
C SER A 103 -7.46 -15.88 16.77
N ASN A 104 -7.65 -17.10 16.27
CA ASN A 104 -8.96 -17.54 15.80
C ASN A 104 -9.71 -18.29 16.90
N ASN A 105 -9.14 -18.31 18.11
CA ASN A 105 -9.78 -18.90 19.28
C ASN A 105 -10.28 -20.32 19.03
N LEU A 106 -9.38 -21.18 18.56
CA LEU A 106 -9.70 -22.58 18.31
C LEU A 106 -8.69 -23.49 19.00
N THR A 107 -8.00 -22.94 20.00
CA THR A 107 -6.97 -23.68 20.72
C THR A 107 -7.53 -24.92 21.42
N ASP A 108 -8.86 -24.96 21.57
CA ASP A 108 -9.52 -26.06 22.26
C ASP A 108 -9.87 -27.22 21.32
N ARG A 109 -9.78 -26.97 20.01
CA ARG A 109 -10.16 -27.97 19.01
C ARG A 109 -8.99 -28.34 18.10
N ILE A 110 -8.09 -27.39 17.88
CA ILE A 110 -6.94 -27.62 17.01
C ILE A 110 -5.66 -27.70 17.83
N VAL A 111 -4.93 -28.79 17.65
CA VAL A 111 -3.67 -29.00 18.35
C VAL A 111 -2.54 -29.10 17.33
N VAL A 112 -1.69 -28.08 17.29
CA VAL A 112 -0.56 -28.07 16.37
C VAL A 112 0.57 -28.91 16.94
N ILE A 113 1.00 -29.91 16.18
CA ILE A 113 2.08 -30.80 16.61
C ILE A 113 3.28 -30.58 15.71
N PRO A 114 4.30 -29.85 16.19
CA PRO A 114 5.50 -29.65 15.37
C PRO A 114 6.33 -30.93 15.23
N GLY A 115 6.72 -31.26 14.01
CA GLY A 115 7.50 -32.45 13.75
C GLY A 115 7.08 -33.14 12.47
N LYS A 116 7.81 -34.20 12.12
CA LYS A 116 7.49 -34.98 10.93
C LYS A 116 6.52 -36.09 11.31
N VAL A 117 5.52 -36.31 10.47
CA VAL A 117 4.44 -37.24 10.77
C VAL A 117 4.98 -38.65 10.99
N GLU A 118 6.19 -38.91 10.51
CA GLU A 118 6.82 -40.22 10.71
C GLU A 118 7.44 -40.35 12.10
N GLU A 119 7.47 -39.25 12.84
CA GLU A 119 8.22 -39.20 14.10
C GLU A 119 7.37 -38.82 15.30
N VAL A 120 6.37 -37.97 15.08
CA VAL A 120 5.50 -37.53 16.16
C VAL A 120 4.66 -38.71 16.63
N SER A 121 3.99 -38.52 17.76
CA SER A 121 3.06 -39.51 18.28
C SER A 121 1.72 -38.87 18.59
N LEU A 122 0.63 -39.52 18.16
CA LEU A 122 -0.71 -39.00 18.40
C LEU A 122 -1.37 -39.76 19.54
N PRO A 123 -2.25 -39.08 20.30
CA PRO A 123 -2.88 -39.69 21.48
C PRO A 123 -3.95 -40.73 21.13
N GLU A 124 -4.54 -40.62 19.96
CA GLU A 124 -5.63 -41.51 19.57
C GLU A 124 -5.68 -41.71 18.06
N GLN A 125 -6.49 -42.68 17.64
CA GLN A 125 -6.75 -42.90 16.22
C GLN A 125 -7.71 -41.83 15.72
N VAL A 126 -7.69 -41.58 14.42
CA VAL A 126 -8.52 -40.53 13.83
C VAL A 126 -9.55 -41.12 12.89
N ASP A 127 -10.61 -40.35 12.63
CA ASP A 127 -11.67 -40.80 11.73
C ASP A 127 -11.31 -40.50 10.28
N ILE A 128 -10.42 -39.53 10.07
CA ILE A 128 -10.12 -39.04 8.73
C ILE A 128 -8.79 -38.30 8.69
N ILE A 129 -8.05 -38.49 7.60
CA ILE A 129 -6.80 -37.79 7.37
C ILE A 129 -6.97 -36.81 6.21
N ILE A 130 -6.51 -35.58 6.41
CA ILE A 130 -6.57 -34.57 5.36
C ILE A 130 -5.16 -34.07 5.07
N SER A 131 -4.92 -33.72 3.81
CA SER A 131 -3.60 -33.27 3.38
C SER A 131 -3.67 -32.79 1.93
N GLU A 132 -2.65 -32.05 1.52
CA GLU A 132 -2.50 -31.62 0.14
C GLU A 132 -1.08 -31.93 -0.32
N PRO A 133 -0.79 -33.23 -0.50
CA PRO A 133 0.57 -33.70 -0.78
C PRO A 133 0.95 -33.72 -2.25
N MET A 134 0.02 -33.33 -3.12
CA MET A 134 0.25 -33.40 -4.56
C MET A 134 1.32 -32.42 -5.02
N GLY A 135 2.34 -32.93 -5.70
CA GLY A 135 3.35 -32.08 -6.33
C GLY A 135 3.21 -32.10 -7.84
N TYR A 136 4.26 -31.70 -8.54
CA TYR A 136 4.24 -31.73 -10.01
C TYR A 136 4.02 -33.16 -10.48
N MET A 137 3.19 -33.29 -11.52
CA MET A 137 2.62 -34.56 -11.95
C MET A 137 2.39 -35.49 -10.75
N LEU A 138 1.84 -34.90 -9.68
CA LEU A 138 1.35 -35.62 -8.50
C LEU A 138 2.43 -36.07 -7.52
N PHE A 139 3.42 -36.82 -8.01
CA PHE A 139 4.33 -37.52 -7.12
C PHE A 139 5.54 -36.72 -6.65
N ASN A 140 5.82 -35.59 -7.29
CA ASN A 140 6.98 -34.79 -6.91
C ASN A 140 6.88 -34.40 -5.43
N GLU A 141 8.02 -34.42 -4.76
CA GLU A 141 8.14 -34.13 -3.32
C GLU A 141 7.98 -35.41 -2.49
N ARG A 142 7.44 -36.45 -3.10
CA ARG A 142 7.26 -37.74 -2.42
C ARG A 142 6.50 -37.61 -1.11
N MET A 143 5.70 -36.56 -0.98
CA MET A 143 4.95 -36.34 0.26
C MET A 143 3.78 -37.32 0.36
N LEU A 144 3.40 -37.91 -0.76
CA LEU A 144 2.32 -38.90 -0.75
C LEU A 144 2.66 -40.05 0.19
N GLU A 145 3.95 -40.30 0.39
CA GLU A 145 4.39 -41.40 1.25
C GLU A 145 4.19 -41.05 2.72
N SER A 146 4.33 -39.77 3.06
CA SER A 146 4.03 -39.33 4.42
C SER A 146 2.53 -39.46 4.66
N TYR A 147 1.76 -39.06 3.65
CA TYR A 147 0.31 -39.14 3.69
C TYR A 147 -0.15 -40.58 3.95
N LEU A 148 0.49 -41.53 3.29
CA LEU A 148 0.13 -42.94 3.42
C LEU A 148 0.65 -43.50 4.73
N HIS A 149 1.80 -43.00 5.16
CA HIS A 149 2.40 -43.41 6.42
C HIS A 149 1.48 -43.07 7.60
N ALA A 150 0.81 -41.92 7.49
CA ALA A 150 -0.04 -41.44 8.57
C ALA A 150 -1.22 -42.37 8.83
N LYS A 151 -1.51 -43.24 7.86
CA LYS A 151 -2.64 -44.16 7.98
C LYS A 151 -2.50 -45.07 9.20
N LYS A 152 -1.31 -45.13 9.80
CA LYS A 152 -1.13 -45.90 11.02
C LYS A 152 -1.97 -45.32 12.16
N TYR A 153 -2.39 -44.06 12.01
CA TYR A 153 -3.23 -43.41 13.01
C TYR A 153 -4.71 -43.43 12.62
N LEU A 154 -5.03 -44.06 11.49
CA LEU A 154 -6.39 -44.04 10.98
C LEU A 154 -7.17 -45.27 11.44
N LYS A 155 -8.39 -45.05 11.92
CA LYS A 155 -9.28 -46.15 12.27
C LYS A 155 -9.55 -46.97 11.01
N PRO A 156 -9.82 -48.28 11.17
CA PRO A 156 -10.12 -49.11 10.00
C PRO A 156 -11.33 -48.59 9.22
N SER A 157 -12.18 -47.81 9.89
CA SER A 157 -13.35 -47.21 9.26
C SER A 157 -13.01 -45.90 8.55
N GLY A 158 -11.81 -45.39 8.80
CA GLY A 158 -11.44 -44.04 8.41
C GLY A 158 -11.43 -43.72 6.92
N ASN A 159 -11.59 -42.44 6.62
CA ASN A 159 -11.56 -41.95 5.24
C ASN A 159 -10.33 -41.08 5.04
N MET A 160 -10.09 -40.67 3.80
CA MET A 160 -8.95 -39.80 3.50
C MET A 160 -9.32 -38.79 2.43
N PHE A 161 -8.97 -37.53 2.70
CA PHE A 161 -9.17 -36.45 1.75
C PHE A 161 -7.82 -35.87 1.34
N PRO A 162 -7.41 -36.07 0.08
CA PRO A 162 -8.09 -36.75 -1.02
C PRO A 162 -8.10 -38.27 -0.87
N THR A 163 -9.04 -38.92 -1.55
CA THR A 163 -9.21 -40.36 -1.42
C THR A 163 -8.43 -41.11 -2.50
N ILE A 164 -8.44 -40.57 -3.72
CA ILE A 164 -7.74 -41.19 -4.84
C ILE A 164 -6.96 -40.15 -5.63
N GLY A 165 -5.92 -40.60 -6.31
CA GLY A 165 -5.18 -39.74 -7.22
C GLY A 165 -5.10 -40.35 -8.61
N ASP A 166 -5.41 -39.54 -9.62
CA ASP A 166 -5.33 -39.96 -11.01
C ASP A 166 -4.25 -39.19 -11.75
N VAL A 167 -3.27 -39.90 -12.30
CA VAL A 167 -2.29 -39.29 -13.19
C VAL A 167 -2.66 -39.59 -14.63
N HIS A 168 -2.65 -38.56 -15.47
CA HIS A 168 -2.99 -38.71 -16.88
C HIS A 168 -1.79 -38.50 -17.79
N LEU A 169 -1.64 -39.40 -18.76
CA LEU A 169 -0.59 -39.33 -19.76
C LEU A 169 -1.20 -39.21 -21.15
N ALA A 170 -0.64 -38.35 -21.99
CA ALA A 170 -1.07 -38.26 -23.38
C ALA A 170 0.09 -37.79 -24.26
N PRO A 171 0.20 -38.33 -25.48
CA PRO A 171 1.27 -37.90 -26.39
C PRO A 171 0.98 -36.53 -27.00
N PHE A 172 2.01 -35.72 -27.20
CA PHE A 172 1.80 -34.40 -27.78
C PHE A 172 2.73 -34.14 -28.96
N THR A 173 2.32 -33.22 -29.82
CA THR A 173 3.20 -32.70 -30.85
C THR A 173 3.40 -31.22 -30.58
N ASP A 174 4.66 -30.80 -30.50
CA ASP A 174 5.01 -29.41 -30.30
C ASP A 174 6.39 -29.16 -30.90
N GLU A 175 6.39 -28.80 -32.17
CA GLU A 175 7.61 -28.62 -32.95
C GLU A 175 8.47 -27.50 -32.36
N GLN A 176 7.83 -26.42 -31.91
CA GLN A 176 8.54 -25.27 -31.37
C GLN A 176 9.25 -25.63 -30.07
N LEU A 177 8.58 -26.38 -29.20
CA LEU A 177 9.17 -26.81 -27.95
C LEU A 177 10.39 -27.69 -28.18
N TYR A 178 10.29 -28.60 -29.16
CA TYR A 178 11.38 -29.51 -29.48
C TYR A 178 12.57 -28.74 -30.05
N MET A 179 12.28 -27.86 -31.01
N MET A 179 12.31 -27.85 -31.02
CA MET A 179 13.29 -27.04 -31.67
CA MET A 179 13.39 -27.10 -31.64
C MET A 179 14.08 -26.23 -30.64
C MET A 179 14.11 -26.21 -30.63
N GLU A 180 13.36 -25.69 -29.67
CA GLU A 180 13.92 -24.83 -28.61
C GLU A 180 15.14 -25.45 -27.92
N GLN A 181 15.09 -26.77 -27.70
CA GLN A 181 16.16 -27.44 -26.98
C GLN A 181 17.47 -27.36 -27.74
N PHE A 182 17.39 -27.45 -29.06
CA PHE A 182 18.57 -27.42 -29.91
C PHE A 182 19.04 -25.99 -30.17
N THR A 183 18.10 -25.06 -30.25
CA THR A 183 18.45 -23.66 -30.40
C THR A 183 19.34 -23.24 -29.24
N LYS A 184 18.94 -23.63 -28.03
CA LYS A 184 19.68 -23.30 -26.82
C LYS A 184 21.01 -24.04 -26.73
N ALA A 185 20.97 -25.35 -26.96
CA ALA A 185 22.20 -26.15 -26.89
C ALA A 185 23.20 -25.72 -27.96
N ASN A 186 22.69 -25.24 -29.10
CA ASN A 186 23.57 -24.89 -30.21
C ASN A 186 24.40 -23.63 -29.92
N PHE A 187 24.19 -23.01 -28.76
CA PHE A 187 25.08 -21.96 -28.32
C PHE A 187 26.50 -22.52 -28.28
N TRP A 188 26.61 -23.77 -27.84
CA TRP A 188 27.89 -24.42 -27.68
C TRP A 188 28.50 -24.85 -29.00
N TYR A 189 27.69 -24.90 -30.06
CA TYR A 189 28.20 -25.33 -31.36
C TYR A 189 28.78 -24.15 -32.13
N GLN A 190 29.88 -23.60 -31.63
CA GLN A 190 30.61 -22.57 -32.35
C GLN A 190 32.11 -22.74 -32.10
N PRO A 191 32.94 -22.48 -33.13
CA PRO A 191 34.37 -22.82 -33.05
C PRO A 191 35.25 -21.78 -32.39
N SER A 192 34.75 -20.57 -32.16
CA SER A 192 35.56 -19.54 -31.53
C SER A 192 34.75 -18.54 -30.72
N PHE A 193 34.27 -19.00 -29.58
CA PHE A 193 33.70 -18.13 -28.58
C PHE A 193 34.86 -17.46 -27.82
N HIS A 194 35.21 -16.25 -28.23
CA HIS A 194 36.35 -15.55 -27.66
C HIS A 194 37.61 -16.42 -27.77
N GLY A 195 37.78 -17.08 -28.90
CA GLY A 195 38.95 -17.90 -29.14
C GLY A 195 38.83 -19.35 -28.68
N VAL A 196 37.70 -19.70 -28.08
CA VAL A 196 37.51 -21.04 -27.53
C VAL A 196 36.50 -21.84 -28.34
N ASP A 197 36.90 -23.04 -28.77
CA ASP A 197 36.00 -23.93 -29.50
C ASP A 197 35.14 -24.68 -28.49
N LEU A 198 33.85 -24.37 -28.47
CA LEU A 198 32.94 -24.94 -27.49
C LEU A 198 32.25 -26.21 -27.97
N SER A 199 32.33 -26.47 -29.27
CA SER A 199 31.46 -27.44 -29.93
C SER A 199 31.46 -28.81 -29.24
N ALA A 200 32.53 -29.16 -28.55
CA ALA A 200 32.66 -30.47 -27.93
C ALA A 200 31.68 -30.72 -26.79
N LEU A 201 31.02 -29.66 -26.29
CA LEU A 201 30.09 -29.81 -25.18
C LEU A 201 28.64 -29.75 -25.62
N ARG A 202 28.42 -29.59 -26.93
CA ARG A 202 27.09 -29.44 -27.48
C ARG A 202 26.22 -30.64 -27.13
N GLY A 203 26.76 -31.84 -27.35
CA GLY A 203 26.06 -33.07 -27.00
C GLY A 203 25.64 -33.11 -25.54
N ALA A 204 26.52 -32.67 -24.65
CA ALA A 204 26.23 -32.69 -23.23
C ALA A 204 25.15 -31.67 -22.88
N ALA A 205 25.11 -30.57 -23.63
CA ALA A 205 24.12 -29.52 -23.40
C ALA A 205 22.74 -29.98 -23.84
N VAL A 206 22.66 -30.63 -25.00
CA VAL A 206 21.41 -31.21 -25.49
C VAL A 206 20.82 -32.14 -24.44
N ASP A 207 21.61 -33.10 -24.00
CA ASP A 207 21.16 -34.10 -23.03
C ASP A 207 20.63 -33.43 -21.77
N GLU A 208 21.35 -32.43 -21.28
CA GLU A 208 20.96 -31.73 -20.08
C GLU A 208 19.57 -31.12 -20.24
N TYR A 209 19.32 -30.47 -21.38
CA TYR A 209 18.04 -29.81 -21.61
C TYR A 209 16.90 -30.83 -21.73
N PHE A 210 17.19 -31.99 -22.29
CA PHE A 210 16.14 -33.00 -22.49
C PHE A 210 15.84 -33.75 -21.21
N ARG A 211 16.74 -33.66 -20.22
CA ARG A 211 16.51 -34.31 -18.93
C ARG A 211 15.56 -33.50 -18.04
N GLN A 212 15.18 -32.31 -18.49
CA GLN A 212 14.30 -31.46 -17.69
C GLN A 212 12.85 -31.57 -18.10
N PRO A 213 11.98 -32.06 -17.20
CA PRO A 213 10.56 -31.95 -17.54
C PRO A 213 10.15 -30.49 -17.68
N VAL A 214 9.28 -30.19 -18.65
CA VAL A 214 8.86 -28.83 -18.91
C VAL A 214 7.55 -28.53 -18.20
N VAL A 215 7.58 -27.55 -17.29
CA VAL A 215 6.38 -27.13 -16.57
C VAL A 215 5.80 -25.88 -17.22
N ASP A 216 4.63 -26.03 -17.82
CA ASP A 216 3.85 -24.89 -18.30
C ASP A 216 2.51 -25.43 -18.79
N THR A 217 1.71 -24.60 -19.44
CA THR A 217 0.45 -25.05 -19.97
C THR A 217 0.48 -24.99 -21.49
N PHE A 218 -0.57 -25.47 -22.13
CA PHE A 218 -0.59 -25.61 -23.57
C PHE A 218 -2.01 -25.78 -24.10
N ASP A 219 -2.19 -25.53 -25.40
CA ASP A 219 -3.46 -25.74 -26.06
C ASP A 219 -3.72 -27.25 -26.19
N ILE A 220 -4.91 -27.68 -25.78
CA ILE A 220 -5.25 -29.11 -25.78
C ILE A 220 -5.20 -29.73 -27.19
N ARG A 221 -5.10 -28.90 -28.22
CA ARG A 221 -5.07 -29.39 -29.59
C ARG A 221 -3.74 -30.03 -29.97
N ILE A 222 -2.73 -29.92 -29.11
CA ILE A 222 -1.44 -30.53 -29.40
C ILE A 222 -1.45 -32.00 -29.00
N LEU A 223 -2.46 -32.41 -28.24
CA LEU A 223 -2.57 -33.80 -27.80
C LEU A 223 -3.08 -34.67 -28.94
N MET A 224 -2.39 -35.79 -29.18
CA MET A 224 -2.63 -36.59 -30.38
C MET A 224 -3.37 -37.89 -30.11
N ALA A 225 -3.69 -38.16 -28.84
CA ALA A 225 -4.47 -39.33 -28.48
C ALA A 225 -5.17 -39.09 -27.15
N LYS A 226 -6.24 -39.85 -26.91
CA LYS A 226 -6.92 -39.82 -25.62
C LYS A 226 -5.91 -40.23 -24.56
N SER A 227 -6.07 -39.69 -23.36
CA SER A 227 -5.09 -39.91 -22.30
C SER A 227 -5.25 -41.27 -21.64
N VAL A 228 -4.15 -41.79 -21.12
CA VAL A 228 -4.16 -42.98 -20.29
C VAL A 228 -4.17 -42.52 -18.84
N LYS A 229 -4.79 -43.31 -17.98
CA LYS A 229 -4.97 -42.93 -16.57
C LYS A 229 -4.36 -43.96 -15.64
N TYR A 230 -3.65 -43.49 -14.63
CA TYR A 230 -3.10 -44.35 -13.59
C TYR A 230 -3.59 -43.87 -12.25
N THR A 231 -4.28 -44.74 -11.52
CA THR A 231 -4.93 -44.34 -10.27
C THR A 231 -4.19 -44.85 -9.04
N VAL A 232 -4.11 -43.97 -8.04
CA VAL A 232 -3.63 -44.36 -6.73
C VAL A 232 -4.80 -44.22 -5.76
N ASN A 233 -5.17 -45.32 -5.11
CA ASN A 233 -6.20 -45.29 -4.08
C ASN A 233 -5.51 -45.14 -2.72
N PHE A 234 -5.65 -43.96 -2.12
CA PHE A 234 -4.93 -43.65 -0.90
C PHE A 234 -5.43 -44.44 0.31
N LEU A 235 -6.60 -45.06 0.17
CA LEU A 235 -7.14 -45.88 1.25
C LEU A 235 -6.55 -47.28 1.22
N GLU A 236 -6.06 -47.71 0.07
CA GLU A 236 -5.57 -49.08 -0.11
C GLU A 236 -4.06 -49.15 -0.28
N ALA A 237 -3.45 -48.06 -0.75
CA ALA A 237 -2.04 -48.06 -1.10
C ALA A 237 -1.12 -48.04 0.12
N LYS A 238 0.10 -48.57 -0.06
CA LYS A 238 1.13 -48.54 0.97
C LYS A 238 2.25 -47.60 0.54
N GLU A 239 3.05 -47.14 1.51
CA GLU A 239 4.20 -46.28 1.22
C GLU A 239 5.06 -46.86 0.10
N GLY A 240 5.43 -48.12 0.26
CA GLY A 240 6.34 -48.78 -0.68
C GLY A 240 5.81 -48.88 -2.10
N ASP A 241 4.50 -48.72 -2.25
CA ASP A 241 3.89 -48.78 -3.58
C ASP A 241 4.33 -47.61 -4.46
N LEU A 242 4.87 -46.57 -3.85
CA LEU A 242 5.23 -45.36 -4.59
C LEU A 242 6.73 -45.26 -4.88
N HIS A 243 7.51 -46.18 -4.32
CA HIS A 243 8.95 -46.20 -4.58
C HIS A 243 9.23 -46.50 -6.04
N ARG A 244 8.31 -47.21 -6.68
CA ARG A 244 8.46 -47.64 -8.06
C ARG A 244 7.10 -47.70 -8.72
N ILE A 245 6.83 -46.72 -9.58
CA ILE A 245 5.52 -46.60 -10.21
C ILE A 245 5.65 -46.88 -11.69
N GLU A 246 5.10 -48.01 -12.12
CA GLU A 246 5.16 -48.41 -13.52
C GLU A 246 3.85 -48.07 -14.21
N ILE A 247 3.91 -47.25 -15.25
CA ILE A 247 2.72 -46.85 -15.98
C ILE A 247 2.83 -47.32 -17.43
N PRO A 248 2.32 -48.52 -17.71
CA PRO A 248 2.24 -48.92 -19.12
C PRO A 248 1.29 -47.98 -19.86
N PHE A 249 1.49 -47.79 -21.15
CA PHE A 249 0.55 -47.02 -21.93
C PHE A 249 0.42 -47.58 -23.33
N LYS A 250 -0.75 -47.36 -23.90
CA LYS A 250 -1.03 -47.76 -25.28
C LYS A 250 -1.93 -46.70 -25.87
N PHE A 251 -1.38 -45.87 -26.74
CA PHE A 251 -2.12 -44.76 -27.31
C PHE A 251 -2.53 -45.07 -28.73
N HIS A 252 -3.83 -44.88 -29.01
CA HIS A 252 -4.34 -45.02 -30.37
C HIS A 252 -4.45 -43.63 -30.98
N MET A 253 -3.58 -43.36 -31.95
CA MET A 253 -3.37 -42.00 -32.44
C MET A 253 -4.58 -41.45 -33.19
N LEU A 254 -5.04 -40.29 -32.76
CA LEU A 254 -6.17 -39.61 -33.39
C LEU A 254 -5.76 -38.96 -34.70
N HIS A 255 -4.58 -38.35 -34.70
CA HIS A 255 -4.08 -37.64 -35.88
C HIS A 255 -2.73 -38.19 -36.30
N SER A 256 -2.43 -38.04 -37.59
CA SER A 256 -1.12 -38.40 -38.12
C SER A 256 -0.14 -37.26 -37.90
N GLY A 257 1.07 -37.58 -37.45
CA GLY A 257 2.08 -36.58 -37.23
C GLY A 257 3.27 -37.06 -36.40
N LEU A 258 4.10 -36.12 -35.98
CA LEU A 258 5.23 -36.42 -35.11
C LEU A 258 4.84 -36.26 -33.65
N VAL A 259 5.25 -37.23 -32.83
CA VAL A 259 5.02 -37.17 -31.40
C VAL A 259 6.33 -36.78 -30.73
N HIS A 260 6.31 -35.65 -30.02
CA HIS A 260 7.52 -35.10 -29.43
C HIS A 260 7.68 -35.47 -27.95
N GLY A 261 6.65 -36.07 -27.37
CA GLY A 261 6.73 -36.52 -25.99
C GLY A 261 5.40 -36.80 -25.33
N LEU A 262 5.41 -36.91 -24.01
CA LEU A 262 4.22 -37.19 -23.23
C LEU A 262 3.89 -36.04 -22.30
N ALA A 263 2.63 -35.63 -22.29
CA ALA A 263 2.15 -34.61 -21.36
C ALA A 263 1.51 -35.27 -20.15
N PHE A 264 1.66 -34.64 -18.98
CA PHE A 264 1.13 -35.19 -17.73
C PHE A 264 0.26 -34.17 -17.01
N TRP A 265 -0.76 -34.67 -16.31
CA TRP A 265 -1.52 -33.86 -15.37
C TRP A 265 -2.18 -34.83 -14.39
N PHE A 266 -2.89 -34.32 -13.39
CA PHE A 266 -3.51 -35.20 -12.43
C PHE A 266 -4.82 -34.66 -11.85
N ASP A 267 -5.63 -35.59 -11.37
CA ASP A 267 -6.85 -35.27 -10.64
C ASP A 267 -6.80 -35.94 -9.28
N VAL A 268 -7.50 -35.37 -8.30
CA VAL A 268 -7.74 -36.04 -7.03
C VAL A 268 -9.24 -35.93 -6.74
N ALA A 269 -9.80 -36.98 -6.16
CA ALA A 269 -11.22 -36.98 -5.79
C ALA A 269 -11.38 -37.09 -4.29
N PHE A 270 -12.25 -36.27 -3.73
CA PHE A 270 -12.61 -36.36 -2.32
C PHE A 270 -13.93 -37.11 -2.22
N ILE A 271 -13.85 -38.40 -1.91
CA ILE A 271 -15.02 -39.26 -1.90
C ILE A 271 -15.66 -39.27 -0.52
N GLY A 272 -16.55 -38.33 -0.27
CA GLY A 272 -17.22 -38.23 1.02
C GLY A 272 -18.52 -39.00 1.07
N SER A 273 -19.20 -38.94 2.23
CA SER A 273 -20.45 -39.65 2.41
C SER A 273 -21.57 -38.99 1.62
N ILE A 274 -21.49 -37.67 1.50
CA ILE A 274 -22.55 -36.90 0.84
C ILE A 274 -22.32 -36.80 -0.66
N MET A 275 -21.08 -36.54 -1.07
CA MET A 275 -20.78 -36.43 -2.49
C MET A 275 -19.28 -36.49 -2.77
N THR A 276 -18.94 -36.77 -4.02
CA THR A 276 -17.55 -36.78 -4.46
C THR A 276 -17.19 -35.44 -5.08
N VAL A 277 -16.06 -34.90 -4.68
CA VAL A 277 -15.59 -33.60 -5.19
C VAL A 277 -14.27 -33.81 -5.91
N TRP A 278 -14.17 -33.24 -7.11
CA TRP A 278 -12.97 -33.37 -7.93
C TRP A 278 -12.14 -32.10 -7.95
N LEU A 279 -10.82 -32.30 -7.85
CA LEU A 279 -9.85 -31.23 -8.07
C LEU A 279 -8.99 -31.64 -9.26
N SER A 280 -9.12 -30.92 -10.36
CA SER A 280 -8.45 -31.30 -11.60
C SER A 280 -7.46 -30.24 -12.08
N THR A 281 -6.29 -30.69 -12.51
CA THR A 281 -5.27 -29.80 -13.06
C THR A 281 -5.08 -30.08 -14.54
N ALA A 282 -6.11 -30.61 -15.18
CA ALA A 282 -6.07 -30.93 -16.61
C ALA A 282 -6.02 -29.65 -17.45
N PRO A 283 -5.49 -29.75 -18.68
CA PRO A 283 -5.41 -28.58 -19.56
C PRO A 283 -6.77 -28.11 -20.07
N THR A 284 -7.80 -28.93 -19.86
CA THR A 284 -9.17 -28.55 -20.19
C THR A 284 -9.77 -27.71 -19.08
N GLU A 285 -9.16 -27.76 -17.89
CA GLU A 285 -9.67 -27.06 -16.72
C GLU A 285 -8.89 -25.76 -16.49
N PRO A 286 -9.46 -24.85 -15.68
CA PRO A 286 -8.73 -23.62 -15.33
C PRO A 286 -7.33 -23.91 -14.81
N LEU A 287 -6.38 -23.05 -15.14
CA LEU A 287 -4.99 -23.28 -14.78
C LEU A 287 -4.80 -23.22 -13.26
N THR A 288 -3.91 -24.06 -12.76
CA THR A 288 -3.55 -24.07 -11.35
C THR A 288 -2.05 -23.91 -11.21
N HIS A 289 -1.56 -23.81 -9.98
CA HIS A 289 -0.14 -23.61 -9.74
C HIS A 289 0.66 -24.88 -10.06
N TRP A 290 -0.06 -25.98 -10.33
CA TRP A 290 0.59 -27.22 -10.75
C TRP A 290 0.86 -27.21 -12.25
N TYR A 291 0.13 -26.36 -12.98
CA TYR A 291 0.24 -26.31 -14.43
C TYR A 291 0.11 -27.72 -15.01
N GLN A 292 0.85 -28.01 -16.07
CA GLN A 292 1.00 -29.36 -16.58
C GLN A 292 2.48 -29.64 -16.80
N VAL A 293 2.83 -30.91 -17.00
CA VAL A 293 4.22 -31.30 -17.18
C VAL A 293 4.40 -32.05 -18.49
N ARG A 294 5.42 -31.66 -19.26
CA ARG A 294 5.72 -32.34 -20.51
C ARG A 294 7.14 -32.90 -20.50
N CYS A 295 7.26 -34.15 -20.92
CA CYS A 295 8.56 -34.83 -21.03
C CYS A 295 8.82 -35.17 -22.49
N LEU A 296 9.84 -34.56 -23.07
CA LEU A 296 10.16 -34.76 -24.47
C LEU A 296 10.78 -36.14 -24.73
N PHE A 297 10.60 -36.64 -25.93
CA PHE A 297 11.37 -37.78 -26.41
C PHE A 297 12.65 -37.25 -27.03
N GLN A 298 13.74 -37.99 -26.88
CA GLN A 298 15.01 -37.55 -27.45
C GLN A 298 14.89 -37.46 -28.96
N SER A 299 14.15 -38.40 -29.54
CA SER A 299 13.87 -38.39 -30.98
C SER A 299 12.37 -38.50 -31.22
N PRO A 300 11.81 -37.60 -32.03
CA PRO A 300 10.36 -37.71 -32.27
C PRO A 300 9.98 -39.01 -32.97
N LEU A 301 8.78 -39.48 -32.70
CA LEU A 301 8.27 -40.69 -33.34
C LEU A 301 7.16 -40.32 -34.31
N PHE A 302 7.29 -40.76 -35.56
CA PHE A 302 6.24 -40.55 -36.53
C PHE A 302 5.20 -41.65 -36.40
N ALA A 303 3.93 -41.25 -36.41
CA ALA A 303 2.83 -42.21 -36.41
C ALA A 303 1.65 -41.65 -37.19
N LYS A 304 1.09 -42.47 -38.06
CA LYS A 304 -0.12 -42.08 -38.78
C LYS A 304 -1.33 -42.43 -37.93
N ALA A 305 -2.43 -41.71 -38.15
CA ALA A 305 -3.65 -41.92 -37.38
C ALA A 305 -4.03 -43.39 -37.41
N GLY A 306 -4.43 -43.92 -36.26
CA GLY A 306 -4.80 -45.32 -36.15
C GLY A 306 -3.66 -46.19 -35.64
N ASP A 307 -2.42 -45.75 -35.87
CA ASP A 307 -1.26 -46.47 -35.35
C ASP A 307 -1.32 -46.52 -33.83
N THR A 308 -0.45 -47.35 -33.26
CA THR A 308 -0.40 -47.54 -31.82
C THR A 308 0.96 -47.15 -31.25
N LEU A 309 0.95 -46.28 -30.25
CA LEU A 309 2.16 -45.87 -29.57
C LEU A 309 2.17 -46.49 -28.18
N SER A 310 3.01 -47.50 -27.98
CA SER A 310 3.02 -48.25 -26.73
C SER A 310 4.36 -48.11 -26.05
N GLY A 311 4.34 -48.24 -24.73
CA GLY A 311 5.56 -48.12 -23.96
C GLY A 311 5.31 -48.12 -22.47
N THR A 312 6.31 -47.65 -21.73
CA THR A 312 6.24 -47.64 -20.28
C THR A 312 6.79 -46.35 -19.74
N CYS A 313 6.06 -45.77 -18.79
CA CYS A 313 6.57 -44.66 -18.00
C CYS A 313 6.90 -45.20 -16.63
N LEU A 314 8.20 -45.18 -16.29
CA LEU A 314 8.66 -45.75 -15.03
C LEU A 314 9.19 -44.64 -14.12
N LEU A 315 8.50 -44.45 -13.00
CA LEU A 315 8.91 -43.46 -12.00
C LEU A 315 9.65 -44.15 -10.86
N ILE A 316 10.92 -43.80 -10.69
CA ILE A 316 11.74 -44.40 -9.63
C ILE A 316 12.07 -43.32 -8.61
N ALA A 317 11.66 -43.57 -7.37
CA ALA A 317 11.89 -42.63 -6.28
C ALA A 317 13.37 -42.53 -5.95
N ASN A 318 13.82 -41.31 -5.64
CA ASN A 318 15.20 -41.08 -5.23
C ASN A 318 15.27 -40.37 -3.88
N LYS A 319 16.46 -40.34 -3.32
CA LYS A 319 16.69 -39.75 -1.99
C LYS A 319 16.52 -38.24 -1.98
N ARG A 320 16.37 -37.64 -3.15
CA ARG A 320 16.21 -36.19 -3.26
C ARG A 320 14.73 -35.80 -3.29
N GLN A 321 13.90 -36.61 -2.65
CA GLN A 321 12.48 -36.33 -2.51
C GLN A 321 11.79 -36.15 -3.85
N SER A 322 12.22 -36.91 -4.85
CA SER A 322 11.60 -36.84 -6.16
C SER A 322 11.74 -38.16 -6.90
N TYR A 323 11.60 -38.11 -8.23
CA TYR A 323 11.60 -39.31 -9.05
C TYR A 323 12.50 -39.19 -10.27
N ASP A 324 13.18 -40.27 -10.60
CA ASP A 324 13.81 -40.40 -11.91
C ASP A 324 12.77 -40.93 -12.89
N ILE A 325 12.59 -40.23 -14.01
CA ILE A 325 11.56 -40.61 -14.96
C ILE A 325 12.20 -41.33 -16.14
N SER A 326 11.75 -42.54 -16.41
CA SER A 326 12.21 -43.30 -17.56
C SER A 326 11.05 -43.58 -18.48
N ILE A 327 11.14 -43.09 -19.71
CA ILE A 327 10.10 -43.30 -20.70
C ILE A 327 10.66 -44.01 -21.90
N VAL A 328 10.00 -45.10 -22.30
CA VAL A 328 10.33 -45.80 -23.52
C VAL A 328 9.04 -45.92 -24.32
N ALA A 329 9.12 -45.64 -25.62
CA ALA A 329 7.94 -45.68 -26.46
C ALA A 329 8.30 -46.19 -27.84
N GLN A 330 7.33 -46.81 -28.51
CA GLN A 330 7.53 -47.26 -29.87
C GLN A 330 6.22 -47.18 -30.65
N VAL A 331 6.36 -47.05 -31.97
CA VAL A 331 5.23 -47.19 -32.87
C VAL A 331 5.16 -48.65 -33.29
N ASP A 332 4.16 -49.37 -32.80
CA ASP A 332 4.04 -50.80 -33.04
C ASP A 332 4.12 -51.18 -34.51
N GLN A 333 3.49 -50.38 -35.37
CA GLN A 333 3.40 -50.72 -36.80
C GLN A 333 4.72 -50.53 -37.54
N THR A 334 5.63 -49.73 -36.99
CA THR A 334 6.89 -49.42 -37.68
C THR A 334 8.10 -49.89 -36.89
N GLY A 335 7.92 -50.10 -35.60
CA GLY A 335 9.04 -50.47 -34.74
C GLY A 335 9.90 -49.28 -34.36
N SER A 336 9.56 -48.11 -34.89
CA SER A 336 10.26 -46.88 -34.56
C SER A 336 10.21 -46.67 -33.05
N LYS A 337 11.38 -46.46 -32.45
CA LYS A 337 11.52 -46.47 -31.00
C LYS A 337 12.20 -45.22 -30.48
N SER A 338 11.91 -44.87 -29.23
CA SER A 338 12.53 -43.73 -28.59
C SER A 338 12.44 -43.83 -27.07
N SER A 339 13.27 -43.05 -26.38
CA SER A 339 13.31 -43.08 -24.93
C SER A 339 13.77 -41.75 -24.38
N ASN A 340 13.73 -41.62 -23.06
CA ASN A 340 14.34 -40.48 -22.39
C ASN A 340 14.41 -40.75 -20.90
N LEU A 341 15.32 -40.06 -20.24
CA LEU A 341 15.47 -40.15 -18.80
C LEU A 341 15.44 -38.74 -18.26
N LEU A 342 14.47 -38.44 -17.40
CA LEU A 342 14.31 -37.08 -16.91
C LEU A 342 14.44 -37.02 -15.39
N ASP A 343 14.84 -35.85 -14.90
CA ASP A 343 14.97 -35.61 -13.49
C ASP A 343 13.86 -34.65 -13.06
N LEU A 344 12.88 -35.18 -12.34
CA LEU A 344 11.69 -34.41 -11.98
C LEU A 344 11.99 -33.40 -10.87
N LYS A 345 13.16 -33.50 -10.26
CA LYS A 345 13.55 -32.57 -9.21
C LYS A 345 13.95 -31.21 -9.78
N ASN A 346 14.49 -31.20 -10.99
CA ASN A 346 14.94 -29.97 -11.63
C ASN A 346 14.17 -29.71 -12.93
N PRO A 347 12.89 -29.35 -12.82
CA PRO A 347 12.13 -29.07 -14.04
C PRO A 347 12.45 -27.70 -14.62
N PHE A 348 12.12 -27.50 -15.89
CA PHE A 348 12.27 -26.20 -16.53
C PHE A 348 10.93 -25.50 -16.51
N PHE A 349 10.87 -24.36 -15.84
N PHE A 349 10.87 -24.35 -15.85
CA PHE A 349 9.65 -23.56 -15.77
CA PHE A 349 9.66 -23.56 -15.77
C PHE A 349 9.59 -22.63 -16.97
C PHE A 349 9.58 -22.63 -16.97
N ARG A 350 8.71 -22.97 -17.91
CA ARG A 350 8.64 -22.29 -19.20
C ARG A 350 7.46 -21.34 -19.32
N TYR A 351 6.53 -21.41 -18.36
N TYR A 351 6.52 -21.43 -18.37
CA TYR A 351 5.31 -20.60 -18.41
CA TYR A 351 5.32 -20.59 -18.42
C TYR A 351 5.64 -19.11 -18.50
C TYR A 351 5.66 -19.11 -18.52
N THR A 352 4.85 -18.39 -19.28
CA THR A 352 5.05 -16.96 -19.49
C THR A 352 5.06 -16.20 -18.16
N SER B 10 38.06 -29.17 6.36
CA SER B 10 38.73 -28.06 5.71
C SER B 10 38.15 -26.73 6.17
N VAL B 11 38.76 -25.65 5.72
CA VAL B 11 38.27 -24.30 6.04
C VAL B 11 36.85 -24.13 5.49
N PHE B 12 36.60 -24.71 4.32
CA PHE B 12 35.31 -24.56 3.65
C PHE B 12 34.18 -25.25 4.41
N SER B 13 34.42 -26.47 4.84
CA SER B 13 33.39 -27.29 5.46
C SER B 13 32.99 -26.78 6.84
N GLU B 14 33.89 -26.04 7.49
CA GLU B 14 33.61 -25.50 8.81
C GLU B 14 32.66 -24.31 8.73
N ARG B 15 32.83 -23.47 7.71
CA ARG B 15 32.03 -22.26 7.59
C ARG B 15 30.74 -22.51 6.80
N THR B 16 30.56 -23.72 6.28
CA THR B 16 29.44 -24.01 5.39
C THR B 16 28.59 -25.19 5.84
N GLU B 17 27.31 -24.95 6.04
CA GLU B 17 26.33 -26.01 6.22
C GLU B 17 26.32 -26.90 4.99
N GLU B 18 26.53 -28.21 5.18
CA GLU B 18 26.61 -29.16 4.07
C GLU B 18 25.43 -29.03 3.13
N SER B 19 24.24 -28.80 3.68
CA SER B 19 23.03 -28.66 2.87
C SER B 19 23.20 -27.56 1.83
N SER B 20 23.79 -26.45 2.25
CA SER B 20 24.00 -25.30 1.37
C SER B 20 25.04 -25.64 0.31
N ALA B 21 26.07 -26.39 0.70
CA ALA B 21 27.17 -26.71 -0.20
C ALA B 21 26.71 -27.65 -1.32
N VAL B 22 25.93 -28.67 -0.96
CA VAL B 22 25.42 -29.63 -1.94
C VAL B 22 24.63 -28.89 -3.02
N GLN B 23 23.64 -28.11 -2.60
CA GLN B 23 22.83 -27.33 -3.51
C GLN B 23 23.70 -26.41 -4.36
N TYR B 24 24.66 -25.77 -3.70
CA TYR B 24 25.53 -24.79 -4.35
C TYR B 24 26.27 -25.38 -5.55
N PHE B 25 26.93 -26.51 -5.33
CA PHE B 25 27.77 -27.10 -6.37
C PHE B 25 26.95 -27.92 -7.38
N GLN B 26 25.72 -28.24 -7.04
CA GLN B 26 24.81 -28.86 -7.99
C GLN B 26 24.33 -27.80 -8.98
N PHE B 27 24.06 -26.60 -8.48
CA PHE B 27 23.64 -25.48 -9.31
C PHE B 27 24.66 -25.20 -10.41
N TYR B 28 25.93 -25.19 -10.03
CA TYR B 28 26.99 -24.84 -10.96
C TYR B 28 27.43 -26.03 -11.81
N GLY B 29 26.79 -27.17 -11.62
CA GLY B 29 27.08 -28.34 -12.43
C GLY B 29 26.38 -28.33 -13.77
N TYR B 30 25.46 -27.38 -13.95
CA TYR B 30 24.64 -27.32 -15.15
C TYR B 30 25.25 -26.43 -16.23
N LEU B 31 25.29 -26.95 -17.45
CA LEU B 31 25.84 -26.21 -18.57
C LEU B 31 25.03 -24.95 -18.88
N SER B 32 23.72 -25.03 -18.66
CA SER B 32 22.83 -23.91 -18.92
C SER B 32 23.23 -22.70 -18.09
N GLN B 33 23.68 -22.94 -16.87
CA GLN B 33 24.15 -21.87 -16.00
C GLN B 33 25.43 -21.25 -16.56
N GLN B 34 26.31 -22.09 -17.10
CA GLN B 34 27.55 -21.60 -17.68
C GLN B 34 27.24 -20.73 -18.90
N GLN B 35 26.32 -21.20 -19.73
CA GLN B 35 25.91 -20.46 -20.92
C GLN B 35 25.39 -19.08 -20.54
N ASN B 36 24.59 -19.03 -19.48
CA ASN B 36 24.01 -17.77 -19.02
C ASN B 36 25.09 -16.77 -18.62
N MET B 37 26.10 -17.25 -17.89
CA MET B 37 27.19 -16.39 -17.45
C MET B 37 28.06 -15.96 -18.62
N MET B 38 28.25 -16.87 -19.57
CA MET B 38 29.12 -16.60 -20.71
C MET B 38 28.46 -15.61 -21.67
N GLN B 39 27.13 -15.60 -21.70
CA GLN B 39 26.40 -14.70 -22.57
C GLN B 39 26.30 -13.28 -22.01
N ASP B 40 26.83 -13.07 -20.81
CA ASP B 40 27.03 -11.71 -20.30
C ASP B 40 28.31 -11.19 -20.94
N TYR B 41 28.17 -10.49 -22.05
N TYR B 41 28.18 -10.46 -22.03
CA TYR B 41 29.33 -10.09 -22.84
CA TYR B 41 29.32 -10.09 -22.85
C TYR B 41 30.13 -8.97 -22.17
C TYR B 41 30.10 -8.91 -22.25
N VAL B 42 29.49 -8.23 -21.28
CA VAL B 42 30.21 -7.23 -20.50
C VAL B 42 31.20 -7.95 -19.60
N ARG B 43 30.72 -9.02 -18.96
CA ARG B 43 31.56 -9.82 -18.08
C ARG B 43 32.68 -10.50 -18.86
N THR B 44 32.31 -11.25 -19.89
CA THR B 44 33.25 -12.08 -20.61
C THR B 44 34.24 -11.23 -21.40
N GLY B 45 33.73 -10.21 -22.08
CA GLY B 45 34.56 -9.32 -22.86
C GLY B 45 35.55 -8.54 -22.00
N THR B 46 35.11 -8.13 -20.81
CA THR B 46 35.95 -7.32 -19.92
C THR B 46 37.04 -8.19 -19.29
N TYR B 47 36.67 -9.40 -18.90
CA TYR B 47 37.65 -10.33 -18.35
C TYR B 47 38.72 -10.63 -19.39
N GLN B 48 38.32 -10.88 -20.62
CA GLN B 48 39.28 -11.17 -21.67
C GLN B 48 40.19 -9.95 -21.91
N ARG B 49 39.58 -8.77 -21.93
CA ARG B 49 40.34 -7.52 -22.12
C ARG B 49 41.38 -7.35 -21.00
N ALA B 50 40.95 -7.56 -19.77
CA ALA B 50 41.82 -7.39 -18.60
C ALA B 50 43.04 -8.30 -18.66
N ILE B 51 42.83 -9.53 -19.14
CA ILE B 51 43.89 -10.52 -19.16
C ILE B 51 44.82 -10.31 -20.34
N LEU B 52 44.24 -10.11 -21.52
CA LEU B 52 45.03 -9.99 -22.74
C LEU B 52 45.81 -8.69 -22.84
N GLN B 53 45.22 -7.59 -22.38
CA GLN B 53 45.92 -6.31 -22.42
C GLN B 53 46.97 -6.23 -21.30
N ASN B 54 46.90 -7.17 -20.37
CA ASN B 54 47.94 -7.33 -19.36
C ASN B 54 48.64 -8.68 -19.53
N HIS B 55 48.97 -9.01 -20.77
CA HIS B 55 49.51 -10.34 -21.07
C HIS B 55 50.91 -10.54 -20.50
N THR B 56 51.62 -9.46 -20.20
CA THR B 56 52.95 -9.59 -19.62
C THR B 56 52.84 -10.20 -18.23
N ASP B 57 51.71 -9.98 -17.57
CA ASP B 57 51.46 -10.54 -16.25
C ASP B 57 51.21 -12.04 -16.32
N PHE B 58 50.99 -12.57 -17.53
CA PHE B 58 50.66 -13.99 -17.69
C PHE B 58 51.71 -14.75 -18.49
N LYS B 59 52.40 -14.08 -19.41
CA LYS B 59 53.31 -14.78 -20.33
C LYS B 59 54.38 -15.56 -19.57
N ASP B 60 54.45 -16.86 -19.86
CA ASP B 60 55.41 -17.77 -19.23
C ASP B 60 55.25 -17.86 -17.72
N LYS B 61 54.09 -17.44 -17.22
CA LYS B 61 53.82 -17.47 -15.77
C LYS B 61 53.02 -18.69 -15.35
N ILE B 62 52.99 -18.93 -14.04
CA ILE B 62 52.18 -19.98 -13.46
C ILE B 62 50.89 -19.35 -12.94
N VAL B 63 49.75 -19.93 -13.34
CA VAL B 63 48.45 -19.35 -13.04
C VAL B 63 47.58 -20.32 -12.26
N LEU B 64 46.77 -19.77 -11.35
CA LEU B 64 45.77 -20.54 -10.63
C LEU B 64 44.39 -19.96 -10.89
N ASP B 65 43.48 -20.81 -11.38
CA ASP B 65 42.11 -20.40 -11.67
C ASP B 65 41.18 -21.02 -10.64
N VAL B 66 40.70 -20.20 -9.71
CA VAL B 66 39.85 -20.66 -8.62
C VAL B 66 38.39 -20.68 -9.07
N GLY B 67 37.80 -21.87 -9.12
CA GLY B 67 36.42 -22.02 -9.56
C GLY B 67 36.29 -21.78 -11.05
N CYS B 68 37.07 -22.52 -11.82
CA CYS B 68 37.21 -22.26 -13.25
C CYS B 68 35.93 -22.51 -14.04
N GLY B 69 34.99 -23.26 -13.46
CA GLY B 69 33.77 -23.60 -14.17
C GLY B 69 34.08 -24.32 -15.46
N SER B 70 33.55 -23.79 -16.57
CA SER B 70 33.83 -24.36 -17.89
C SER B 70 35.28 -24.11 -18.29
N GLY B 71 35.93 -23.18 -17.59
CA GLY B 71 37.36 -22.95 -17.75
C GLY B 71 37.71 -21.75 -18.61
N ILE B 72 36.73 -20.90 -18.87
CA ILE B 72 36.88 -19.81 -19.82
C ILE B 72 38.12 -18.95 -19.50
N LEU B 73 38.27 -18.55 -18.24
CA LEU B 73 39.38 -17.68 -17.86
C LEU B 73 40.72 -18.36 -18.08
N SER B 74 40.78 -19.65 -17.78
CA SER B 74 42.00 -20.41 -18.00
C SER B 74 42.38 -20.39 -19.48
N PHE B 75 41.37 -20.37 -20.35
CA PHE B 75 41.63 -20.27 -21.79
C PHE B 75 42.18 -18.88 -22.13
N PHE B 76 41.65 -17.85 -21.49
CA PHE B 76 42.16 -16.49 -21.67
C PHE B 76 43.62 -16.38 -21.22
N ALA B 77 43.92 -17.00 -20.08
CA ALA B 77 45.29 -16.99 -19.55
C ALA B 77 46.22 -17.74 -20.50
N ALA B 78 45.70 -18.79 -21.14
CA ALA B 78 46.46 -19.52 -22.14
C ALA B 78 46.71 -18.64 -23.37
N GLN B 79 45.70 -17.89 -23.77
CA GLN B 79 45.83 -16.98 -24.91
C GLN B 79 46.91 -15.93 -24.65
N ALA B 80 47.10 -15.58 -23.39
CA ALA B 80 48.04 -14.52 -23.01
C ALA B 80 49.46 -15.04 -22.83
N GLY B 81 49.65 -16.35 -22.98
CA GLY B 81 50.98 -16.93 -22.99
C GLY B 81 51.41 -17.68 -21.73
N ALA B 82 50.48 -17.89 -20.80
CA ALA B 82 50.80 -18.59 -19.56
C ALA B 82 51.40 -19.97 -19.84
N ARG B 83 52.42 -20.34 -19.09
CA ARG B 83 53.09 -21.62 -19.28
C ARG B 83 52.30 -22.77 -18.66
N LYS B 84 51.71 -22.52 -17.49
CA LYS B 84 50.92 -23.52 -16.79
C LYS B 84 49.73 -22.87 -16.11
N ILE B 85 48.55 -23.44 -16.30
CA ILE B 85 47.35 -22.98 -15.62
C ILE B 85 46.73 -24.13 -14.85
N TYR B 86 46.69 -23.99 -13.54
CA TYR B 86 45.99 -24.95 -12.69
C TYR B 86 44.56 -24.47 -12.48
N ALA B 87 43.61 -25.22 -13.02
CA ALA B 87 42.21 -24.84 -12.97
C ALA B 87 41.47 -25.71 -11.97
N VAL B 88 41.14 -25.13 -10.82
CA VAL B 88 40.48 -25.86 -9.74
C VAL B 88 38.97 -25.66 -9.83
N GLU B 89 38.23 -26.76 -9.82
CA GLU B 89 36.78 -26.73 -9.86
C GLU B 89 36.21 -27.86 -9.00
N ALA B 90 35.25 -27.51 -8.15
CA ALA B 90 34.72 -28.47 -7.17
C ALA B 90 33.44 -29.14 -7.67
N SER B 91 32.71 -28.47 -8.56
CA SER B 91 31.50 -29.06 -9.13
C SER B 91 31.88 -30.04 -10.24
N THR B 92 30.88 -30.73 -10.78
CA THR B 92 31.13 -31.69 -11.85
C THR B 92 31.45 -31.01 -13.18
N MET B 93 31.40 -29.67 -13.19
CA MET B 93 31.76 -28.91 -14.39
C MET B 93 33.24 -29.12 -14.74
N ALA B 94 34.01 -29.65 -13.79
CA ALA B 94 35.41 -29.96 -14.04
C ALA B 94 35.58 -30.96 -15.18
N GLN B 95 34.64 -31.89 -15.30
CA GLN B 95 34.69 -32.89 -16.37
C GLN B 95 34.49 -32.25 -17.74
N HIS B 96 33.61 -31.27 -17.80
CA HIS B 96 33.35 -30.54 -19.04
C HIS B 96 34.54 -29.65 -19.40
N ALA B 97 35.15 -29.04 -18.39
CA ALA B 97 36.34 -28.23 -18.61
C ALA B 97 37.42 -29.07 -19.28
N GLU B 98 37.69 -30.26 -18.74
CA GLU B 98 38.72 -31.13 -19.29
C GLU B 98 38.40 -31.49 -20.73
N VAL B 99 37.12 -31.66 -21.04
CA VAL B 99 36.71 -31.97 -22.39
C VAL B 99 37.13 -30.83 -23.31
N LEU B 100 36.84 -29.59 -22.91
CA LEU B 100 37.20 -28.43 -23.71
C LEU B 100 38.71 -28.26 -23.82
N VAL B 101 39.44 -28.60 -22.76
CA VAL B 101 40.89 -28.49 -22.78
C VAL B 101 41.45 -29.43 -23.83
N LYS B 102 40.92 -30.64 -23.88
CA LYS B 102 41.36 -31.63 -24.86
C LYS B 102 41.02 -31.21 -26.28
N SER B 103 39.79 -30.74 -26.48
CA SER B 103 39.31 -30.44 -27.82
C SER B 103 39.91 -29.15 -28.35
N ASN B 104 40.46 -28.32 -27.47
CA ASN B 104 41.18 -27.11 -27.86
C ASN B 104 42.70 -27.32 -27.87
N ASN B 105 43.14 -28.56 -27.70
CA ASN B 105 44.56 -28.90 -27.77
C ASN B 105 45.42 -28.05 -26.83
N LEU B 106 45.04 -28.04 -25.55
CA LEU B 106 45.75 -27.25 -24.55
C LEU B 106 46.11 -28.10 -23.34
N THR B 107 46.20 -29.42 -23.57
CA THR B 107 46.51 -30.36 -22.49
C THR B 107 47.87 -30.10 -21.87
N ASP B 108 48.78 -29.52 -22.64
CA ASP B 108 50.14 -29.25 -22.16
C ASP B 108 50.21 -27.99 -21.29
N ARG B 109 49.12 -27.24 -21.22
CA ARG B 109 49.15 -25.95 -20.53
C ARG B 109 48.06 -25.77 -19.47
N ILE B 110 46.88 -26.32 -19.72
CA ILE B 110 45.79 -26.23 -18.74
C ILE B 110 45.62 -27.57 -18.03
N VAL B 111 45.81 -27.56 -16.72
CA VAL B 111 45.65 -28.74 -15.89
C VAL B 111 44.43 -28.57 -15.00
N VAL B 112 43.38 -29.33 -15.29
CA VAL B 112 42.18 -29.30 -14.47
C VAL B 112 42.43 -30.11 -13.21
N ILE B 113 42.16 -29.52 -12.06
CA ILE B 113 42.34 -30.19 -10.78
C ILE B 113 41.01 -30.19 -10.05
N PRO B 114 40.29 -31.32 -10.08
CA PRO B 114 38.97 -31.36 -9.42
C PRO B 114 39.08 -31.35 -7.90
N GLY B 115 38.23 -30.55 -7.26
CA GLY B 115 38.23 -30.46 -5.81
C GLY B 115 38.03 -29.03 -5.35
N LYS B 116 37.91 -28.85 -4.04
CA LYS B 116 37.81 -27.52 -3.47
C LYS B 116 39.20 -26.95 -3.29
N VAL B 117 39.34 -25.66 -3.52
CA VAL B 117 40.63 -25.00 -3.47
C VAL B 117 41.22 -25.11 -2.06
N GLU B 118 40.35 -25.26 -1.07
CA GLU B 118 40.78 -25.39 0.32
C GLU B 118 41.33 -26.79 0.63
N GLU B 119 41.18 -27.72 -0.31
CA GLU B 119 41.44 -29.13 -0.02
C GLU B 119 42.48 -29.77 -0.95
N VAL B 120 42.62 -29.25 -2.16
CA VAL B 120 43.55 -29.83 -3.13
C VAL B 120 44.98 -29.41 -2.81
N SER B 121 45.95 -30.06 -3.45
CA SER B 121 47.35 -29.70 -3.32
C SER B 121 47.97 -29.46 -4.69
N LEU B 122 48.58 -28.28 -4.87
CA LEU B 122 49.16 -27.91 -6.14
C LEU B 122 50.66 -28.24 -6.19
N PRO B 123 51.19 -28.53 -7.40
CA PRO B 123 52.60 -28.92 -7.51
C PRO B 123 53.58 -27.79 -7.24
N GLU B 124 53.16 -26.54 -7.45
CA GLU B 124 54.06 -25.40 -7.31
C GLU B 124 53.29 -24.13 -6.94
N GLN B 125 54.02 -23.14 -6.44
CA GLN B 125 53.43 -21.84 -6.15
C GLN B 125 53.16 -21.13 -7.47
N VAL B 126 52.23 -20.16 -7.45
CA VAL B 126 51.78 -19.54 -8.68
C VAL B 126 52.10 -18.05 -8.68
N ASP B 127 52.22 -17.49 -9.88
CA ASP B 127 52.56 -16.08 -10.05
C ASP B 127 51.32 -15.20 -9.99
N ILE B 128 50.16 -15.77 -10.28
CA ILE B 128 48.93 -14.99 -10.32
C ILE B 128 47.71 -15.88 -10.13
N ILE B 129 46.70 -15.34 -9.45
CA ILE B 129 45.45 -16.04 -9.21
C ILE B 129 44.34 -15.32 -9.95
N ILE B 130 43.51 -16.08 -10.66
CA ILE B 130 42.37 -15.51 -11.37
C ILE B 130 41.10 -16.20 -10.90
N SER B 131 39.97 -15.51 -11.03
CA SER B 131 38.69 -16.00 -10.53
C SER B 131 37.61 -14.95 -10.75
N GLU B 132 36.36 -15.39 -10.71
CA GLU B 132 35.23 -14.45 -10.70
C GLU B 132 34.33 -14.75 -9.50
N PRO B 133 34.79 -14.39 -8.30
CA PRO B 133 34.11 -14.70 -7.04
C PRO B 133 33.02 -13.70 -6.64
N MET B 134 32.70 -12.75 -7.52
CA MET B 134 31.72 -11.73 -7.21
C MET B 134 30.30 -12.26 -7.37
N GLY B 135 29.48 -12.05 -6.33
CA GLY B 135 28.07 -12.38 -6.38
C GLY B 135 27.25 -11.14 -6.18
N TYR B 136 25.94 -11.29 -6.06
CA TYR B 136 25.05 -10.16 -5.80
C TYR B 136 25.59 -9.38 -4.60
N MET B 137 25.67 -8.06 -4.74
CA MET B 137 26.32 -7.21 -3.74
C MET B 137 27.78 -7.58 -3.53
N LEU B 138 28.39 -8.21 -4.53
CA LEU B 138 29.79 -8.64 -4.48
C LEU B 138 30.02 -9.84 -3.55
N PHE B 139 29.42 -9.80 -2.36
CA PHE B 139 29.79 -10.73 -1.29
C PHE B 139 28.99 -12.05 -1.25
N ASN B 140 27.82 -12.07 -1.89
CA ASN B 140 26.99 -13.28 -1.87
C ASN B 140 27.78 -14.50 -2.34
N GLU B 141 27.49 -15.65 -1.74
CA GLU B 141 28.14 -16.93 -2.03
C GLU B 141 29.41 -17.12 -1.21
N ARG B 142 29.88 -16.05 -0.59
CA ARG B 142 31.05 -16.11 0.30
C ARG B 142 32.24 -16.77 -0.39
N MET B 143 32.37 -16.55 -1.68
CA MET B 143 33.44 -17.20 -2.44
C MET B 143 34.71 -16.34 -2.46
N LEU B 144 34.58 -15.07 -2.10
CA LEU B 144 35.74 -14.22 -1.93
C LEU B 144 36.70 -14.86 -0.91
N GLU B 145 36.13 -15.59 0.04
CA GLU B 145 36.93 -16.23 1.07
C GLU B 145 37.77 -17.36 0.46
N SER B 146 37.17 -18.14 -0.43
CA SER B 146 37.88 -19.20 -1.13
C SER B 146 38.97 -18.58 -2.02
N TYR B 147 38.67 -17.41 -2.55
CA TYR B 147 39.60 -16.67 -3.38
C TYR B 147 40.82 -16.26 -2.57
N LEU B 148 40.58 -15.72 -1.37
CA LEU B 148 41.67 -15.27 -0.50
C LEU B 148 42.43 -16.44 0.09
N HIS B 149 41.71 -17.51 0.40
CA HIS B 149 42.33 -18.72 0.93
C HIS B 149 43.40 -19.22 -0.03
N ALA B 150 43.13 -19.09 -1.33
CA ALA B 150 44.03 -19.58 -2.37
C ALA B 150 45.38 -18.87 -2.36
N LYS B 151 45.46 -17.72 -1.69
CA LYS B 151 46.69 -16.93 -1.62
C LYS B 151 47.84 -17.72 -1.01
N LYS B 152 47.52 -18.82 -0.32
CA LYS B 152 48.54 -19.69 0.24
C LYS B 152 49.43 -20.29 -0.85
N TYR B 153 48.95 -20.24 -2.10
CA TYR B 153 49.73 -20.75 -3.23
C TYR B 153 50.39 -19.63 -4.03
N LEU B 154 50.24 -18.39 -3.58
CA LEU B 154 50.74 -17.24 -4.31
C LEU B 154 52.14 -16.83 -3.87
N LYS B 155 53.04 -16.65 -4.84
CA LYS B 155 54.37 -16.12 -4.57
C LYS B 155 54.25 -14.73 -3.95
N PRO B 156 55.28 -14.30 -3.20
CA PRO B 156 55.24 -12.95 -2.62
C PRO B 156 55.10 -11.86 -3.68
N SER B 157 55.69 -12.07 -4.83
CA SER B 157 55.64 -11.10 -5.92
C SER B 157 54.34 -11.20 -6.71
N GLY B 158 53.49 -12.16 -6.34
CA GLY B 158 52.32 -12.49 -7.12
C GLY B 158 51.25 -11.41 -7.19
N ASN B 159 50.28 -11.62 -8.08
CA ASN B 159 49.19 -10.67 -8.28
C ASN B 159 47.85 -11.41 -8.27
N MET B 160 46.75 -10.65 -8.26
CA MET B 160 45.42 -11.23 -8.25
C MET B 160 44.45 -10.47 -9.15
N PHE B 161 43.78 -11.21 -10.01
CA PHE B 161 42.78 -10.68 -10.93
C PHE B 161 41.41 -11.28 -10.62
N PRO B 162 40.48 -10.47 -10.09
CA PRO B 162 40.56 -9.04 -9.80
C PRO B 162 41.46 -8.74 -8.61
N THR B 163 41.95 -7.51 -8.52
CA THR B 163 42.85 -7.12 -7.45
C THR B 163 42.08 -6.52 -6.27
N ILE B 164 41.06 -5.72 -6.57
CA ILE B 164 40.28 -5.06 -5.53
C ILE B 164 38.78 -5.08 -5.87
N GLY B 165 37.96 -4.84 -4.85
CA GLY B 165 36.52 -4.74 -5.04
C GLY B 165 35.95 -3.52 -4.35
N ASP B 166 35.27 -2.67 -5.11
CA ASP B 166 34.62 -1.49 -4.55
C ASP B 166 33.12 -1.71 -4.40
N VAL B 167 32.63 -1.54 -3.19
CA VAL B 167 31.19 -1.59 -2.94
C VAL B 167 30.64 -0.17 -2.90
N HIS B 168 29.61 0.08 -3.71
CA HIS B 168 28.97 1.39 -3.75
C HIS B 168 27.57 1.31 -3.17
N LEU B 169 27.21 2.33 -2.39
CA LEU B 169 25.89 2.40 -1.79
C LEU B 169 25.38 3.84 -1.80
N ALA B 170 24.09 3.99 -2.11
CA ALA B 170 23.47 5.31 -2.19
C ALA B 170 21.99 5.21 -1.83
N PRO B 171 21.43 6.26 -1.20
CA PRO B 171 20.00 6.25 -0.89
C PRO B 171 19.16 6.46 -2.13
N PHE B 172 18.01 5.81 -2.21
CA PHE B 172 17.13 5.94 -3.37
C PHE B 172 15.69 6.19 -2.96
N THR B 173 14.91 6.69 -3.90
CA THR B 173 13.48 6.87 -3.69
C THR B 173 12.72 6.12 -4.79
N ASP B 174 11.82 5.25 -4.39
CA ASP B 174 11.01 4.48 -5.33
C ASP B 174 9.72 4.03 -4.67
N GLU B 175 8.73 4.92 -4.67
CA GLU B 175 7.45 4.66 -4.04
C GLU B 175 6.79 3.40 -4.61
N GLN B 176 6.90 3.22 -5.92
CA GLN B 176 6.27 2.09 -6.58
C GLN B 176 6.81 0.77 -6.04
N LEU B 177 8.13 0.65 -5.94
CA LEU B 177 8.75 -0.55 -5.41
C LEU B 177 8.30 -0.80 -3.98
N TYR B 178 8.22 0.28 -3.20
CA TYR B 178 7.85 0.17 -1.79
C TYR B 178 6.43 -0.36 -1.63
N MET B 179 5.48 0.27 -2.31
CA MET B 179 4.09 -0.20 -2.28
C MET B 179 4.02 -1.65 -2.73
N GLU B 180 4.79 -1.98 -3.75
CA GLU B 180 4.78 -3.32 -4.33
C GLU B 180 5.07 -4.38 -3.27
N GLN B 181 6.12 -4.17 -2.49
CA GLN B 181 6.52 -5.12 -1.47
C GLN B 181 5.59 -5.08 -0.26
N PHE B 182 5.11 -3.88 0.08
CA PHE B 182 4.18 -3.73 1.20
C PHE B 182 2.82 -4.31 0.84
N THR B 183 2.50 -4.31 -0.45
CA THR B 183 1.21 -4.82 -0.93
C THR B 183 1.14 -6.33 -0.77
N LYS B 184 2.26 -7.01 -1.01
CA LYS B 184 2.30 -8.47 -0.92
C LYS B 184 2.14 -8.93 0.51
N ALA B 185 2.48 -8.07 1.46
CA ALA B 185 2.32 -8.38 2.87
C ALA B 185 0.88 -8.13 3.32
N ASN B 186 0.13 -7.37 2.53
CA ASN B 186 -1.24 -7.02 2.90
C ASN B 186 -2.17 -8.23 2.83
N PHE B 187 -1.74 -9.28 2.14
CA PHE B 187 -2.52 -10.51 2.08
C PHE B 187 -2.78 -11.06 3.48
N TRP B 188 -1.81 -10.86 4.37
CA TRP B 188 -1.89 -11.36 5.73
C TRP B 188 -2.50 -10.33 6.68
N TYR B 189 -3.35 -9.46 6.12
CA TYR B 189 -4.12 -8.52 6.93
C TYR B 189 -5.60 -8.91 6.90
N GLN B 190 -5.93 -9.91 6.08
CA GLN B 190 -7.31 -10.36 5.92
C GLN B 190 -7.91 -10.87 7.23
N PRO B 191 -9.08 -10.35 7.62
CA PRO B 191 -9.72 -10.81 8.85
C PRO B 191 -10.52 -12.10 8.64
N SER B 192 -10.83 -12.43 7.40
CA SER B 192 -11.64 -13.60 7.10
C SER B 192 -11.36 -14.17 5.71
N PHE B 193 -10.17 -14.75 5.55
CA PHE B 193 -9.84 -15.46 4.33
C PHE B 193 -10.51 -16.83 4.36
N HIS B 194 -11.59 -16.98 3.59
CA HIS B 194 -12.40 -18.18 3.63
C HIS B 194 -12.90 -18.43 5.06
N GLY B 195 -13.11 -17.35 5.81
CA GLY B 195 -13.59 -17.46 7.17
C GLY B 195 -12.49 -17.54 8.21
N VAL B 196 -11.24 -17.39 7.78
CA VAL B 196 -10.10 -17.48 8.68
C VAL B 196 -9.44 -16.11 8.84
N ASP B 197 -9.07 -15.79 10.07
CA ASP B 197 -8.41 -14.53 10.38
C ASP B 197 -6.89 -14.68 10.28
N LEU B 198 -6.29 -13.98 9.33
CA LEU B 198 -4.85 -14.10 9.08
C LEU B 198 -4.05 -12.95 9.69
N SER B 199 -4.74 -11.88 10.07
CA SER B 199 -4.09 -10.63 10.46
C SER B 199 -3.08 -10.78 11.61
N ALA B 200 -3.15 -11.87 12.36
CA ALA B 200 -2.22 -12.09 13.45
C ALA B 200 -0.79 -12.25 12.94
N LEU B 201 -0.66 -12.76 11.72
CA LEU B 201 0.65 -12.96 11.11
C LEU B 201 1.09 -11.78 10.25
N ARG B 202 0.35 -10.68 10.34
CA ARG B 202 0.59 -9.53 9.47
C ARG B 202 2.01 -8.98 9.65
N GLY B 203 2.47 -8.92 10.89
CA GLY B 203 3.79 -8.39 11.19
C GLY B 203 4.91 -9.25 10.62
N ALA B 204 4.79 -10.56 10.80
CA ALA B 204 5.82 -11.49 10.33
C ALA B 204 5.90 -11.48 8.81
N ALA B 205 4.75 -11.31 8.15
CA ALA B 205 4.72 -11.26 6.70
C ALA B 205 5.49 -10.06 6.18
N VAL B 206 5.21 -8.89 6.75
CA VAL B 206 5.90 -7.67 6.37
C VAL B 206 7.40 -7.85 6.53
N ASP B 207 7.82 -8.37 7.69
CA ASP B 207 9.23 -8.63 7.94
C ASP B 207 9.82 -9.50 6.84
N GLU B 208 9.16 -10.62 6.56
CA GLU B 208 9.68 -11.60 5.60
C GLU B 208 9.94 -10.96 4.24
N TYR B 209 8.96 -10.22 3.73
CA TYR B 209 9.07 -9.62 2.40
C TYR B 209 10.14 -8.53 2.35
N PHE B 210 10.27 -7.76 3.43
CA PHE B 210 11.24 -6.68 3.47
C PHE B 210 12.64 -7.17 3.84
N ARG B 211 12.77 -8.46 4.13
CA ARG B 211 14.08 -9.07 4.33
C ARG B 211 14.69 -9.46 2.98
N GLN B 212 13.91 -9.32 1.92
CA GLN B 212 14.36 -9.68 0.58
C GLN B 212 15.05 -8.52 -0.12
N PRO B 213 16.35 -8.66 -0.43
CA PRO B 213 16.95 -7.64 -1.31
C PRO B 213 16.37 -7.72 -2.71
N VAL B 214 16.18 -6.59 -3.36
CA VAL B 214 15.60 -6.56 -4.69
C VAL B 214 16.71 -6.48 -5.74
N VAL B 215 16.75 -7.48 -6.61
CA VAL B 215 17.73 -7.52 -7.69
C VAL B 215 17.08 -7.07 -8.99
N ASP B 216 17.52 -5.92 -9.49
CA ASP B 216 17.06 -5.39 -10.77
C ASP B 216 17.86 -4.14 -11.09
N THR B 217 17.46 -3.45 -12.16
CA THR B 217 18.11 -2.19 -12.53
C THR B 217 17.14 -1.03 -12.39
N PHE B 218 17.65 0.19 -12.47
CA PHE B 218 16.83 1.37 -12.27
C PHE B 218 17.47 2.62 -12.89
N ASP B 219 16.67 3.65 -13.07
CA ASP B 219 17.16 4.93 -13.56
C ASP B 219 17.94 5.63 -12.44
N ILE B 220 19.09 6.19 -12.80
CA ILE B 220 20.02 6.76 -11.82
C ILE B 220 19.45 8.01 -11.14
N ARG B 221 18.29 8.48 -11.59
CA ARG B 221 17.70 9.69 -11.03
C ARG B 221 16.86 9.40 -9.79
N ILE B 222 16.84 8.16 -9.35
CA ILE B 222 16.18 7.81 -8.09
C ILE B 222 17.18 7.97 -6.95
N LEU B 223 18.47 7.94 -7.30
CA LEU B 223 19.53 8.13 -6.32
C LEU B 223 19.54 9.57 -5.83
N MET B 224 19.46 9.75 -4.52
CA MET B 224 19.27 11.08 -3.93
C MET B 224 20.54 11.62 -3.28
N ALA B 225 21.68 11.01 -3.60
CA ALA B 225 22.96 11.48 -3.07
C ALA B 225 24.12 10.73 -3.71
N LYS B 226 25.31 11.33 -3.66
CA LYS B 226 26.51 10.70 -4.18
C LYS B 226 26.80 9.41 -3.43
N SER B 227 27.24 8.38 -4.14
CA SER B 227 27.46 7.08 -3.53
C SER B 227 28.63 7.08 -2.56
N VAL B 228 28.55 6.23 -1.54
CA VAL B 228 29.66 5.99 -0.63
C VAL B 228 30.38 4.73 -1.09
N LYS B 229 31.69 4.69 -0.90
CA LYS B 229 32.51 3.59 -1.40
C LYS B 229 33.19 2.82 -0.29
N TYR B 230 33.16 1.50 -0.39
CA TYR B 230 33.88 0.62 0.53
C TYR B 230 34.76 -0.31 -0.29
N THR B 231 36.06 -0.28 -0.03
CA THR B 231 37.03 -1.01 -0.85
C THR B 231 37.62 -2.20 -0.11
N VAL B 232 37.63 -3.35 -0.79
CA VAL B 232 38.27 -4.55 -0.28
C VAL B 232 39.48 -4.85 -1.15
N ASN B 233 40.66 -4.89 -0.55
CA ASN B 233 41.88 -5.22 -1.26
C ASN B 233 42.16 -6.70 -1.12
N PHE B 234 41.96 -7.45 -2.20
CA PHE B 234 42.07 -8.91 -2.16
C PHE B 234 43.50 -9.38 -1.96
N LEU B 235 44.47 -8.54 -2.35
CA LEU B 235 45.88 -8.85 -2.13
C LEU B 235 46.22 -8.81 -0.64
N GLU B 236 45.66 -7.84 0.07
CA GLU B 236 46.04 -7.59 1.46
C GLU B 236 45.07 -8.23 2.47
N ALA B 237 43.87 -8.56 2.02
CA ALA B 237 42.81 -8.99 2.93
C ALA B 237 42.96 -10.45 3.37
N LYS B 238 42.50 -10.73 4.59
CA LYS B 238 42.46 -12.09 5.13
C LYS B 238 41.07 -12.69 4.95
N GLU B 239 40.99 -14.02 5.02
CA GLU B 239 39.71 -14.71 4.98
C GLU B 239 38.76 -14.14 6.03
N GLY B 240 39.21 -14.14 7.28
CA GLY B 240 38.39 -13.72 8.40
C GLY B 240 37.93 -12.29 8.36
N ASP B 241 38.58 -11.48 7.52
CA ASP B 241 38.18 -10.09 7.37
C ASP B 241 36.77 -9.98 6.79
N LEU B 242 36.33 -11.02 6.10
CA LEU B 242 35.04 -11.02 5.43
C LEU B 242 33.95 -11.70 6.24
N HIS B 243 34.29 -12.18 7.44
CA HIS B 243 33.28 -12.75 8.33
C HIS B 243 32.35 -11.65 8.81
N ARG B 244 32.92 -10.49 9.11
CA ARG B 244 32.15 -9.34 9.57
C ARG B 244 32.60 -8.09 8.83
N ILE B 245 31.72 -7.54 7.99
CA ILE B 245 32.04 -6.37 7.20
C ILE B 245 31.17 -5.21 7.67
N GLU B 246 31.80 -4.15 8.15
CA GLU B 246 31.07 -3.00 8.67
C GLU B 246 31.31 -1.78 7.80
N ILE B 247 30.23 -1.28 7.20
CA ILE B 247 30.32 -0.16 6.26
C ILE B 247 29.55 1.04 6.78
N PRO B 248 30.25 1.95 7.47
CA PRO B 248 29.60 3.20 7.87
C PRO B 248 29.43 4.15 6.69
N PHE B 249 28.37 4.96 6.70
CA PHE B 249 28.12 5.88 5.60
C PHE B 249 27.58 7.21 6.11
N LYS B 250 27.81 8.26 5.32
CA LYS B 250 27.31 9.59 5.62
C LYS B 250 26.95 10.29 4.33
N PHE B 251 25.66 10.27 3.98
CA PHE B 251 25.22 10.88 2.72
C PHE B 251 24.79 12.33 2.93
N HIS B 252 25.22 13.19 2.03
CA HIS B 252 24.74 14.56 1.97
C HIS B 252 23.67 14.65 0.89
N MET B 253 22.41 14.76 1.32
CA MET B 253 21.28 14.69 0.39
C MET B 253 21.32 15.84 -0.60
N LEU B 254 21.10 15.51 -1.88
CA LEU B 254 21.14 16.49 -2.94
C LEU B 254 19.74 16.96 -3.30
N HIS B 255 18.77 16.05 -3.20
CA HIS B 255 17.37 16.38 -3.45
C HIS B 255 16.54 16.08 -2.21
N SER B 256 15.36 16.69 -2.13
CA SER B 256 14.46 16.48 -1.00
C SER B 256 13.38 15.47 -1.36
N GLY B 257 12.96 14.68 -0.39
CA GLY B 257 11.93 13.67 -0.60
C GLY B 257 12.11 12.46 0.28
N LEU B 258 11.32 11.42 0.03
CA LEU B 258 11.38 10.20 0.82
C LEU B 258 12.52 9.30 0.36
N VAL B 259 13.23 8.75 1.33
CA VAL B 259 14.26 7.75 1.06
C VAL B 259 13.71 6.37 1.42
N HIS B 260 13.49 5.54 0.41
CA HIS B 260 12.85 4.24 0.62
C HIS B 260 13.87 3.13 0.90
N GLY B 261 15.15 3.42 0.77
CA GLY B 261 16.17 2.43 1.06
C GLY B 261 17.53 2.76 0.46
N LEU B 262 18.42 1.76 0.46
CA LEU B 262 19.77 1.92 -0.08
C LEU B 262 19.98 1.05 -1.32
N ALA B 263 20.62 1.62 -2.33
CA ALA B 263 20.94 0.90 -3.55
C ALA B 263 22.39 0.45 -3.53
N PHE B 264 22.66 -0.75 -4.04
CA PHE B 264 23.99 -1.32 -4.00
C PHE B 264 24.49 -1.77 -5.36
N TRP B 265 25.78 -1.56 -5.61
CA TRP B 265 26.45 -2.12 -6.78
C TRP B 265 27.94 -2.16 -6.48
N PHE B 266 28.71 -2.80 -7.35
CA PHE B 266 30.13 -2.97 -7.10
C PHE B 266 30.99 -2.85 -8.36
N ASP B 267 32.22 -2.40 -8.16
CA ASP B 267 33.23 -2.41 -9.20
C ASP B 267 34.38 -3.30 -8.77
N VAL B 268 35.01 -3.98 -9.72
CA VAL B 268 36.24 -4.69 -9.43
C VAL B 268 37.29 -4.23 -10.43
N ALA B 269 38.53 -4.12 -9.96
CA ALA B 269 39.61 -3.67 -10.81
C ALA B 269 40.63 -4.77 -11.00
N PHE B 270 41.08 -4.93 -12.23
CA PHE B 270 42.19 -5.81 -12.55
C PHE B 270 43.44 -4.95 -12.70
N ILE B 271 44.14 -4.74 -11.59
CA ILE B 271 45.31 -3.87 -11.57
C ILE B 271 46.49 -4.63 -12.15
N GLY B 272 46.68 -4.51 -13.46
CA GLY B 272 47.77 -5.19 -14.14
C GLY B 272 49.00 -4.31 -14.25
N SER B 273 50.08 -4.88 -14.76
CA SER B 273 51.33 -4.13 -14.94
C SER B 273 51.19 -3.08 -16.03
N ILE B 274 50.48 -3.43 -17.09
CA ILE B 274 50.35 -2.54 -18.26
C ILE B 274 49.22 -1.55 -18.08
N MET B 275 48.09 -2.01 -17.56
N MET B 275 48.11 -2.02 -17.50
CA MET B 275 46.98 -1.11 -17.33
CA MET B 275 46.87 -1.26 -17.49
C MET B 275 45.94 -1.71 -16.41
C MET B 275 45.92 -1.75 -16.39
N THR B 276 45.16 -0.82 -15.80
CA THR B 276 44.11 -1.20 -14.88
C THR B 276 42.80 -1.30 -15.67
N VAL B 277 42.08 -2.39 -15.47
CA VAL B 277 40.82 -2.62 -16.18
C VAL B 277 39.69 -2.76 -15.18
N TRP B 278 38.66 -1.95 -15.36
CA TRP B 278 37.53 -1.93 -14.45
C TRP B 278 36.35 -2.70 -15.02
N LEU B 279 35.75 -3.54 -14.18
CA LEU B 279 34.47 -4.16 -14.49
C LEU B 279 33.43 -3.57 -13.55
N SER B 280 32.51 -2.80 -14.10
CA SER B 280 31.53 -2.07 -13.29
C SER B 280 30.12 -2.59 -13.48
N THR B 281 29.40 -2.75 -12.38
CA THR B 281 27.99 -3.12 -12.41
C THR B 281 27.13 -1.92 -12.00
N ALA B 282 27.68 -0.72 -12.14
CA ALA B 282 26.97 0.50 -11.77
C ALA B 282 25.76 0.71 -12.67
N PRO B 283 24.72 1.39 -12.16
CA PRO B 283 23.53 1.68 -12.97
C PRO B 283 23.81 2.71 -14.07
N THR B 284 24.98 3.33 -14.02
CA THR B 284 25.40 4.26 -15.07
C THR B 284 26.11 3.52 -16.19
N GLU B 285 26.44 2.26 -15.95
CA GLU B 285 27.18 1.45 -16.91
C GLU B 285 26.26 0.44 -17.59
N PRO B 286 26.73 -0.18 -18.68
CA PRO B 286 25.91 -1.23 -19.32
C PRO B 286 25.49 -2.32 -18.34
N LEU B 287 24.27 -2.83 -18.51
CA LEU B 287 23.72 -3.81 -17.59
C LEU B 287 24.46 -5.13 -17.65
N THR B 288 24.68 -5.73 -16.49
CA THR B 288 25.30 -7.05 -16.38
C THR B 288 24.32 -8.02 -15.73
N HIS B 289 24.74 -9.27 -15.57
CA HIS B 289 23.88 -10.27 -14.94
C HIS B 289 23.87 -10.11 -13.42
N TRP B 290 24.70 -9.21 -12.91
CA TRP B 290 24.70 -8.86 -11.49
C TRP B 290 23.64 -7.80 -11.19
N TYR B 291 23.27 -7.03 -12.20
CA TYR B 291 22.29 -5.96 -12.04
C TYR B 291 22.72 -5.03 -10.91
N GLN B 292 21.76 -4.50 -10.17
CA GLN B 292 22.03 -3.79 -8.92
C GLN B 292 21.15 -4.39 -7.84
N VAL B 293 21.41 -4.03 -6.58
CA VAL B 293 20.65 -4.57 -5.47
C VAL B 293 20.16 -3.43 -4.58
N ARG B 294 18.89 -3.49 -4.21
CA ARG B 294 18.29 -2.48 -3.35
C ARG B 294 17.72 -3.12 -2.08
N CYS B 295 18.06 -2.53 -0.94
CA CYS B 295 17.50 -2.94 0.34
C CYS B 295 16.51 -1.88 0.81
N LEU B 296 15.26 -2.29 1.00
CA LEU B 296 14.22 -1.37 1.38
C LEU B 296 14.16 -1.16 2.89
N PHE B 297 13.88 0.08 3.29
CA PHE B 297 13.52 0.36 4.67
C PHE B 297 12.07 -0.08 4.89
N GLN B 298 11.76 -0.60 6.06
CA GLN B 298 10.39 -0.98 6.37
C GLN B 298 9.51 0.24 6.40
N SER B 299 10.11 1.39 6.72
CA SER B 299 9.41 2.67 6.69
C SER B 299 10.33 3.74 6.11
N PRO B 300 9.88 4.46 5.07
CA PRO B 300 10.76 5.46 4.46
C PRO B 300 11.05 6.64 5.38
N LEU B 301 12.20 7.28 5.17
CA LEU B 301 12.61 8.44 5.95
C LEU B 301 12.62 9.68 5.07
N PHE B 302 12.17 10.80 5.62
CA PHE B 302 12.17 12.05 4.87
C PHE B 302 13.43 12.85 5.16
N ALA B 303 13.91 13.57 4.15
CA ALA B 303 15.08 14.42 4.31
C ALA B 303 15.05 15.55 3.27
N LYS B 304 15.40 16.75 3.71
CA LYS B 304 15.50 17.88 2.79
C LYS B 304 16.90 17.94 2.20
N ALA B 305 17.01 18.54 1.02
CA ALA B 305 18.31 18.74 0.40
C ALA B 305 19.22 19.50 1.35
N GLY B 306 20.41 18.97 1.58
CA GLY B 306 21.35 19.57 2.51
C GLY B 306 21.48 18.77 3.79
N ASP B 307 20.46 17.97 4.10
CA ASP B 307 20.49 17.13 5.29
C ASP B 307 21.55 16.04 5.18
N THR B 308 21.85 15.42 6.31
CA THR B 308 22.84 14.35 6.36
C THR B 308 22.18 13.04 6.78
N LEU B 309 22.35 12.01 5.95
CA LEU B 309 21.85 10.67 6.26
C LEU B 309 23.01 9.76 6.62
N SER B 310 23.09 9.40 7.90
CA SER B 310 24.22 8.60 8.39
C SER B 310 23.74 7.28 8.98
N GLY B 311 24.67 6.34 9.10
CA GLY B 311 24.36 5.02 9.63
C GLY B 311 25.41 4.00 9.24
N THR B 312 25.10 2.73 9.44
CA THR B 312 26.03 1.66 9.11
C THR B 312 25.34 0.50 8.42
N CYS B 313 26.00 -0.03 7.39
CA CYS B 313 25.59 -1.28 6.78
C CYS B 313 26.52 -2.39 7.28
N LEU B 314 25.96 -3.37 7.97
CA LEU B 314 26.75 -4.45 8.56
C LEU B 314 26.42 -5.77 7.88
N LEU B 315 27.47 -6.47 7.44
CA LEU B 315 27.32 -7.75 6.77
C LEU B 315 27.87 -8.87 7.65
N ILE B 316 26.98 -9.73 8.12
CA ILE B 316 27.37 -10.85 8.99
C ILE B 316 27.32 -12.14 8.19
N ALA B 317 28.49 -12.77 8.02
CA ALA B 317 28.58 -14.02 7.29
C ALA B 317 27.82 -15.13 8.01
N ASN B 318 27.11 -15.97 7.24
CA ASN B 318 26.38 -17.10 7.80
C ASN B 318 26.78 -18.39 7.10
N LYS B 319 26.35 -19.52 7.64
CA LYS B 319 26.80 -20.82 7.17
C LYS B 319 26.09 -21.27 5.89
N ARG B 320 25.19 -20.44 5.39
CA ARG B 320 24.51 -20.74 4.13
C ARG B 320 25.19 -20.02 2.98
N GLN B 321 26.50 -19.79 3.11
CA GLN B 321 27.30 -19.16 2.07
C GLN B 321 26.74 -17.80 1.65
N SER B 322 26.25 -17.04 2.63
CA SER B 322 25.69 -15.73 2.36
C SER B 322 25.92 -14.81 3.54
N TYR B 323 25.23 -13.68 3.55
CA TYR B 323 25.38 -12.70 4.62
C TYR B 323 24.04 -12.27 5.18
N ASP B 324 24.02 -12.00 6.48
CA ASP B 324 22.89 -11.38 7.12
C ASP B 324 23.14 -9.87 7.13
N ILE B 325 22.24 -9.13 6.48
CA ILE B 325 22.43 -7.69 6.30
C ILE B 325 21.58 -6.93 7.29
N SER B 326 22.23 -6.08 8.09
CA SER B 326 21.52 -5.15 8.96
C SER B 326 21.87 -3.74 8.55
N ILE B 327 20.85 -2.93 8.30
CA ILE B 327 21.04 -1.54 7.88
C ILE B 327 20.32 -0.61 8.84
N VAL B 328 21.08 0.27 9.46
CA VAL B 328 20.52 1.31 10.30
C VAL B 328 20.80 2.65 9.64
N ALA B 329 19.74 3.41 9.38
CA ALA B 329 19.88 4.73 8.76
C ALA B 329 19.24 5.79 9.64
N GLN B 330 19.78 6.99 9.59
CA GLN B 330 19.31 8.08 10.45
C GLN B 330 19.49 9.44 9.80
N VAL B 331 18.44 10.26 9.83
CA VAL B 331 18.53 11.65 9.39
C VAL B 331 19.07 12.46 10.56
N ASP B 332 20.33 12.87 10.45
CA ASP B 332 21.04 13.52 11.54
C ASP B 332 20.33 14.77 12.06
N GLN B 333 19.67 15.50 11.17
CA GLN B 333 19.04 16.76 11.53
C GLN B 333 17.75 16.58 12.31
N THR B 334 17.06 15.45 12.08
CA THR B 334 15.73 15.25 12.64
C THR B 334 15.66 14.05 13.60
N GLY B 335 16.62 13.14 13.47
CA GLY B 335 16.63 11.94 14.31
C GLY B 335 15.72 10.85 13.79
N SER B 336 15.25 11.01 12.56
CA SER B 336 14.41 9.99 11.93
C SER B 336 15.25 8.76 11.63
N LYS B 337 14.89 7.64 12.25
CA LYS B 337 15.68 6.42 12.17
C LYS B 337 14.91 5.30 11.49
N SER B 338 15.63 4.43 10.79
CA SER B 338 15.04 3.24 10.20
C SER B 338 16.02 2.07 10.31
N SER B 339 15.51 0.93 10.75
CA SER B 339 16.32 -0.27 10.89
C SER B 339 15.67 -1.44 10.19
N ASN B 340 16.46 -2.21 9.45
CA ASN B 340 15.94 -3.36 8.73
C ASN B 340 16.99 -4.44 8.57
N LEU B 341 16.55 -5.70 8.61
CA LEU B 341 17.42 -6.84 8.38
C LEU B 341 17.06 -7.49 7.06
N LEU B 342 18.05 -8.04 6.37
CA LEU B 342 17.81 -8.69 5.07
C LEU B 342 18.65 -9.95 4.92
N ASP B 343 18.08 -10.94 4.24
CA ASP B 343 18.79 -12.20 3.98
C ASP B 343 19.26 -12.23 2.53
N LEU B 344 20.53 -11.92 2.33
CA LEU B 344 21.10 -11.82 0.99
C LEU B 344 21.01 -13.13 0.23
N LYS B 345 20.88 -14.24 0.94
CA LYS B 345 20.82 -15.56 0.32
C LYS B 345 19.61 -15.68 -0.61
N ASN B 346 18.48 -15.11 -0.19
CA ASN B 346 17.22 -15.28 -0.91
C ASN B 346 16.62 -13.94 -1.31
N PRO B 347 17.09 -13.36 -2.44
CA PRO B 347 16.59 -12.07 -2.91
C PRO B 347 15.41 -12.18 -3.86
N PHE B 348 14.75 -11.06 -4.10
CA PHE B 348 13.60 -11.01 -5.00
C PHE B 348 14.04 -10.50 -6.37
N PHE B 349 13.92 -11.36 -7.38
CA PHE B 349 14.26 -10.99 -8.75
C PHE B 349 13.08 -10.29 -9.40
N ARG B 350 13.23 -9.00 -9.63
CA ARG B 350 12.13 -8.15 -10.08
C ARG B 350 12.15 -7.95 -11.60
N TYR B 351 13.33 -8.13 -12.19
CA TYR B 351 13.48 -7.95 -13.63
C TYR B 351 12.66 -8.97 -14.41
N VAL C 11 -12.04 32.83 31.67
CA VAL C 11 -11.62 31.51 31.24
C VAL C 11 -12.11 31.25 29.80
N PHE C 12 -11.93 30.02 29.34
CA PHE C 12 -12.27 29.64 27.97
C PHE C 12 -13.78 29.67 27.76
N SER C 13 -14.52 29.20 28.76
CA SER C 13 -15.97 29.11 28.68
C SER C 13 -16.63 30.48 28.56
N GLU C 14 -15.96 31.51 29.09
CA GLU C 14 -16.53 32.86 29.12
C GLU C 14 -16.39 33.58 27.77
N ARG C 15 -15.35 33.25 27.03
CA ARG C 15 -15.08 33.94 25.76
C ARG C 15 -15.39 33.07 24.54
N THR C 16 -16.05 31.94 24.76
CA THR C 16 -16.31 31.00 23.68
C THR C 16 -17.75 30.47 23.71
N GLU C 17 -18.41 30.56 22.56
CA GLU C 17 -19.74 29.97 22.41
C GLU C 17 -19.61 28.45 22.35
N GLU C 18 -20.50 27.76 23.07
CA GLU C 18 -20.42 26.30 23.16
C GLU C 18 -20.41 25.64 21.79
N SER C 19 -21.22 26.17 20.87
CA SER C 19 -21.31 25.62 19.52
C SER C 19 -19.96 25.59 18.83
N SER C 20 -19.19 26.67 19.00
CA SER C 20 -17.88 26.77 18.37
C SER C 20 -16.88 25.83 19.05
N ALA C 21 -17.03 25.65 20.36
CA ALA C 21 -16.13 24.81 21.13
C ALA C 21 -16.26 23.35 20.73
N VAL C 22 -17.49 22.91 20.48
CA VAL C 22 -17.75 21.53 20.07
C VAL C 22 -17.04 21.25 18.75
N GLN C 23 -17.31 22.07 17.73
CA GLN C 23 -16.78 21.85 16.40
C GLN C 23 -15.26 22.06 16.35
N TYR C 24 -14.75 22.91 17.24
CA TYR C 24 -13.32 23.21 17.27
C TYR C 24 -12.51 22.01 17.75
N PHE C 25 -12.98 21.35 18.81
CA PHE C 25 -12.24 20.24 19.40
C PHE C 25 -12.55 18.91 18.71
N GLN C 26 -13.73 18.81 18.10
CA GLN C 26 -14.04 17.67 17.26
C GLN C 26 -13.08 17.64 16.08
N PHE C 27 -12.83 18.82 15.52
CA PHE C 27 -11.95 18.99 14.38
C PHE C 27 -10.53 18.52 14.69
N TYR C 28 -10.11 18.73 15.93
CA TYR C 28 -8.74 18.39 16.34
C TYR C 28 -8.66 17.01 16.99
N GLY C 29 -9.80 16.31 17.05
CA GLY C 29 -9.82 14.94 17.53
C GLY C 29 -9.44 13.94 16.45
N TYR C 30 -9.33 14.44 15.22
CA TYR C 30 -9.00 13.59 14.08
C TYR C 30 -7.49 13.43 13.92
N LEU C 31 -7.04 12.20 13.69
CA LEU C 31 -5.64 11.92 13.45
C LEU C 31 -5.20 12.48 12.10
N SER C 32 -6.12 12.50 11.14
CA SER C 32 -5.85 13.05 9.82
C SER C 32 -5.42 14.51 9.93
N GLN C 33 -5.95 15.20 10.93
CA GLN C 33 -5.62 16.59 11.14
C GLN C 33 -4.21 16.73 11.72
N GLN C 34 -3.88 15.88 12.67
CA GLN C 34 -2.53 15.86 13.24
C GLN C 34 -1.51 15.50 12.18
N GLN C 35 -1.91 14.61 11.27
CA GLN C 35 -1.02 14.15 10.21
C GLN C 35 -0.65 15.29 9.25
N ASN C 36 -1.64 16.04 8.81
CA ASN C 36 -1.42 17.12 7.86
C ASN C 36 -0.47 18.18 8.42
N MET C 37 -0.58 18.43 9.72
CA MET C 37 0.26 19.44 10.37
C MET C 37 1.69 18.95 10.57
N MET C 38 1.82 17.66 10.87
CA MET C 38 3.14 17.06 11.08
C MET C 38 3.89 16.90 9.76
N GLN C 39 3.17 16.94 8.64
CA GLN C 39 3.78 16.80 7.33
C GLN C 39 4.34 18.13 6.81
N ASP C 40 3.99 19.23 7.49
CA ASP C 40 4.58 20.53 7.19
C ASP C 40 5.97 20.58 7.82
N TYR C 41 6.99 20.28 7.02
CA TYR C 41 8.34 20.16 7.53
C TYR C 41 8.83 21.45 8.18
N VAL C 42 8.45 22.58 7.58
CA VAL C 42 8.85 23.89 8.10
C VAL C 42 8.37 24.01 9.55
N ARG C 43 7.14 23.59 9.80
CA ARG C 43 6.56 23.61 11.14
C ARG C 43 7.29 22.65 12.06
N THR C 44 7.19 21.36 11.77
CA THR C 44 7.80 20.34 12.62
C THR C 44 9.30 20.53 12.72
N GLY C 45 9.96 20.72 11.59
CA GLY C 45 11.40 20.91 11.57
C GLY C 45 11.86 22.08 12.41
N THR C 46 11.32 23.27 12.14
CA THR C 46 11.74 24.48 12.83
C THR C 46 11.52 24.36 14.34
N TYR C 47 10.43 23.72 14.73
CA TYR C 47 10.13 23.52 16.15
C TYR C 47 11.16 22.61 16.80
N GLN C 48 11.50 21.51 16.12
CA GLN C 48 12.51 20.59 16.61
C GLN C 48 13.87 21.29 16.62
N ARG C 49 14.17 21.98 15.53
CA ARG C 49 15.40 22.75 15.41
C ARG C 49 15.54 23.74 16.56
N ALA C 50 14.46 24.46 16.84
CA ALA C 50 14.46 25.51 17.85
C ALA C 50 14.74 24.95 19.24
N ILE C 51 14.11 23.83 19.57
CA ILE C 51 14.21 23.25 20.90
C ILE C 51 15.60 22.65 21.13
N LEU C 52 16.02 21.77 20.22
CA LEU C 52 17.27 21.04 20.40
C LEU C 52 18.48 21.95 20.33
N GLN C 53 18.45 22.94 19.45
CA GLN C 53 19.55 23.89 19.32
C GLN C 53 19.62 24.82 20.53
N ASN C 54 18.57 24.80 21.35
CA ASN C 54 18.55 25.54 22.60
C ASN C 54 18.31 24.58 23.77
N HIS C 55 19.03 23.47 23.76
CA HIS C 55 18.86 22.42 24.76
C HIS C 55 19.15 22.92 26.19
N THR C 56 19.87 24.02 26.30
CA THR C 56 20.19 24.61 27.60
C THR C 56 18.92 25.09 28.29
N ASP C 57 17.91 25.46 27.50
CA ASP C 57 16.65 25.93 28.04
C ASP C 57 15.72 24.78 28.41
N PHE C 58 16.19 23.55 28.24
CA PHE C 58 15.36 22.38 28.45
C PHE C 58 16.03 21.32 29.32
N LYS C 59 17.35 21.40 29.46
CA LYS C 59 18.10 20.40 30.21
C LYS C 59 17.55 20.23 31.62
N ASP C 60 16.87 19.10 31.84
CA ASP C 60 16.38 18.73 33.16
C ASP C 60 15.42 19.77 33.73
N LYS C 61 14.77 20.52 32.84
CA LYS C 61 13.81 21.54 33.26
C LYS C 61 12.40 20.97 33.32
N ILE C 62 11.46 21.80 33.77
CA ILE C 62 10.05 21.44 33.75
C ILE C 62 9.36 22.21 32.63
N VAL C 63 8.55 21.52 31.83
CA VAL C 63 7.96 22.10 30.63
C VAL C 63 6.45 21.93 30.62
N LEU C 64 5.76 22.94 30.08
CA LEU C 64 4.31 22.85 29.88
C LEU C 64 3.99 22.92 28.39
N ASP C 65 3.28 21.91 27.91
CA ASP C 65 2.87 21.85 26.51
C ASP C 65 1.38 22.15 26.38
N VAL C 66 1.05 23.38 25.99
CA VAL C 66 -0.32 23.79 25.82
C VAL C 66 -0.82 23.35 24.45
N GLY C 67 -1.91 22.59 24.43
CA GLY C 67 -2.43 22.04 23.19
C GLY C 67 -1.40 21.14 22.51
N CYS C 68 -1.01 20.09 23.22
CA CYS C 68 0.06 19.21 22.75
C CYS C 68 -0.33 18.44 21.49
N GLY C 69 -1.64 18.35 21.23
CA GLY C 69 -2.13 17.60 20.10
C GLY C 69 -1.74 16.14 20.17
N SER C 70 -1.00 15.68 19.17
CA SER C 70 -0.48 14.31 19.17
C SER C 70 0.64 14.16 20.20
N GLY C 71 1.13 15.30 20.70
CA GLY C 71 2.18 15.30 21.70
C GLY C 71 3.58 15.46 21.13
N ILE C 72 3.64 15.82 19.86
CA ILE C 72 4.92 15.89 19.14
C ILE C 72 5.90 16.82 19.85
N LEU C 73 5.42 17.95 20.35
CA LEU C 73 6.29 18.94 20.96
C LEU C 73 6.86 18.44 22.29
N SER C 74 6.07 17.66 23.02
CA SER C 74 6.51 17.11 24.30
C SER C 74 7.70 16.18 24.08
N PHE C 75 7.64 15.38 23.02
CA PHE C 75 8.73 14.46 22.70
C PHE C 75 10.02 15.22 22.37
N PHE C 76 9.87 16.32 21.65
CA PHE C 76 11.02 17.15 21.28
C PHE C 76 11.71 17.70 22.52
N ALA C 77 10.91 18.14 23.49
CA ALA C 77 11.46 18.64 24.75
C ALA C 77 12.18 17.53 25.49
N ALA C 78 11.63 16.33 25.41
CA ALA C 78 12.23 15.16 26.06
C ALA C 78 13.61 14.89 25.45
N GLN C 79 13.71 14.98 24.13
CA GLN C 79 14.98 14.79 23.44
C GLN C 79 16.02 15.78 23.95
N ALA C 80 15.57 16.95 24.38
CA ALA C 80 16.46 18.00 24.86
C ALA C 80 16.87 17.75 26.32
N GLY C 81 16.29 16.72 26.93
CA GLY C 81 16.68 16.33 28.27
C GLY C 81 15.83 16.92 29.38
N ALA C 82 14.59 17.26 29.05
CA ALA C 82 13.67 17.80 30.05
C ALA C 82 13.41 16.79 31.15
N ARG C 83 13.18 17.27 32.37
CA ARG C 83 12.93 16.40 33.50
C ARG C 83 11.47 15.96 33.50
N LYS C 84 10.57 16.92 33.46
CA LYS C 84 9.14 16.65 33.44
C LYS C 84 8.43 17.54 32.42
N ILE C 85 7.43 16.98 31.76
CA ILE C 85 6.68 17.71 30.74
C ILE C 85 5.19 17.52 30.99
N TYR C 86 4.49 18.62 31.24
CA TYR C 86 3.04 18.59 31.40
C TYR C 86 2.39 18.90 30.07
N ALA C 87 1.72 17.90 29.50
CA ALA C 87 1.11 18.04 28.19
C ALA C 87 -0.41 18.09 28.29
N VAL C 88 -0.97 19.25 27.98
CA VAL C 88 -2.41 19.48 28.13
C VAL C 88 -3.11 19.39 26.78
N GLU C 89 -4.28 18.75 26.77
CA GLU C 89 -5.06 18.59 25.54
C GLU C 89 -6.54 18.41 25.86
N ALA C 90 -7.37 19.29 25.31
CA ALA C 90 -8.79 19.31 25.64
C ALA C 90 -9.62 18.38 24.77
N SER C 91 -9.13 18.09 23.56
CA SER C 91 -9.87 17.21 22.65
C SER C 91 -9.61 15.75 22.98
N THR C 92 -10.23 14.85 22.21
CA THR C 92 -10.07 13.42 22.42
C THR C 92 -8.73 12.92 21.88
N MET C 93 -7.95 13.83 21.28
CA MET C 93 -6.61 13.50 20.82
C MET C 93 -5.72 13.18 22.02
N ALA C 94 -6.14 13.64 23.20
CA ALA C 94 -5.42 13.37 24.44
C ALA C 94 -5.27 11.86 24.63
N GLN C 95 -6.31 11.12 24.26
CA GLN C 95 -6.30 9.66 24.37
C GLN C 95 -5.12 9.05 23.62
N HIS C 96 -5.00 9.40 22.35
CA HIS C 96 -3.93 8.87 21.50
C HIS C 96 -2.56 9.31 22.00
N ALA C 97 -2.51 10.46 22.65
CA ALA C 97 -1.27 10.95 23.24
C ALA C 97 -0.82 10.02 24.36
N GLU C 98 -1.78 9.55 25.16
CA GLU C 98 -1.49 8.59 26.23
C GLU C 98 -0.70 7.41 25.66
N VAL C 99 -1.17 6.92 24.52
CA VAL C 99 -0.60 5.72 23.91
C VAL C 99 0.83 5.94 23.46
N LEU C 100 1.09 7.07 22.81
CA LEU C 100 2.43 7.35 22.29
C LEU C 100 3.44 7.58 23.40
N VAL C 101 2.96 8.03 24.55
CA VAL C 101 3.82 8.19 25.72
C VAL C 101 4.21 6.81 26.23
N LYS C 102 3.25 5.90 26.27
CA LYS C 102 3.47 4.56 26.77
C LYS C 102 4.42 3.77 25.87
N SER C 103 4.14 3.80 24.57
CA SER C 103 4.92 3.02 23.61
C SER C 103 6.33 3.56 23.45
N ASN C 104 6.52 4.85 23.73
CA ASN C 104 7.84 5.47 23.63
C ASN C 104 8.55 5.47 24.98
N ASN C 105 8.00 4.76 25.96
CA ASN C 105 8.64 4.61 27.26
C ASN C 105 9.01 5.94 27.90
N LEU C 106 8.04 6.84 27.98
CA LEU C 106 8.26 8.15 28.57
C LEU C 106 7.13 8.51 29.53
N THR C 107 6.47 7.49 30.06
CA THR C 107 5.37 7.71 31.01
C THR C 107 5.87 8.35 32.30
N ASP C 108 7.14 8.15 32.61
CA ASP C 108 7.72 8.69 33.84
C ASP C 108 8.23 10.11 33.65
N ARG C 109 8.10 10.65 32.44
CA ARG C 109 8.57 11.99 32.15
C ARG C 109 7.44 12.88 31.62
N ILE C 110 6.60 12.33 30.73
CA ILE C 110 5.52 13.09 30.14
C ILE C 110 4.20 12.73 30.82
N VAL C 111 3.48 13.75 31.27
CA VAL C 111 2.20 13.57 31.96
C VAL C 111 1.10 14.25 31.15
N VAL C 112 0.25 13.45 30.52
CA VAL C 112 -0.83 13.99 29.70
C VAL C 112 -2.00 14.38 30.59
N ILE C 113 -2.61 15.52 30.30
CA ILE C 113 -3.71 16.05 31.09
C ILE C 113 -4.89 16.38 30.18
N PRO C 114 -5.98 15.60 30.24
CA PRO C 114 -7.15 15.93 29.42
C PRO C 114 -7.97 17.08 29.97
N GLY C 115 -8.16 18.13 29.16
CA GLY C 115 -8.93 19.29 29.58
C GLY C 115 -8.36 20.61 29.09
N LYS C 116 -9.10 21.69 29.29
CA LYS C 116 -8.65 23.02 28.89
C LYS C 116 -7.62 23.56 29.88
N VAL C 117 -6.54 24.14 29.36
CA VAL C 117 -5.44 24.63 30.19
C VAL C 117 -5.93 25.61 31.25
N GLU C 118 -7.01 26.31 30.95
CA GLU C 118 -7.58 27.28 31.89
C GLU C 118 -8.62 26.64 32.79
N GLU C 119 -8.76 25.32 32.71
CA GLU C 119 -9.71 24.59 33.53
C GLU C 119 -9.02 23.46 34.28
N VAL C 120 -8.00 22.85 33.67
CA VAL C 120 -7.28 21.77 34.29
C VAL C 120 -6.62 22.24 35.58
N SER C 121 -6.25 21.30 36.43
CA SER C 121 -5.57 21.61 37.67
C SER C 121 -4.11 21.20 37.59
N LEU C 122 -3.21 22.19 37.48
CA LEU C 122 -1.79 21.90 37.41
C LEU C 122 -1.20 21.92 38.81
N PRO C 123 -0.29 20.98 39.11
CA PRO C 123 0.21 20.89 40.49
C PRO C 123 1.61 21.44 40.70
N GLU C 124 2.23 21.99 39.66
CA GLU C 124 3.60 22.51 39.79
C GLU C 124 3.84 23.69 38.85
N GLN C 125 4.88 24.47 39.17
CA GLN C 125 5.31 25.57 38.31
C GLN C 125 6.34 25.05 37.30
N VAL C 126 6.45 25.73 36.16
CA VAL C 126 7.32 25.26 35.09
C VAL C 126 8.38 26.30 34.76
N ASP C 127 9.40 25.87 34.01
CA ASP C 127 10.49 26.74 33.61
C ASP C 127 10.27 27.32 32.22
N ILE C 128 9.41 26.69 31.43
CA ILE C 128 9.19 27.10 30.05
C ILE C 128 7.88 26.53 29.53
N ILE C 129 7.21 27.29 28.67
CA ILE C 129 5.95 26.87 28.06
C ILE C 129 6.13 26.73 26.56
N ILE C 130 5.68 25.60 26.03
CA ILE C 130 5.76 25.33 24.59
C ILE C 130 4.36 25.15 24.03
N SER C 131 4.15 25.55 22.78
CA SER C 131 2.84 25.45 22.16
C SER C 131 2.84 25.82 20.68
N GLU C 132 1.77 25.41 20.00
CA GLU C 132 1.49 25.84 18.65
C GLU C 132 0.12 26.49 18.62
N PRO C 133 0.06 27.81 18.89
CA PRO C 133 -1.22 28.50 18.90
C PRO C 133 -1.50 29.31 17.62
N MET C 134 -0.50 29.45 16.76
CA MET C 134 -0.67 30.26 15.55
C MET C 134 -1.71 29.67 14.60
N GLY C 135 -2.69 30.49 14.26
CA GLY C 135 -3.66 30.15 13.22
C GLY C 135 -3.48 31.06 12.03
N TYR C 136 -4.45 31.05 11.11
CA TYR C 136 -4.42 31.98 9.99
C TYR C 136 -4.28 33.40 10.54
N MET C 137 -3.39 34.18 9.93
CA MET C 137 -3.12 35.53 10.42
C MET C 137 -2.67 35.49 11.88
N LEU C 138 -2.03 34.40 12.27
CA LEU C 138 -1.49 34.24 13.62
C LEU C 138 -2.57 34.12 14.70
N PHE C 139 -3.52 35.05 14.71
CA PHE C 139 -4.46 35.18 15.81
C PHE C 139 -5.69 34.28 15.68
N ASN C 140 -6.01 33.85 14.47
CA ASN C 140 -7.18 32.99 14.26
C ASN C 140 -7.13 31.79 15.20
N GLU C 141 -8.31 31.32 15.62
CA GLU C 141 -8.47 30.26 16.61
C GLU C 141 -8.42 30.82 18.04
N ARG C 142 -7.82 32.00 18.20
CA ARG C 142 -7.71 32.65 19.50
C ARG C 142 -7.05 31.74 20.53
N MET C 143 -6.32 30.73 20.08
CA MET C 143 -5.60 29.86 20.99
C MET C 143 -4.42 30.61 21.59
N LEU C 144 -4.05 31.71 20.95
CA LEU C 144 -2.95 32.53 21.41
C LEU C 144 -3.24 33.14 22.79
N GLU C 145 -4.49 33.05 23.23
CA GLU C 145 -4.90 33.56 24.53
C GLU C 145 -4.74 32.49 25.60
N SER C 146 -4.97 31.23 25.23
CA SER C 146 -4.75 30.13 26.15
C SER C 146 -3.26 30.01 26.44
N TYR C 147 -2.46 30.28 25.43
CA TYR C 147 -1.01 30.25 25.55
C TYR C 147 -0.52 31.27 26.58
N LEU C 148 -1.11 32.45 26.56
CA LEU C 148 -0.76 33.50 27.52
C LEU C 148 -1.37 33.22 28.89
N HIS C 149 -2.54 32.59 28.89
CA HIS C 149 -3.22 32.24 30.13
C HIS C 149 -2.39 31.24 30.94
N ALA C 150 -1.64 30.40 30.23
CA ALA C 150 -0.85 29.35 30.88
C ALA C 150 0.36 29.94 31.63
N LYS C 151 0.62 31.23 31.43
CA LYS C 151 1.75 31.87 32.10
C LYS C 151 1.53 31.98 33.61
N LYS C 152 0.34 31.63 34.08
CA LYS C 152 0.06 31.61 35.50
C LYS C 152 0.81 30.46 36.17
N TYR C 153 1.18 29.45 35.37
CA TYR C 153 1.97 28.33 35.86
C TYR C 153 3.46 28.54 35.63
N LEU C 154 3.82 29.67 35.02
CA LEU C 154 5.20 29.93 34.65
C LEU C 154 5.97 30.63 35.76
N LYS C 155 7.14 30.11 36.08
CA LYS C 155 8.04 30.75 37.04
C LYS C 155 8.54 32.08 36.47
N PRO C 156 8.67 33.11 37.31
CA PRO C 156 9.24 34.36 36.81
C PRO C 156 10.61 34.13 36.16
N SER C 157 10.93 34.91 35.14
CA SER C 157 12.19 34.79 34.41
C SER C 157 12.18 33.59 33.46
N GLY C 158 11.11 32.83 33.47
CA GLY C 158 10.97 31.70 32.57
C GLY C 158 10.95 32.14 31.11
N ASN C 159 10.86 31.19 30.20
CA ASN C 159 10.87 31.49 28.78
C ASN C 159 9.61 30.94 28.11
N MET C 160 9.41 31.30 26.85
CA MET C 160 8.26 30.82 26.10
C MET C 160 8.63 30.50 24.65
N PHE C 161 8.17 29.36 24.17
CA PHE C 161 8.46 28.90 22.81
C PHE C 161 7.16 28.67 22.04
N PRO C 162 6.83 29.55 21.08
CA PRO C 162 7.57 30.74 20.63
C PRO C 162 7.55 31.88 21.64
N THR C 163 8.45 32.84 21.47
CA THR C 163 8.61 33.94 22.41
C THR C 163 7.90 35.19 21.91
N ILE C 164 8.00 35.46 20.62
CA ILE C 164 7.33 36.61 20.02
C ILE C 164 6.61 36.22 18.74
N GLY C 165 5.70 37.08 18.31
CA GLY C 165 4.97 36.87 17.06
C GLY C 165 4.85 38.15 16.27
N ASP C 166 5.20 38.09 14.99
CA ASP C 166 5.13 39.26 14.12
C ASP C 166 4.08 39.06 13.04
N VAL C 167 3.26 40.09 12.83
CA VAL C 167 2.31 40.10 11.72
C VAL C 167 2.75 41.16 10.72
N HIS C 168 2.73 40.81 9.44
CA HIS C 168 3.19 41.72 8.40
C HIS C 168 2.04 42.12 7.46
N LEU C 169 1.92 43.42 7.23
CA LEU C 169 0.86 43.97 6.39
C LEU C 169 1.47 44.69 5.19
N ALA C 170 0.94 44.42 4.02
CA ALA C 170 1.38 45.11 2.81
C ALA C 170 0.23 45.27 1.83
N PRO C 171 0.16 46.43 1.15
CA PRO C 171 -0.87 46.59 0.13
C PRO C 171 -0.52 45.82 -1.14
N PHE C 172 -1.52 45.18 -1.76
CA PHE C 172 -1.28 44.42 -2.98
C PHE C 172 -2.18 44.88 -4.10
N THR C 173 -1.77 44.59 -5.32
CA THR C 173 -2.60 44.82 -6.50
C THR C 173 -2.83 43.47 -7.19
N ASP C 174 -4.10 43.09 -7.32
CA ASP C 174 -4.47 41.86 -8.00
C ASP C 174 -5.81 42.06 -8.70
N GLU C 175 -5.74 42.49 -9.96
CA GLU C 175 -6.94 42.79 -10.73
C GLU C 175 -7.81 41.54 -10.91
N GLN C 176 -7.15 40.40 -11.08
CA GLN C 176 -7.86 39.13 -11.30
C GLN C 176 -8.63 38.71 -10.06
N LEU C 177 -8.01 38.85 -8.89
CA LEU C 177 -8.65 38.47 -7.63
C LEU C 177 -9.85 39.36 -7.34
N TYR C 178 -9.73 40.63 -7.65
CA TYR C 178 -10.80 41.59 -7.38
C TYR C 178 -11.96 41.37 -8.34
N MET C 179 -11.66 41.06 -9.60
CA MET C 179 -12.69 40.85 -10.60
C MET C 179 -13.48 39.57 -10.32
N GLU C 180 -12.79 38.57 -9.77
CA GLU C 180 -13.41 37.27 -9.48
C GLU C 180 -14.68 37.41 -8.64
N GLN C 181 -14.65 38.32 -7.68
CA GLN C 181 -15.76 38.50 -6.75
C GLN C 181 -17.03 38.91 -7.50
N PHE C 182 -16.86 39.73 -8.53
CA PHE C 182 -18.00 40.22 -9.29
C PHE C 182 -18.48 39.20 -10.32
N THR C 183 -17.55 38.48 -10.93
CA THR C 183 -17.91 37.44 -11.87
C THR C 183 -18.76 36.38 -11.18
N LYS C 184 -18.41 36.09 -9.92
CA LYS C 184 -19.17 35.13 -9.13
C LYS C 184 -20.53 35.71 -8.72
N ALA C 185 -20.52 36.93 -8.20
CA ALA C 185 -21.74 37.57 -7.71
C ALA C 185 -22.69 37.87 -8.86
N ASN C 186 -22.14 38.09 -10.06
CA ASN C 186 -22.96 38.45 -11.21
C ASN C 186 -23.77 37.27 -11.73
N PHE C 187 -23.59 36.09 -11.14
CA PHE C 187 -24.49 34.98 -11.40
C PHE C 187 -25.92 35.39 -11.05
N TRP C 188 -26.05 36.20 -10.00
CA TRP C 188 -27.35 36.64 -9.54
C TRP C 188 -27.92 37.76 -10.42
N TYR C 189 -27.07 38.37 -11.24
CA TYR C 189 -27.51 39.48 -12.07
C TYR C 189 -28.03 39.01 -13.42
N GLN C 190 -29.09 38.21 -13.38
CA GLN C 190 -29.79 37.80 -14.59
C GLN C 190 -31.30 37.84 -14.31
N PRO C 191 -32.09 38.26 -15.30
CA PRO C 191 -33.53 38.49 -15.04
C PRO C 191 -34.39 37.23 -15.07
N SER C 192 -33.91 36.16 -15.69
CA SER C 192 -34.72 34.95 -15.79
C SER C 192 -33.90 33.68 -15.64
N PHE C 193 -33.53 33.38 -14.40
CA PHE C 193 -32.95 32.08 -14.09
C PHE C 193 -34.10 31.09 -13.90
N HIS C 194 -34.38 30.32 -14.95
CA HIS C 194 -35.50 29.39 -14.94
C HIS C 194 -36.78 30.15 -14.60
N GLY C 195 -36.93 31.34 -15.16
CA GLY C 195 -38.13 32.14 -14.99
C GLY C 195 -38.14 33.01 -13.75
N VAL C 196 -37.00 33.09 -13.07
CA VAL C 196 -36.91 33.86 -11.83
C VAL C 196 -35.89 34.98 -11.99
N ASP C 197 -36.24 36.15 -11.46
CA ASP C 197 -35.36 37.31 -11.49
C ASP C 197 -34.52 37.35 -10.21
N LEU C 198 -33.23 37.12 -10.36
CA LEU C 198 -32.33 37.04 -9.20
C LEU C 198 -31.62 38.36 -8.92
N SER C 199 -31.84 39.34 -9.79
CA SER C 199 -31.10 40.61 -9.76
C SER C 199 -31.00 41.21 -8.36
N ALA C 200 -32.09 41.12 -7.60
CA ALA C 200 -32.20 41.84 -6.34
C ALA C 200 -31.22 41.35 -5.27
N LEU C 201 -30.62 40.19 -5.48
CA LEU C 201 -29.69 39.63 -4.50
C LEU C 201 -28.23 39.80 -4.88
N ARG C 202 -27.97 40.46 -6.02
CA ARG C 202 -26.61 40.65 -6.49
C ARG C 202 -25.76 41.40 -5.46
N GLY C 203 -26.29 42.50 -4.95
CA GLY C 203 -25.60 43.28 -3.94
C GLY C 203 -25.23 42.46 -2.71
N ALA C 204 -26.18 41.66 -2.24
CA ALA C 204 -25.95 40.81 -1.07
C ALA C 204 -24.83 39.81 -1.36
N ALA C 205 -24.80 39.28 -2.58
CA ALA C 205 -23.79 38.32 -2.98
C ALA C 205 -22.40 38.96 -2.96
N VAL C 206 -22.29 40.18 -3.48
CA VAL C 206 -21.03 40.90 -3.52
C VAL C 206 -20.48 41.09 -2.11
N ASP C 207 -21.31 41.62 -1.21
CA ASP C 207 -20.91 41.86 0.16
C ASP C 207 -20.41 40.57 0.79
N GLU C 208 -21.13 39.49 0.56
CA GLU C 208 -20.81 38.20 1.15
C GLU C 208 -19.40 37.74 0.74
N TYR C 209 -19.08 37.86 -0.54
CA TYR C 209 -17.78 37.43 -1.04
C TYR C 209 -16.66 38.29 -0.48
N PHE C 210 -16.91 39.59 -0.34
CA PHE C 210 -15.88 40.52 0.12
C PHE C 210 -15.61 40.40 1.61
N ARG C 211 -16.52 39.77 2.35
CA ARG C 211 -16.32 39.55 3.77
C ARG C 211 -15.42 38.35 4.04
N GLN C 212 -15.02 37.65 2.99
CA GLN C 212 -14.19 36.46 3.12
C GLN C 212 -12.71 36.75 2.86
N PRO C 213 -11.87 36.67 3.90
CA PRO C 213 -10.43 36.75 3.63
C PRO C 213 -9.99 35.62 2.71
N VAL C 214 -9.09 35.91 1.79
CA VAL C 214 -8.65 34.90 0.82
C VAL C 214 -7.38 34.22 1.31
N VAL C 215 -7.45 32.91 1.49
CA VAL C 215 -6.30 32.13 1.92
C VAL C 215 -5.68 31.43 0.70
N ASP C 216 -4.51 31.91 0.30
CA ASP C 216 -3.73 31.27 -0.75
C ASP C 216 -2.36 31.95 -0.80
N THR C 217 -1.57 31.64 -1.82
CA THR C 217 -0.25 32.26 -1.96
C THR C 217 -0.23 33.16 -3.20
N PHE C 218 0.87 33.88 -3.38
CA PHE C 218 0.97 34.83 -4.47
C PHE C 218 2.41 35.25 -4.72
N ASP C 219 2.66 35.78 -5.91
CA ASP C 219 3.97 36.32 -6.27
C ASP C 219 4.22 37.59 -5.46
N ILE C 220 5.47 37.79 -5.02
CA ILE C 220 5.83 38.94 -4.21
C ILE C 220 5.66 40.24 -5.02
N ARG C 221 5.63 40.13 -6.34
CA ARG C 221 5.61 41.29 -7.22
C ARG C 221 4.30 42.09 -7.14
N ILE C 222 3.25 41.51 -6.55
CA ILE C 222 1.98 42.21 -6.44
C ILE C 222 2.01 43.19 -5.27
N LEU C 223 2.95 42.99 -4.35
CA LEU C 223 3.08 43.87 -3.18
C LEU C 223 3.59 45.24 -3.61
N MET C 224 2.87 46.29 -3.24
CA MET C 224 3.14 47.63 -3.75
C MET C 224 3.83 48.54 -2.72
N ALA C 225 4.28 47.96 -1.61
CA ALA C 225 4.97 48.73 -0.59
C ALA C 225 5.56 47.82 0.47
N LYS C 226 6.68 48.22 1.06
CA LYS C 226 7.31 47.44 2.11
C LYS C 226 6.31 47.25 3.24
N SER C 227 6.37 46.09 3.89
CA SER C 227 5.37 45.73 4.87
C SER C 227 5.50 46.50 6.17
N VAL C 228 4.40 46.64 6.89
CA VAL C 228 4.40 47.14 8.25
C VAL C 228 4.40 45.93 9.17
N LYS C 229 4.97 46.07 10.36
CA LYS C 229 5.08 44.95 11.29
C LYS C 229 4.46 45.27 12.65
N TYR C 230 3.65 44.33 13.13
CA TYR C 230 3.07 44.44 14.48
C TYR C 230 3.51 43.24 15.31
N THR C 231 4.25 43.50 16.38
CA THR C 231 4.83 42.44 17.19
C THR C 231 4.02 42.16 18.46
N VAL C 232 3.92 40.88 18.80
CA VAL C 232 3.32 40.47 20.06
C VAL C 232 4.39 39.73 20.88
N ASN C 233 4.80 40.33 21.99
CA ASN C 233 5.75 39.69 22.88
C ASN C 233 5.01 38.82 23.88
N PHE C 234 5.14 37.50 23.72
CA PHE C 234 4.37 36.55 24.52
C PHE C 234 4.85 36.49 25.97
N LEU C 235 6.00 37.08 26.25
CA LEU C 235 6.50 37.15 27.62
C LEU C 235 5.97 38.39 28.34
N GLU C 236 5.70 39.45 27.59
CA GLU C 236 5.34 40.75 28.16
C GLU C 236 3.87 41.11 27.93
N ALA C 237 3.02 40.12 27.65
CA ALA C 237 1.64 40.41 27.27
C ALA C 237 0.61 39.60 28.06
N LYS C 238 -0.54 40.23 28.30
CA LYS C 238 -1.69 39.56 28.90
C LYS C 238 -2.64 39.11 27.78
N GLU C 239 -3.49 38.13 28.09
CA GLU C 239 -4.42 37.61 27.09
C GLU C 239 -5.43 38.66 26.67
N GLY C 240 -5.71 39.61 27.56
CA GLY C 240 -6.63 40.69 27.27
C GLY C 240 -6.14 41.59 26.15
N ASP C 241 -4.82 41.64 25.98
CA ASP C 241 -4.21 42.47 24.94
C ASP C 241 -4.64 42.04 23.54
N LEU C 242 -5.14 40.82 23.42
CA LEU C 242 -5.46 40.24 22.12
C LEU C 242 -6.95 40.36 21.77
N HIS C 243 -7.77 40.69 22.77
CA HIS C 243 -9.20 40.88 22.53
C HIS C 243 -9.42 41.99 21.51
N ARG C 244 -8.54 42.98 21.54
CA ARG C 244 -8.61 44.12 20.62
C ARG C 244 -7.21 44.45 20.13
N ILE C 245 -6.94 44.15 18.87
CA ILE C 245 -5.62 44.36 18.30
C ILE C 245 -5.69 45.47 17.26
N GLU C 246 -5.10 46.62 17.58
CA GLU C 246 -5.10 47.77 16.69
C GLU C 246 -3.76 47.90 15.98
N ILE C 247 -3.79 47.82 14.66
CA ILE C 247 -2.58 47.93 13.86
C ILE C 247 -2.67 49.13 12.93
N PRO C 248 -2.17 50.30 13.38
CA PRO C 248 -2.12 51.43 12.45
C PRO C 248 -1.04 51.22 11.40
N PHE C 249 -1.33 51.58 10.15
CA PHE C 249 -0.34 51.42 9.08
C PHE C 249 -0.18 52.69 8.28
N LYS C 250 0.93 52.78 7.57
CA LYS C 250 1.26 53.95 6.76
C LYS C 250 2.26 53.53 5.69
N PHE C 251 1.75 53.18 4.52
CA PHE C 251 2.58 52.66 3.45
C PHE C 251 3.01 53.75 2.48
N HIS C 252 4.28 53.72 2.10
CA HIS C 252 4.79 54.60 1.07
C HIS C 252 4.90 53.82 -0.24
N MET C 253 4.04 54.17 -1.19
CA MET C 253 3.85 53.35 -2.38
C MET C 253 5.07 53.33 -3.30
N LEU C 254 5.60 52.12 -3.52
CA LEU C 254 6.68 51.92 -4.47
C LEU C 254 6.19 52.20 -5.89
N HIS C 255 5.38 51.28 -6.40
CA HIS C 255 4.88 51.37 -7.76
C HIS C 255 3.55 52.11 -7.80
N SER C 256 3.29 52.78 -8.92
CA SER C 256 2.03 53.50 -9.10
C SER C 256 0.96 52.57 -9.66
N GLY C 257 -0.22 52.57 -9.03
CA GLY C 257 -1.32 51.74 -9.49
C GLY C 257 -2.48 51.65 -8.51
N LEU C 258 -3.32 50.66 -8.71
CA LEU C 258 -4.49 50.45 -7.86
C LEU C 258 -4.17 49.44 -6.75
N VAL C 259 -4.58 49.76 -5.53
CA VAL C 259 -4.44 48.86 -4.40
C VAL C 259 -5.78 48.19 -4.13
N HIS C 260 -5.79 46.86 -4.20
CA HIS C 260 -7.03 46.10 -4.05
C HIS C 260 -7.23 45.59 -2.64
N GLY C 261 -6.20 45.67 -1.80
CA GLY C 261 -6.33 45.25 -0.42
C GLY C 261 -5.00 45.08 0.30
N LEU C 262 -5.04 44.39 1.43
CA LEU C 262 -3.86 44.17 2.26
C LEU C 262 -3.51 42.69 2.34
N ALA C 263 -2.22 42.38 2.24
CA ALA C 263 -1.74 41.01 2.35
C ALA C 263 -1.21 40.76 3.76
N PHE C 264 -1.51 39.57 4.30
CA PHE C 264 -1.14 39.24 5.66
C PHE C 264 -0.27 37.98 5.71
N TRP C 265 0.73 38.00 6.60
CA TRP C 265 1.49 36.80 6.93
C TRP C 265 2.19 37.07 8.25
N PHE C 266 2.70 36.03 8.90
CA PHE C 266 3.26 36.18 10.23
C PHE C 266 4.56 35.41 10.43
N ASP C 267 5.32 35.85 11.43
CA ASP C 267 6.52 35.15 11.86
C ASP C 267 6.46 34.93 13.37
N VAL C 268 7.11 33.87 13.84
CA VAL C 268 7.27 33.64 15.26
C VAL C 268 8.73 33.30 15.52
N ALA C 269 9.24 33.72 16.67
CA ALA C 269 10.64 33.49 17.00
C ALA C 269 10.77 32.76 18.32
N PHE C 270 11.77 31.88 18.41
CA PHE C 270 12.06 31.13 19.63
C PHE C 270 13.36 31.66 20.24
N ILE C 271 13.22 32.62 21.14
CA ILE C 271 14.38 33.25 21.76
C ILE C 271 14.93 32.37 22.86
N GLY C 272 15.91 31.54 22.52
CA GLY C 272 16.54 30.66 23.47
C GLY C 272 17.86 31.21 24.00
N SER C 273 18.42 30.53 24.99
CA SER C 273 19.66 30.97 25.61
C SER C 273 20.84 30.86 24.64
N ILE C 274 20.75 29.91 23.72
CA ILE C 274 21.81 29.70 22.74
C ILE C 274 21.62 30.60 21.53
N MET C 275 20.46 30.48 20.88
CA MET C 275 20.18 31.25 19.67
C MET C 275 18.69 31.45 19.47
N THR C 276 18.35 32.39 18.58
CA THR C 276 16.95 32.65 18.22
C THR C 276 16.64 31.97 16.89
N VAL C 277 15.51 31.25 16.85
CA VAL C 277 15.11 30.54 15.65
C VAL C 277 13.78 31.13 15.14
N TRP C 278 13.71 31.34 13.84
CA TRP C 278 12.55 31.95 13.22
C TRP C 278 11.72 30.97 12.41
N LEU C 279 10.41 30.98 12.64
CA LEU C 279 9.47 30.25 11.80
C LEU C 279 8.66 31.26 11.01
N SER C 280 8.93 31.36 9.71
CA SER C 280 8.32 32.38 8.87
C SER C 280 7.33 31.79 7.87
N THR C 281 6.23 32.50 7.67
CA THR C 281 5.22 32.12 6.68
C THR C 281 5.13 33.18 5.59
N ALA C 282 6.19 33.96 5.42
CA ALA C 282 6.23 35.01 4.41
C ALA C 282 6.18 34.41 3.00
N PRO C 283 5.68 35.20 2.03
CA PRO C 283 5.64 34.73 0.64
C PRO C 283 7.04 34.58 0.04
N THR C 284 8.04 35.17 0.69
CA THR C 284 9.42 35.03 0.27
C THR C 284 10.02 33.72 0.77
N GLU C 285 9.34 33.09 1.73
CA GLU C 285 9.80 31.83 2.31
C GLU C 285 9.00 30.67 1.74
N PRO C 286 9.54 29.45 1.84
CA PRO C 286 8.80 28.27 1.38
C PRO C 286 7.38 28.21 1.94
N LEU C 287 6.43 27.76 1.13
CA LEU C 287 5.03 27.76 1.53
C LEU C 287 4.78 26.83 2.71
N THR C 288 3.86 27.25 3.58
CA THR C 288 3.47 26.45 4.74
C THR C 288 1.96 26.22 4.68
N HIS C 289 1.45 25.45 5.63
CA HIS C 289 0.01 25.15 5.65
C HIS C 289 -0.80 26.34 6.13
N TRP C 290 -0.11 27.41 6.54
CA TRP C 290 -0.77 28.66 6.89
C TRP C 290 -1.00 29.51 5.64
N TYR C 291 -0.16 29.31 4.63
CA TYR C 291 -0.22 30.12 3.41
C TYR C 291 -0.11 31.60 3.78
N GLN C 292 -0.77 32.45 3.02
CA GLN C 292 -0.92 33.86 3.38
C GLN C 292 -2.41 34.21 3.34
N VAL C 293 -2.75 35.41 3.81
CA VAL C 293 -4.14 35.84 3.82
C VAL C 293 -4.26 37.24 3.22
N ARG C 294 -5.28 37.42 2.38
CA ARG C 294 -5.53 38.71 1.75
C ARG C 294 -6.96 39.18 2.02
N CYS C 295 -7.08 40.47 2.35
CA CYS C 295 -8.38 41.09 2.58
C CYS C 295 -8.59 42.19 1.54
N LEU C 296 -9.62 42.03 0.72
CA LEU C 296 -9.93 42.98 -0.34
C LEU C 296 -10.58 44.25 0.20
N PHE C 297 -10.24 45.39 -0.40
CA PHE C 297 -11.00 46.61 -0.17
C PHE C 297 -12.27 46.55 -0.98
N GLN C 298 -13.35 47.13 -0.47
CA GLN C 298 -14.60 47.20 -1.20
C GLN C 298 -14.38 47.95 -2.50
N SER C 299 -13.58 49.01 -2.44
CA SER C 299 -13.27 49.82 -3.60
C SER C 299 -11.76 50.00 -3.72
N PRO C 300 -11.18 49.72 -4.90
CA PRO C 300 -9.73 49.95 -5.04
C PRO C 300 -9.37 51.42 -4.87
N LEU C 301 -8.16 51.67 -4.39
CA LEU C 301 -7.66 53.02 -4.21
C LEU C 301 -6.49 53.28 -5.14
N PHE C 302 -6.58 54.35 -5.93
CA PHE C 302 -5.50 54.71 -6.84
C PHE C 302 -4.42 55.49 -6.08
N ALA C 303 -3.17 55.13 -6.31
CA ALA C 303 -2.05 55.79 -5.64
C ALA C 303 -0.90 56.03 -6.61
N LYS C 304 -0.24 57.18 -6.44
CA LYS C 304 0.94 57.51 -7.23
C LYS C 304 2.18 56.97 -6.54
N ALA C 305 3.24 56.74 -7.30
CA ALA C 305 4.52 56.37 -6.72
C ALA C 305 5.05 57.53 -5.90
N GLY C 306 4.90 57.44 -4.58
CA GLY C 306 5.28 58.52 -3.69
C GLY C 306 4.18 58.84 -2.71
N ASP C 307 2.93 58.62 -3.12
CA ASP C 307 1.79 58.82 -2.26
C ASP C 307 1.89 57.93 -1.02
N THR C 308 1.10 58.23 -0.01
CA THR C 308 1.12 57.46 1.23
C THR C 308 -0.26 56.89 1.54
N LEU C 309 -0.31 55.56 1.70
CA LEU C 309 -1.54 54.87 2.04
C LEU C 309 -1.61 54.65 3.54
N SER C 310 -2.42 55.46 4.22
CA SER C 310 -2.54 55.37 5.68
C SER C 310 -3.88 54.81 6.08
N GLY C 311 -3.96 54.31 7.30
CA GLY C 311 -5.18 53.73 7.82
C GLY C 311 -4.90 52.79 8.97
N THR C 312 -5.91 52.06 9.41
CA THR C 312 -5.76 51.14 10.53
C THR C 312 -6.41 49.80 10.23
N CYS C 313 -5.77 48.73 10.70
CA CYS C 313 -6.35 47.40 10.66
C CYS C 313 -6.74 47.01 12.07
N LEU C 314 -8.04 46.92 12.33
CA LEU C 314 -8.54 46.63 13.66
C LEU C 314 -9.10 45.22 13.72
N LEU C 315 -8.55 44.41 14.62
CA LEU C 315 -8.99 43.04 14.82
C LEU C 315 -9.77 42.93 16.13
N ILE C 316 -11.02 42.50 16.04
CA ILE C 316 -11.89 42.41 17.20
C ILE C 316 -12.28 40.95 17.43
N ALA C 317 -11.87 40.42 18.58
CA ALA C 317 -12.17 39.03 18.92
C ALA C 317 -13.67 38.82 19.10
N ASN C 318 -14.17 37.70 18.58
CA ASN C 318 -15.59 37.36 18.73
C ASN C 318 -15.75 36.03 19.46
N LYS C 319 -17.00 35.67 19.75
CA LYS C 319 -17.31 34.47 20.54
C LYS C 319 -17.13 33.18 19.73
N ARG C 320 -16.82 33.31 18.44
CA ARG C 320 -16.64 32.15 17.58
C ARG C 320 -15.17 31.81 17.39
N GLN C 321 -14.39 32.04 18.46
CA GLN C 321 -12.96 31.72 18.46
C GLN C 321 -12.24 32.31 17.24
N SER C 322 -12.62 33.51 16.85
CA SER C 322 -11.99 34.16 15.71
C SER C 322 -12.04 35.68 15.87
N TYR C 323 -11.82 36.39 14.77
CA TYR C 323 -11.76 37.84 14.79
C TYR C 323 -12.60 38.47 13.69
N ASP C 324 -13.26 39.57 14.02
CA ASP C 324 -13.88 40.43 13.01
C ASP C 324 -12.82 41.45 12.57
N ILE C 325 -12.60 41.53 11.27
CA ILE C 325 -11.51 42.36 10.75
C ILE C 325 -12.06 43.63 10.14
N SER C 326 -11.72 44.76 10.74
CA SER C 326 -12.09 46.06 10.20
C SER C 326 -10.86 46.74 9.61
N ILE C 327 -10.92 47.04 8.31
CA ILE C 327 -9.82 47.70 7.64
C ILE C 327 -10.30 49.01 7.03
N VAL C 328 -9.61 50.09 7.36
CA VAL C 328 -9.88 51.39 6.78
C VAL C 328 -8.56 51.97 6.28
N ALA C 329 -8.57 52.49 5.06
CA ALA C 329 -7.35 53.02 4.45
C ALA C 329 -7.70 54.17 3.53
N GLN C 330 -6.76 55.12 3.40
CA GLN C 330 -6.96 56.26 2.52
C GLN C 330 -5.66 56.70 1.87
N VAL C 331 -5.79 57.35 0.71
CA VAL C 331 -4.65 57.99 0.06
C VAL C 331 -4.58 59.42 0.58
N ASP C 332 -3.56 59.71 1.38
CA ASP C 332 -3.43 61.01 2.03
C ASP C 332 -3.41 62.15 1.02
N GLN C 333 -2.70 61.96 -0.09
CA GLN C 333 -2.57 63.01 -1.10
C GLN C 333 -3.89 63.26 -1.83
N THR C 334 -4.75 62.24 -1.88
CA THR C 334 -6.00 62.34 -2.61
C THR C 334 -7.19 62.52 -1.69
N GLY C 335 -7.11 61.94 -0.50
CA GLY C 335 -8.23 61.92 0.42
C GLY C 335 -9.19 60.79 0.11
N SER C 336 -8.92 60.05 -0.96
CA SER C 336 -9.74 58.92 -1.35
C SER C 336 -9.60 57.80 -0.31
N LYS C 337 -10.73 57.39 0.25
CA LYS C 337 -10.74 56.38 1.30
C LYS C 337 -11.59 55.18 0.91
N SER C 338 -11.20 54.01 1.41
CA SER C 338 -11.99 52.80 1.27
C SER C 338 -11.90 52.00 2.55
N SER C 339 -12.81 51.04 2.70
CA SER C 339 -12.83 50.22 3.89
C SER C 339 -13.38 48.84 3.57
N ASN C 340 -13.39 47.97 4.56
CA ASN C 340 -14.05 46.68 4.45
C ASN C 340 -14.13 46.02 5.81
N LEU C 341 -15.01 45.04 5.91
CA LEU C 341 -15.18 44.29 7.15
C LEU C 341 -15.22 42.81 6.81
N LEU C 342 -14.39 42.01 7.48
CA LEU C 342 -14.24 40.62 7.11
C LEU C 342 -14.44 39.68 8.29
N ASP C 343 -14.96 38.50 7.98
CA ASP C 343 -15.16 37.45 8.97
C ASP C 343 -14.08 36.40 8.80
N LEU C 344 -13.12 36.40 9.71
CA LEU C 344 -11.95 35.53 9.60
C LEU C 344 -12.28 34.07 9.89
N LYS C 345 -13.45 33.84 10.46
CA LYS C 345 -13.89 32.48 10.76
C LYS C 345 -14.28 31.74 9.48
N ASN C 346 -14.63 32.49 8.44
CA ASN C 346 -15.07 31.92 7.18
C ASN C 346 -14.20 32.40 6.02
N PRO C 347 -12.95 31.91 5.95
CA PRO C 347 -12.07 32.32 4.87
C PRO C 347 -12.31 31.54 3.59
N PHE C 348 -11.98 32.14 2.46
CA PHE C 348 -12.13 31.48 1.16
C PHE C 348 -10.80 30.87 0.75
N PHE C 349 -10.75 29.55 0.68
CA PHE C 349 -9.53 28.84 0.27
C PHE C 349 -9.46 28.77 -1.25
N ARG C 350 -8.55 29.53 -1.81
CA ARG C 350 -8.49 29.77 -3.25
C ARG C 350 -7.39 28.94 -3.92
N TYR C 351 -6.50 28.36 -3.12
CA TYR C 351 -5.40 27.56 -3.66
C TYR C 351 -5.92 26.33 -4.37
N VAL D 11 -38.80 18.91 19.33
CA VAL D 11 -38.76 17.77 18.43
C VAL D 11 -37.42 17.75 17.70
N PHE D 12 -37.29 18.63 16.70
CA PHE D 12 -36.03 18.76 15.97
C PHE D 12 -34.88 18.99 16.95
N SER D 13 -35.17 19.71 18.02
CA SER D 13 -34.16 20.07 19.02
C SER D 13 -33.68 18.85 19.80
N GLU D 14 -34.57 17.86 19.97
CA GLU D 14 -34.25 16.70 20.78
C GLU D 14 -33.50 15.64 19.97
N ARG D 15 -33.72 15.63 18.65
CA ARG D 15 -33.02 14.69 17.77
C ARG D 15 -31.75 15.31 17.18
N THR D 16 -31.42 16.52 17.63
CA THR D 16 -30.30 17.26 17.07
C THR D 16 -29.54 18.03 18.14
N GLU D 17 -28.22 17.83 18.17
CA GLU D 17 -27.35 18.63 19.04
C GLU D 17 -27.35 20.07 18.55
N GLU D 18 -27.48 21.01 19.49
CA GLU D 18 -27.52 22.42 19.14
C GLU D 18 -26.31 22.80 18.29
N SER D 19 -25.13 22.31 18.69
CA SER D 19 -23.88 22.60 17.99
C SER D 19 -23.99 22.27 16.50
N SER D 20 -24.58 21.13 16.18
CA SER D 20 -24.72 20.70 14.79
C SER D 20 -25.74 21.57 14.06
N ALA D 21 -26.81 21.93 14.75
CA ALA D 21 -27.89 22.72 14.15
C ALA D 21 -27.41 24.12 13.80
N VAL D 22 -26.61 24.71 14.67
CA VAL D 22 -26.09 26.06 14.46
C VAL D 22 -25.27 26.10 13.17
N GLN D 23 -24.21 25.31 13.14
CA GLN D 23 -23.33 25.24 11.97
C GLN D 23 -24.12 24.88 10.71
N TYR D 24 -25.17 24.08 10.90
CA TYR D 24 -25.97 23.59 9.77
C TYR D 24 -26.75 24.72 9.10
N PHE D 25 -27.53 25.46 9.87
CA PHE D 25 -28.34 26.54 9.32
C PHE D 25 -27.50 27.77 9.03
N GLN D 26 -26.28 27.80 9.56
CA GLN D 26 -25.32 28.84 9.23
C GLN D 26 -24.76 28.59 7.83
N PHE D 27 -24.58 27.31 7.51
CA PHE D 27 -24.06 26.91 6.21
C PHE D 27 -25.01 27.30 5.09
N TYR D 28 -26.31 27.15 5.32
CA TYR D 28 -27.31 27.42 4.29
C TYR D 28 -27.76 28.89 4.29
N GLY D 29 -27.07 29.72 5.07
CA GLY D 29 -27.33 31.15 5.07
C GLY D 29 -26.50 31.87 4.03
N TYR D 30 -25.56 31.15 3.41
CA TYR D 30 -24.67 31.74 2.43
C TYR D 30 -25.24 31.63 1.02
N LEU D 31 -25.15 32.74 0.27
CA LEU D 31 -25.64 32.79 -1.10
C LEU D 31 -24.76 31.95 -2.04
N SER D 32 -23.48 31.81 -1.69
CA SER D 32 -22.55 31.06 -2.51
C SER D 32 -22.96 29.60 -2.60
N GLN D 33 -23.58 29.08 -1.54
CA GLN D 33 -24.04 27.70 -1.52
C GLN D 33 -25.30 27.53 -2.37
N GLN D 34 -26.19 28.52 -2.28
CA GLN D 34 -27.41 28.51 -3.09
C GLN D 34 -27.04 28.52 -4.57
N GLN D 35 -26.05 29.34 -4.93
CA GLN D 35 -25.57 29.40 -6.31
C GLN D 35 -25.04 28.03 -6.74
N ASN D 36 -24.28 27.39 -5.84
CA ASN D 36 -23.70 26.08 -6.13
C ASN D 36 -24.78 25.04 -6.41
N MET D 37 -25.86 25.09 -5.63
CA MET D 37 -26.97 24.16 -5.80
C MET D 37 -27.79 24.49 -7.05
N MET D 38 -27.90 25.78 -7.34
CA MET D 38 -28.72 26.24 -8.47
C MET D 38 -28.02 25.99 -9.80
N GLN D 39 -26.69 25.96 -9.79
CA GLN D 39 -25.92 25.74 -11.01
C GLN D 39 -25.92 24.26 -11.40
N ASP D 40 -26.55 23.42 -10.59
CA ASP D 40 -26.75 22.02 -10.93
C ASP D 40 -27.97 21.90 -11.83
N TYR D 41 -27.78 22.08 -13.13
CA TYR D 41 -28.89 22.15 -14.06
C TYR D 41 -29.66 20.83 -14.13
N VAL D 42 -29.04 19.74 -13.71
CA VAL D 42 -29.72 18.46 -13.61
C VAL D 42 -30.75 18.56 -12.50
N ARG D 43 -30.31 19.04 -11.34
CA ARG D 43 -31.19 19.23 -10.20
C ARG D 43 -32.31 20.21 -10.52
N THR D 44 -31.90 21.43 -10.87
CA THR D 44 -32.85 22.52 -11.09
C THR D 44 -33.80 22.20 -12.25
N GLY D 45 -33.25 21.78 -13.37
CA GLY D 45 -34.05 21.49 -14.55
C GLY D 45 -35.04 20.36 -14.32
N THR D 46 -34.59 19.30 -13.66
CA THR D 46 -35.44 18.15 -13.41
C THR D 46 -36.53 18.51 -12.41
N TYR D 47 -36.17 19.31 -11.41
CA TYR D 47 -37.13 19.76 -10.42
C TYR D 47 -38.21 20.62 -11.06
N GLN D 48 -37.79 21.52 -11.95
CA GLN D 48 -38.75 22.40 -12.64
C GLN D 48 -39.65 21.59 -13.55
N ARG D 49 -39.08 20.58 -14.22
CA ARG D 49 -39.85 19.74 -15.12
C ARG D 49 -40.88 18.93 -14.33
N ALA D 50 -40.46 18.32 -13.24
CA ALA D 50 -41.35 17.49 -12.43
C ALA D 50 -42.58 18.27 -11.97
N ILE D 51 -42.39 19.54 -11.67
CA ILE D 51 -43.46 20.38 -11.15
C ILE D 51 -44.37 20.87 -12.29
N LEU D 52 -43.76 21.31 -13.38
CA LEU D 52 -44.53 21.88 -14.49
C LEU D 52 -45.22 20.81 -15.32
N GLN D 53 -44.57 19.66 -15.49
CA GLN D 53 -45.18 18.55 -16.22
C GLN D 53 -46.44 18.07 -15.52
N ASN D 54 -46.45 18.22 -14.19
CA ASN D 54 -47.59 17.82 -13.38
C ASN D 54 -48.21 19.05 -12.70
N HIS D 55 -48.47 20.08 -13.48
CA HIS D 55 -48.98 21.34 -12.94
C HIS D 55 -50.41 21.21 -12.41
N THR D 56 -51.05 20.08 -12.70
CA THR D 56 -52.39 19.83 -12.21
C THR D 56 -52.37 19.59 -10.70
N ASP D 57 -51.23 19.12 -10.20
CA ASP D 57 -51.07 18.87 -8.78
C ASP D 57 -50.77 20.17 -8.02
N PHE D 58 -50.64 21.27 -8.76
CA PHE D 58 -50.28 22.54 -8.15
C PHE D 58 -51.27 23.65 -8.48
N LYS D 59 -51.86 23.59 -9.67
CA LYS D 59 -52.76 24.64 -10.13
C LYS D 59 -53.87 24.91 -9.14
N ASP D 60 -53.89 26.11 -8.59
CA ASP D 60 -54.90 26.53 -7.62
C ASP D 60 -54.91 25.61 -6.40
N LYS D 61 -53.72 25.20 -5.96
CA LYS D 61 -53.59 24.34 -4.79
C LYS D 61 -52.78 25.02 -3.69
N ILE D 62 -52.76 24.40 -2.51
CA ILE D 62 -52.01 24.92 -1.38
C ILE D 62 -50.71 24.13 -1.27
N VAL D 63 -49.59 24.85 -1.27
CA VAL D 63 -48.27 24.21 -1.31
C VAL D 63 -47.47 24.55 -0.06
N LEU D 64 -46.70 23.59 0.42
CA LEU D 64 -45.75 23.80 1.50
C LEU D 64 -44.34 23.46 1.03
N ASP D 65 -43.47 24.46 1.00
CA ASP D 65 -42.08 24.26 0.63
C ASP D 65 -41.23 24.11 1.88
N VAL D 66 -40.89 22.87 2.22
CA VAL D 66 -40.05 22.60 3.37
C VAL D 66 -38.60 22.80 2.98
N GLY D 67 -38.00 23.88 3.47
CA GLY D 67 -36.65 24.23 3.11
C GLY D 67 -36.58 24.85 1.73
N CYS D 68 -37.17 26.04 1.60
CA CYS D 68 -37.28 26.71 0.32
C CYS D 68 -35.94 27.30 -0.12
N GLY D 69 -35.06 27.56 0.84
CA GLY D 69 -33.78 28.16 0.55
C GLY D 69 -33.95 29.53 -0.07
N SER D 70 -33.38 29.72 -1.26
CA SER D 70 -33.57 30.95 -2.01
C SER D 70 -35.04 31.09 -2.41
N GLY D 71 -35.76 29.96 -2.41
CA GLY D 71 -37.17 29.95 -2.72
C GLY D 71 -37.48 29.41 -4.11
N ILE D 72 -36.47 28.84 -4.75
CA ILE D 72 -36.57 28.45 -6.15
C ILE D 72 -37.75 27.50 -6.38
N LEU D 73 -37.93 26.53 -5.49
CA LEU D 73 -38.99 25.56 -5.65
C LEU D 73 -40.36 26.23 -5.58
N SER D 74 -40.50 27.17 -4.65
CA SER D 74 -41.76 27.89 -4.48
C SER D 74 -42.08 28.70 -5.74
N PHE D 75 -41.06 29.21 -6.41
CA PHE D 75 -41.26 29.95 -7.65
C PHE D 75 -41.77 29.00 -8.73
N PHE D 76 -41.22 27.79 -8.76
CA PHE D 76 -41.68 26.78 -9.70
C PHE D 76 -43.12 26.40 -9.39
N ALA D 77 -43.44 26.26 -8.11
CA ALA D 77 -44.81 25.98 -7.69
C ALA D 77 -45.73 27.12 -8.09
N ALA D 78 -45.21 28.35 -8.07
CA ALA D 78 -45.97 29.51 -8.47
C ALA D 78 -46.22 29.48 -9.98
N GLN D 79 -45.20 29.11 -10.75
CA GLN D 79 -45.32 29.03 -12.19
C GLN D 79 -46.37 27.99 -12.59
N ALA D 80 -46.52 26.94 -11.79
CA ALA D 80 -47.44 25.86 -12.09
C ALA D 80 -48.90 26.28 -11.87
N GLY D 81 -49.10 27.35 -11.10
CA GLY D 81 -50.44 27.90 -10.89
C GLY D 81 -50.96 27.81 -9.47
N ALA D 82 -50.08 27.49 -8.52
CA ALA D 82 -50.49 27.39 -7.13
C ALA D 82 -51.00 28.73 -6.61
N ARG D 83 -52.14 28.70 -5.93
CA ARG D 83 -52.75 29.92 -5.42
C ARG D 83 -51.97 30.48 -4.23
N LYS D 84 -51.57 29.60 -3.33
CA LYS D 84 -50.84 30.00 -2.14
C LYS D 84 -49.72 29.00 -1.86
N ILE D 85 -48.52 29.53 -1.59
CA ILE D 85 -47.37 28.70 -1.30
C ILE D 85 -46.74 29.16 0.01
N TYR D 86 -46.73 28.28 1.00
CA TYR D 86 -46.09 28.57 2.26
C TYR D 86 -44.65 28.07 2.22
N ALA D 87 -43.71 29.00 2.20
CA ALA D 87 -42.30 28.66 2.09
C ALA D 87 -41.61 28.79 3.45
N VAL D 88 -41.27 27.64 4.03
CA VAL D 88 -40.67 27.61 5.35
C VAL D 88 -39.15 27.51 5.24
N GLU D 89 -38.45 28.41 5.94
CA GLU D 89 -36.99 28.40 5.97
C GLU D 89 -36.49 28.83 7.34
N ALA D 90 -35.58 28.04 7.92
CA ALA D 90 -35.06 28.31 9.25
C ALA D 90 -33.85 29.23 9.22
N SER D 91 -33.00 29.08 8.21
CA SER D 91 -31.80 29.89 8.12
C SER D 91 -32.14 31.33 7.74
N THR D 92 -31.13 32.21 7.78
CA THR D 92 -31.32 33.61 7.44
C THR D 92 -31.61 33.79 5.95
N MET D 93 -31.49 32.72 5.18
CA MET D 93 -31.80 32.74 3.76
C MET D 93 -33.26 33.11 3.54
N ALA D 94 -34.08 32.97 4.59
CA ALA D 94 -35.50 33.34 4.53
C ALA D 94 -35.67 34.81 4.16
N GLN D 95 -34.74 35.64 4.64
CA GLN D 95 -34.77 37.08 4.34
C GLN D 95 -34.53 37.32 2.86
N HIS D 96 -33.55 36.60 2.30
CA HIS D 96 -33.22 36.71 0.88
C HIS D 96 -34.36 36.23 0.00
N ALA D 97 -35.04 35.18 0.43
CA ALA D 97 -36.18 34.64 -0.31
C ALA D 97 -37.28 35.68 -0.43
N GLU D 98 -37.62 36.32 0.68
CA GLU D 98 -38.64 37.36 0.69
C GLU D 98 -38.27 38.48 -0.28
N VAL D 99 -36.99 38.81 -0.34
CA VAL D 99 -36.52 39.83 -1.28
C VAL D 99 -36.89 39.44 -2.70
N LEU D 100 -36.62 38.19 -3.06
CA LEU D 100 -36.88 37.71 -4.41
C LEU D 100 -38.38 37.65 -4.68
N VAL D 101 -39.15 37.32 -3.65
CA VAL D 101 -40.60 37.25 -3.78
C VAL D 101 -41.14 38.63 -4.17
N LYS D 102 -40.64 39.67 -3.52
CA LYS D 102 -41.10 41.02 -3.77
C LYS D 102 -40.64 41.52 -5.14
N SER D 103 -39.41 41.22 -5.50
CA SER D 103 -38.85 41.71 -6.76
C SER D 103 -39.46 40.96 -7.95
N ASN D 104 -40.02 39.78 -7.70
CA ASN D 104 -40.70 39.02 -8.74
C ASN D 104 -42.22 39.19 -8.70
N ASN D 105 -42.68 40.11 -7.87
CA ASN D 105 -44.11 40.43 -7.79
C ASN D 105 -44.98 39.19 -7.56
N LEU D 106 -44.68 38.47 -6.48
CA LEU D 106 -45.42 37.25 -6.15
C LEU D 106 -45.84 37.23 -4.69
N THR D 107 -45.90 38.40 -4.08
CA THR D 107 -46.22 38.52 -2.65
C THR D 107 -47.61 37.99 -2.33
N ASP D 108 -48.49 37.96 -3.32
CA ASP D 108 -49.85 37.47 -3.13
C ASP D 108 -49.91 35.94 -3.23
N ARG D 109 -48.81 35.32 -3.63
CA ARG D 109 -48.79 33.89 -3.93
C ARG D 109 -47.83 33.14 -3.01
N ILE D 110 -46.63 33.68 -2.82
CA ILE D 110 -45.61 33.04 -1.99
C ILE D 110 -45.52 33.71 -0.63
N VAL D 111 -45.74 32.93 0.41
CA VAL D 111 -45.63 33.43 1.78
C VAL D 111 -44.45 32.78 2.48
N VAL D 112 -43.41 33.56 2.73
CA VAL D 112 -42.25 33.08 3.46
C VAL D 112 -42.59 33.02 4.94
N ILE D 113 -42.22 31.92 5.59
CA ILE D 113 -42.47 31.73 7.00
C ILE D 113 -41.15 31.36 7.69
N PRO D 114 -40.49 32.33 8.34
CA PRO D 114 -39.24 32.04 9.05
C PRO D 114 -39.43 31.08 10.21
N GLY D 115 -38.53 30.11 10.34
CA GLY D 115 -38.57 29.17 11.45
C GLY D 115 -38.46 27.72 10.99
N LYS D 116 -38.33 26.81 11.96
CA LYS D 116 -38.25 25.39 11.65
C LYS D 116 -39.64 24.82 11.43
N VAL D 117 -39.77 23.93 10.46
CA VAL D 117 -41.07 23.39 10.07
C VAL D 117 -41.74 22.69 11.26
N GLU D 118 -40.93 22.20 12.19
CA GLU D 118 -41.46 21.51 13.36
C GLU D 118 -42.06 22.46 14.39
N GLU D 119 -41.88 23.77 14.18
CA GLU D 119 -42.28 24.76 15.17
C GLU D 119 -43.34 25.74 14.66
N VAL D 120 -43.24 26.12 13.40
CA VAL D 120 -44.12 27.14 12.83
C VAL D 120 -45.58 26.67 12.81
N SER D 121 -46.49 27.61 12.77
CA SER D 121 -47.92 27.32 12.64
C SER D 121 -48.43 27.83 11.30
N LEU D 122 -49.09 26.96 10.54
CA LEU D 122 -49.60 27.33 9.22
C LEU D 122 -51.09 27.65 9.27
N PRO D 123 -51.57 28.54 8.40
CA PRO D 123 -52.98 28.94 8.47
C PRO D 123 -53.96 27.84 8.08
N GLU D 124 -53.56 26.98 7.16
CA GLU D 124 -54.44 25.94 6.65
C GLU D 124 -53.65 24.69 6.27
N GLN D 125 -54.37 23.62 5.98
CA GLN D 125 -53.74 22.38 5.52
C GLN D 125 -53.37 22.53 4.05
N VAL D 126 -52.36 21.79 3.62
CA VAL D 126 -51.83 21.93 2.27
C VAL D 126 -52.18 20.70 1.44
N ASP D 127 -52.22 20.88 0.12
CA ASP D 127 -52.54 19.79 -0.79
C ASP D 127 -51.29 19.00 -1.17
N ILE D 128 -50.14 19.65 -1.12
CA ILE D 128 -48.90 19.02 -1.55
C ILE D 128 -47.70 19.66 -0.87
N ILE D 129 -46.72 18.83 -0.52
CA ILE D 129 -45.48 19.31 0.09
C ILE D 129 -44.33 19.11 -0.90
N ILE D 130 -43.47 20.12 -1.01
CA ILE D 130 -42.31 20.04 -1.89
C ILE D 130 -41.04 20.33 -1.08
N SER D 131 -39.95 19.72 -1.50
CA SER D 131 -38.67 19.90 -0.82
C SER D 131 -37.56 19.17 -1.57
N GLU D 132 -36.32 19.38 -1.14
CA GLU D 132 -35.18 18.65 -1.70
C GLU D 132 -34.25 18.21 -0.57
N PRO D 133 -34.76 17.34 0.32
CA PRO D 133 -34.05 16.91 1.53
C PRO D 133 -32.97 15.87 1.30
N MET D 134 -32.72 15.51 0.04
CA MET D 134 -31.74 14.47 -0.27
C MET D 134 -30.31 14.99 -0.13
N GLY D 135 -29.54 14.33 0.72
CA GLY D 135 -28.12 14.59 0.83
C GLY D 135 -27.33 13.45 0.23
N TYR D 136 -26.02 13.44 0.47
CA TYR D 136 -25.19 12.33 0.04
C TYR D 136 -25.78 11.02 0.56
N MET D 137 -25.86 10.02 -0.30
CA MET D 137 -26.50 8.75 0.05
C MET D 137 -27.97 8.96 0.42
N LEU D 138 -28.55 10.05 -0.07
CA LEU D 138 -29.97 10.36 0.15
C LEU D 138 -30.30 10.78 1.59
N PHE D 139 -29.77 10.05 2.57
CA PHE D 139 -30.22 10.20 3.95
C PHE D 139 -29.43 11.24 4.76
N ASN D 140 -28.30 11.70 4.24
CA ASN D 140 -27.49 12.68 4.96
C ASN D 140 -28.33 13.90 5.32
N GLU D 141 -27.93 14.59 6.38
CA GLU D 141 -28.61 15.80 6.87
C GLU D 141 -29.87 15.48 7.68
N ARG D 142 -30.35 14.24 7.59
CA ARG D 142 -31.54 13.81 8.33
C ARG D 142 -32.71 14.77 8.12
N MET D 143 -32.80 15.32 6.92
CA MET D 143 -33.85 16.29 6.63
C MET D 143 -35.13 15.60 6.14
N LEU D 144 -34.99 14.34 5.70
CA LEU D 144 -36.15 13.57 5.29
C LEU D 144 -37.14 13.47 6.44
N GLU D 145 -36.63 13.47 7.67
CA GLU D 145 -37.48 13.39 8.85
C GLU D 145 -38.32 14.66 8.99
N SER D 146 -37.69 15.81 8.82
CA SER D 146 -38.40 17.07 8.81
C SER D 146 -39.41 17.10 7.67
N TYR D 147 -39.01 16.51 6.55
CA TYR D 147 -39.85 16.44 5.36
C TYR D 147 -41.08 15.57 5.63
N LEU D 148 -40.91 14.52 6.42
CA LEU D 148 -42.00 13.64 6.80
C LEU D 148 -42.86 14.30 7.88
N HIS D 149 -42.20 14.99 8.80
CA HIS D 149 -42.89 15.66 9.90
C HIS D 149 -43.91 16.67 9.37
N ALA D 150 -43.63 17.24 8.20
CA ALA D 150 -44.47 18.28 7.64
C ALA D 150 -45.80 17.73 7.11
N LYS D 151 -45.93 16.40 7.06
CA LYS D 151 -47.15 15.78 6.59
C LYS D 151 -48.33 16.07 7.51
N LYS D 152 -48.04 16.53 8.73
CA LYS D 152 -49.09 16.88 9.68
C LYS D 152 -49.97 17.99 9.10
N TYR D 153 -49.40 18.77 8.17
CA TYR D 153 -50.14 19.83 7.51
C TYR D 153 -50.76 19.35 6.19
N LEU D 154 -50.46 18.11 5.81
CA LEU D 154 -50.93 17.57 4.54
C LEU D 154 -52.33 16.98 4.66
N LYS D 155 -53.23 17.45 3.80
CA LYS D 155 -54.58 16.90 3.75
C LYS D 155 -54.53 15.45 3.27
N PRO D 156 -55.44 14.61 3.76
CA PRO D 156 -55.53 13.27 3.18
C PRO D 156 -55.75 13.34 1.67
N SER D 157 -55.17 12.40 0.93
CA SER D 157 -55.23 12.41 -0.54
C SER D 157 -54.24 13.40 -1.13
N GLY D 158 -53.52 14.13 -0.27
CA GLY D 158 -52.48 15.03 -0.72
C GLY D 158 -51.34 14.26 -1.35
N ASN D 159 -50.36 14.99 -1.87
CA ASN D 159 -49.21 14.36 -2.54
C ASN D 159 -47.91 14.90 -1.97
N MET D 160 -46.79 14.29 -2.38
CA MET D 160 -45.48 14.74 -1.92
C MET D 160 -44.45 14.68 -3.05
N PHE D 161 -43.73 15.77 -3.24
CA PHE D 161 -42.67 15.86 -4.25
C PHE D 161 -41.33 16.11 -3.56
N PRO D 162 -40.43 15.11 -3.57
CA PRO D 162 -40.53 13.78 -4.19
C PRO D 162 -41.49 12.86 -3.45
N THR D 163 -42.05 11.89 -4.17
CA THR D 163 -42.99 10.95 -3.58
C THR D 163 -42.27 9.78 -2.93
N ILE D 164 -41.24 9.27 -3.60
CA ILE D 164 -40.49 8.12 -3.11
C ILE D 164 -38.99 8.35 -3.26
N GLY D 165 -38.20 7.46 -2.65
CA GLY D 165 -36.75 7.52 -2.77
C GLY D 165 -36.13 6.13 -2.88
N ASP D 166 -35.41 5.89 -3.97
CA ASP D 166 -34.74 4.61 -4.19
C ASP D 166 -33.25 4.71 -3.91
N VAL D 167 -32.77 3.83 -3.03
CA VAL D 167 -31.34 3.72 -2.76
C VAL D 167 -30.78 2.52 -3.49
N HIS D 168 -29.65 2.70 -4.17
CA HIS D 168 -29.02 1.63 -4.92
C HIS D 168 -27.64 1.29 -4.35
N LEU D 169 -27.37 -0.01 -4.22
CA LEU D 169 -26.09 -0.50 -3.70
C LEU D 169 -25.50 -1.51 -4.67
N ALA D 170 -24.19 -1.45 -4.87
CA ALA D 170 -23.52 -2.40 -5.75
C ALA D 170 -22.04 -2.54 -5.38
N PRO D 171 -21.51 -3.78 -5.40
CA PRO D 171 -20.10 -3.97 -5.11
C PRO D 171 -19.21 -3.49 -6.25
N PHE D 172 -18.08 -2.86 -5.92
CA PHE D 172 -17.17 -2.33 -6.94
C PHE D 172 -15.76 -2.82 -6.72
N THR D 173 -14.91 -2.65 -7.73
CA THR D 173 -13.50 -2.95 -7.62
C THR D 173 -12.68 -1.72 -8.02
N ASP D 174 -11.82 -1.27 -7.12
CA ASP D 174 -10.99 -0.10 -7.36
C ASP D 174 -9.73 -0.19 -6.51
N GLU D 175 -8.74 -0.92 -7.02
CA GLU D 175 -7.49 -1.13 -6.31
C GLU D 175 -6.82 0.20 -5.96
N GLN D 176 -6.84 1.13 -6.91
CA GLN D 176 -6.18 2.42 -6.72
C GLN D 176 -6.77 3.16 -5.52
N LEU D 177 -8.09 3.29 -5.48
CA LEU D 177 -8.75 3.98 -4.39
C LEU D 177 -8.43 3.32 -3.06
N TYR D 178 -8.41 1.99 -3.05
CA TYR D 178 -8.13 1.25 -1.82
C TYR D 178 -6.74 1.54 -1.29
N MET D 179 -5.75 1.56 -2.18
CA MET D 179 -4.38 1.83 -1.77
C MET D 179 -4.21 3.30 -1.38
N GLU D 180 -5.01 4.18 -1.96
CA GLU D 180 -4.97 5.59 -1.63
C GLU D 180 -5.24 5.81 -0.15
N GLN D 181 -6.31 5.20 0.34
CA GLN D 181 -6.73 5.36 1.72
C GLN D 181 -5.84 4.55 2.66
N PHE D 182 -5.27 3.47 2.16
CA PHE D 182 -4.34 2.66 2.93
C PHE D 182 -3.02 3.39 3.08
N THR D 183 -2.63 4.10 2.01
CA THR D 183 -1.38 4.86 1.99
C THR D 183 -1.41 5.98 3.03
N LYS D 184 -2.54 6.67 3.13
CA LYS D 184 -2.69 7.76 4.09
C LYS D 184 -2.56 7.23 5.51
N ALA D 185 -3.05 6.02 5.73
CA ALA D 185 -2.98 5.39 7.05
C ALA D 185 -1.58 4.84 7.32
N ASN D 186 -0.77 4.72 6.27
CA ASN D 186 0.58 4.19 6.42
C ASN D 186 1.55 5.22 6.99
N PHE D 187 1.05 6.44 7.23
CA PHE D 187 1.85 7.48 7.84
C PHE D 187 2.13 7.16 9.31
N TRP D 188 1.19 6.49 9.96
CA TRP D 188 1.29 6.20 11.38
C TRP D 188 1.94 4.85 11.65
N TYR D 189 2.69 4.35 10.67
CA TYR D 189 3.49 3.14 10.83
C TYR D 189 4.94 3.50 11.17
N GLN D 190 5.28 4.76 10.99
CA GLN D 190 6.65 5.23 11.18
C GLN D 190 7.17 4.94 12.59
N PRO D 191 8.26 4.17 12.70
CA PRO D 191 8.81 3.85 14.03
C PRO D 191 9.65 4.99 14.61
N SER D 192 10.05 5.93 13.76
CA SER D 192 10.88 7.04 14.21
C SER D 192 10.63 8.30 13.38
N PHE D 193 9.44 8.87 13.51
CA PHE D 193 9.11 10.14 12.89
C PHE D 193 9.73 11.26 13.71
N HIS D 194 10.80 11.86 13.18
CA HIS D 194 11.57 12.85 13.94
C HIS D 194 12.01 12.28 15.28
N GLY D 195 12.24 10.97 15.31
CA GLY D 195 12.71 10.30 16.50
C GLY D 195 11.60 9.74 17.37
N VAL D 196 10.37 9.77 16.88
CA VAL D 196 9.22 9.33 17.65
C VAL D 196 8.56 8.10 17.02
N ASP D 197 8.14 7.17 17.87
CA ASP D 197 7.44 5.97 17.44
C ASP D 197 5.95 6.23 17.34
N LEU D 198 5.41 6.14 16.12
CA LEU D 198 4.00 6.41 15.87
C LEU D 198 3.20 5.13 15.64
N SER D 199 3.91 4.01 15.46
CA SER D 199 3.29 2.76 15.05
C SER D 199 2.14 2.33 15.94
N ALA D 200 2.13 2.76 17.19
CA ALA D 200 1.10 2.35 18.14
C ALA D 200 -0.28 2.84 17.72
N LEU D 201 -0.33 3.90 16.93
CA LEU D 201 -1.60 4.49 16.50
C LEU D 201 -1.98 4.08 15.08
N ARG D 202 -1.27 3.12 14.51
CA ARG D 202 -1.51 2.71 13.13
C ARG D 202 -2.94 2.23 12.96
N GLY D 203 -3.41 1.43 13.90
CA GLY D 203 -4.76 0.89 13.83
C GLY D 203 -5.83 1.98 13.88
N ALA D 204 -5.67 2.92 14.81
CA ALA D 204 -6.62 4.01 14.97
C ALA D 204 -6.69 4.83 13.69
N ALA D 205 -5.53 4.99 13.03
CA ALA D 205 -5.47 5.76 11.79
C ALA D 205 -6.23 5.04 10.68
N VAL D 206 -6.02 3.74 10.57
CA VAL D 206 -6.70 2.93 9.55
C VAL D 206 -8.21 3.05 9.71
N ASP D 207 -8.69 2.87 10.94
CA ASP D 207 -10.11 2.99 11.22
C ASP D 207 -10.63 4.35 10.73
N GLU D 208 -9.99 5.40 11.19
CA GLU D 208 -10.43 6.77 10.89
C GLU D 208 -10.61 6.99 9.39
N TYR D 209 -9.59 6.63 8.61
CA TYR D 209 -9.62 6.87 7.17
C TYR D 209 -10.65 6.02 6.47
N PHE D 210 -10.90 4.82 6.98
CA PHE D 210 -11.87 3.92 6.37
C PHE D 210 -13.28 4.16 6.92
N ARG D 211 -13.40 5.05 7.90
CA ARG D 211 -14.71 5.48 8.37
C ARG D 211 -15.29 6.52 7.42
N GLN D 212 -14.47 7.01 6.49
CA GLN D 212 -14.88 8.06 5.57
C GLN D 212 -15.49 7.50 4.29
N PRO D 213 -16.76 7.82 4.02
CA PRO D 213 -17.29 7.51 2.69
C PRO D 213 -16.65 8.38 1.62
N VAL D 214 -16.40 7.80 0.45
CA VAL D 214 -15.75 8.54 -0.64
C VAL D 214 -16.81 9.10 -1.58
N VAL D 215 -16.83 10.42 -1.72
CA VAL D 215 -17.76 11.08 -2.63
C VAL D 215 -17.05 11.47 -3.91
N ASP D 216 -17.45 10.84 -5.01
CA ASP D 216 -16.91 11.15 -6.32
C ASP D 216 -17.64 10.30 -7.37
N THR D 217 -17.23 10.43 -8.62
CA THR D 217 -17.84 9.65 -9.68
C THR D 217 -16.88 8.56 -10.16
N PHE D 218 -17.41 7.58 -10.88
CA PHE D 218 -16.61 6.46 -11.35
C PHE D 218 -17.19 5.85 -12.61
N ASP D 219 -16.38 5.06 -13.31
CA ASP D 219 -16.84 4.33 -14.50
C ASP D 219 -17.61 3.10 -14.03
N ILE D 220 -18.76 2.85 -14.67
CA ILE D 220 -19.68 1.81 -14.22
C ILE D 220 -19.06 0.41 -14.34
N ARG D 221 -17.96 0.30 -15.06
CA ARG D 221 -17.31 -1.00 -15.29
C ARG D 221 -16.64 -1.54 -14.02
N ILE D 222 -16.59 -0.74 -12.97
CA ILE D 222 -16.01 -1.19 -11.71
C ILE D 222 -17.05 -1.99 -10.93
N LEU D 223 -18.31 -1.76 -11.24
CA LEU D 223 -19.41 -2.49 -10.59
C LEU D 223 -19.40 -3.94 -11.04
N MET D 224 -19.37 -4.86 -10.07
CA MET D 224 -19.20 -6.28 -10.35
C MET D 224 -20.50 -7.06 -10.20
N ALA D 225 -21.63 -6.35 -10.14
CA ALA D 225 -22.93 -7.00 -10.02
C ALA D 225 -24.06 -5.99 -10.18
N LYS D 226 -25.26 -6.48 -10.45
CA LYS D 226 -26.42 -5.61 -10.56
C LYS D 226 -26.76 -5.04 -9.19
N SER D 227 -27.26 -3.80 -9.18
CA SER D 227 -27.52 -3.11 -7.92
C SER D 227 -28.76 -3.65 -7.21
N VAL D 228 -28.77 -3.50 -5.89
CA VAL D 228 -29.94 -3.82 -5.07
C VAL D 228 -30.73 -2.53 -4.85
N LYS D 229 -32.05 -2.65 -4.73
CA LYS D 229 -32.91 -1.49 -4.59
C LYS D 229 -33.60 -1.47 -3.22
N TYR D 230 -33.55 -0.31 -2.57
CA TYR D 230 -34.25 -0.12 -1.30
C TYR D 230 -35.10 1.14 -1.38
N THR D 231 -36.42 0.96 -1.33
CA THR D 231 -37.35 2.07 -1.54
C THR D 231 -37.91 2.62 -0.24
N VAL D 232 -38.00 3.95 -0.16
CA VAL D 232 -38.66 4.62 0.95
C VAL D 232 -39.78 5.48 0.39
N ASN D 233 -41.02 5.11 0.71
CA ASN D 233 -42.18 5.86 0.23
C ASN D 233 -42.53 6.97 1.21
N PHE D 234 -42.32 8.21 0.79
CA PHE D 234 -42.50 9.36 1.67
C PHE D 234 -43.98 9.61 1.98
N LEU D 235 -44.87 9.14 1.12
CA LEU D 235 -46.30 9.30 1.34
C LEU D 235 -46.81 8.41 2.47
N GLU D 236 -46.12 7.30 2.70
CA GLU D 236 -46.56 6.34 3.71
C GLU D 236 -45.57 6.23 4.87
N ALA D 237 -44.33 6.66 4.65
CA ALA D 237 -43.29 6.52 5.65
C ALA D 237 -43.55 7.41 6.87
N LYS D 238 -43.30 6.87 8.05
CA LYS D 238 -43.41 7.64 9.29
C LYS D 238 -42.05 8.20 9.66
N GLU D 239 -42.06 9.30 10.41
CA GLU D 239 -40.82 9.97 10.80
C GLU D 239 -39.91 9.01 11.58
N GLY D 240 -40.51 8.18 12.41
CA GLY D 240 -39.76 7.27 13.26
C GLY D 240 -39.08 6.15 12.51
N ASP D 241 -39.46 5.95 11.25
CA ASP D 241 -38.96 4.82 10.47
C ASP D 241 -37.50 5.02 10.03
N LEU D 242 -37.04 6.26 10.02
CA LEU D 242 -35.70 6.58 9.52
C LEU D 242 -34.67 6.75 10.63
N HIS D 243 -35.03 6.38 11.85
CA HIS D 243 -34.07 6.36 12.94
C HIS D 243 -33.13 5.18 12.78
N ARG D 244 -33.66 4.08 12.25
CA ARG D 244 -32.87 2.88 12.00
C ARG D 244 -33.32 2.25 10.68
N ILE D 245 -32.41 2.22 9.71
CA ILE D 245 -32.72 1.67 8.39
C ILE D 245 -31.80 0.49 8.11
N GLU D 246 -32.38 -0.68 7.90
CA GLU D 246 -31.62 -1.88 7.61
C GLU D 246 -31.88 -2.34 6.18
N ILE D 247 -30.81 -2.47 5.39
CA ILE D 247 -30.91 -2.81 3.98
C ILE D 247 -30.23 -4.15 3.71
N PRO D 248 -31.03 -5.24 3.60
CA PRO D 248 -30.43 -6.52 3.21
C PRO D 248 -30.05 -6.54 1.73
N PHE D 249 -28.93 -7.19 1.41
CA PHE D 249 -28.48 -7.28 0.02
C PHE D 249 -27.89 -8.66 -0.27
N LYS D 250 -28.16 -9.16 -1.48
CA LYS D 250 -27.62 -10.43 -1.93
C LYS D 250 -27.24 -10.34 -3.40
N PHE D 251 -25.99 -9.97 -3.65
CA PHE D 251 -25.51 -9.78 -5.02
C PHE D 251 -25.10 -11.11 -5.66
N HIS D 252 -25.38 -11.25 -6.95
CA HIS D 252 -24.85 -12.35 -7.73
C HIS D 252 -23.70 -11.83 -8.58
N MET D 253 -22.47 -12.15 -8.17
CA MET D 253 -21.28 -11.62 -8.82
C MET D 253 -21.23 -12.04 -10.29
N LEU D 254 -20.94 -11.07 -11.15
CA LEU D 254 -20.90 -11.31 -12.58
C LEU D 254 -19.47 -11.58 -13.06
N HIS D 255 -18.52 -10.87 -12.45
CA HIS D 255 -17.11 -11.04 -12.80
C HIS D 255 -16.31 -11.48 -11.57
N SER D 256 -15.15 -12.07 -11.81
CA SER D 256 -14.28 -12.53 -10.72
C SER D 256 -13.22 -11.48 -10.42
N GLY D 257 -12.89 -11.33 -9.14
CA GLY D 257 -11.90 -10.36 -8.71
C GLY D 257 -12.11 -9.88 -7.29
N LEU D 258 -11.38 -8.84 -6.91
CA LEU D 258 -11.46 -8.30 -5.55
C LEU D 258 -12.61 -7.30 -5.41
N VAL D 259 -13.36 -7.44 -4.32
CA VAL D 259 -14.41 -6.49 -3.97
C VAL D 259 -13.87 -5.55 -2.90
N HIS D 260 -13.63 -4.29 -3.28
CA HIS D 260 -13.04 -3.33 -2.37
C HIS D 260 -14.08 -2.58 -1.55
N GLY D 261 -15.35 -2.70 -1.93
CA GLY D 261 -16.42 -2.08 -1.18
C GLY D 261 -17.74 -2.02 -1.91
N LEU D 262 -18.65 -1.18 -1.41
CA LEU D 262 -19.96 -1.00 -2.02
C LEU D 262 -20.13 0.44 -2.52
N ALA D 263 -20.77 0.59 -3.68
CA ALA D 263 -21.05 1.90 -4.25
C ALA D 263 -22.49 2.30 -3.98
N PHE D 264 -22.71 3.57 -3.69
CA PHE D 264 -24.04 4.07 -3.33
C PHE D 264 -24.49 5.24 -4.20
N TRP D 265 -25.75 5.19 -4.61
CA TRP D 265 -26.40 6.32 -5.25
C TRP D 265 -27.89 6.19 -5.02
N PHE D 266 -28.65 7.24 -5.34
CA PHE D 266 -30.08 7.23 -5.08
C PHE D 266 -30.89 7.83 -6.23
N ASP D 267 -32.12 7.37 -6.37
CA ASP D 267 -33.08 7.94 -7.29
C ASP D 267 -34.30 8.40 -6.51
N VAL D 268 -34.86 9.54 -6.88
CA VAL D 268 -36.12 9.99 -6.29
C VAL D 268 -37.12 10.23 -7.41
N ALA D 269 -38.38 9.88 -7.17
CA ALA D 269 -39.41 9.99 -8.19
C ALA D 269 -40.51 10.97 -7.77
N PHE D 270 -40.93 11.79 -8.71
CA PHE D 270 -42.06 12.69 -8.49
C PHE D 270 -43.31 12.08 -9.10
N ILE D 271 -43.96 11.20 -8.34
CA ILE D 271 -45.14 10.50 -8.82
C ILE D 271 -46.29 11.49 -8.93
N GLY D 272 -46.29 12.26 -10.01
CA GLY D 272 -47.31 13.28 -10.22
C GLY D 272 -48.56 12.71 -10.86
N SER D 273 -49.54 13.59 -11.10
CA SER D 273 -50.79 13.18 -11.70
C SER D 273 -50.61 12.81 -13.17
N ILE D 274 -49.92 13.66 -13.91
CA ILE D 274 -49.74 13.45 -15.35
C ILE D 274 -48.68 12.38 -15.59
N MET D 275 -47.53 12.52 -14.96
CA MET D 275 -46.43 11.60 -15.18
C MET D 275 -45.48 11.53 -13.99
N THR D 276 -44.74 10.43 -13.90
CA THR D 276 -43.70 10.29 -12.90
C THR D 276 -42.38 10.79 -13.48
N VAL D 277 -41.68 11.62 -12.71
CA VAL D 277 -40.40 12.17 -13.16
C VAL D 277 -39.31 11.71 -12.21
N TRP D 278 -38.22 11.19 -12.78
CA TRP D 278 -37.12 10.65 -12.00
C TRP D 278 -35.93 11.59 -11.95
N LEU D 279 -35.34 11.73 -10.78
CA LEU D 279 -34.09 12.44 -10.59
C LEU D 279 -33.02 11.44 -10.14
N SER D 280 -32.11 11.09 -11.04
CA SER D 280 -31.14 10.05 -10.76
C SER D 280 -29.72 10.58 -10.59
N THR D 281 -29.02 10.06 -9.58
CA THR D 281 -27.62 10.37 -9.38
C THR D 281 -26.77 9.14 -9.70
N ALA D 282 -27.32 8.25 -10.53
CA ALA D 282 -26.62 7.03 -10.92
C ALA D 282 -25.41 7.35 -11.78
N PRO D 283 -24.38 6.50 -11.72
CA PRO D 283 -23.17 6.75 -12.53
C PRO D 283 -23.44 6.58 -14.03
N THR D 284 -24.56 5.96 -14.38
CA THR D 284 -24.97 5.84 -15.77
C THR D 284 -25.63 7.12 -16.26
N GLU D 285 -26.11 7.92 -15.32
CA GLU D 285 -26.82 9.16 -15.63
C GLU D 285 -25.87 10.35 -15.53
N PRO D 286 -26.26 11.50 -16.13
CA PRO D 286 -25.42 12.69 -16.01
C PRO D 286 -25.08 13.03 -14.56
N LEU D 287 -23.86 13.51 -14.34
CA LEU D 287 -23.36 13.76 -12.99
C LEU D 287 -24.12 14.89 -12.31
N THR D 288 -24.35 14.73 -11.01
CA THR D 288 -25.00 15.76 -10.20
C THR D 288 -24.06 16.19 -9.08
N HIS D 289 -24.49 17.16 -8.28
CA HIS D 289 -23.66 17.64 -7.17
C HIS D 289 -23.67 16.63 -6.03
N TRP D 290 -24.52 15.61 -6.14
CA TRP D 290 -24.52 14.52 -5.16
C TRP D 290 -23.48 13.48 -5.50
N TYR D 291 -23.15 13.36 -6.79
CA TYR D 291 -22.18 12.37 -7.25
C TYR D 291 -22.65 10.98 -6.82
N GLN D 292 -21.69 10.10 -6.53
CA GLN D 292 -21.99 8.81 -5.91
C GLN D 292 -21.18 8.69 -4.63
N VAL D 293 -21.48 7.68 -3.83
CA VAL D 293 -20.78 7.48 -2.57
C VAL D 293 -20.33 6.04 -2.46
N ARG D 294 -19.08 5.85 -2.05
CA ARG D 294 -18.51 4.51 -1.92
C ARG D 294 -17.96 4.27 -0.52
N CYS D 295 -18.35 3.14 0.07
CA CYS D 295 -17.82 2.72 1.36
C CYS D 295 -16.79 1.62 1.14
N LEU D 296 -15.59 1.82 1.69
CA LEU D 296 -14.49 0.88 1.48
C LEU D 296 -14.44 -0.19 2.57
N PHE D 297 -14.12 -1.41 2.16
CA PHE D 297 -13.81 -2.48 3.10
C PHE D 297 -12.38 -2.30 3.58
N GLN D 298 -12.13 -2.53 4.87
CA GLN D 298 -10.79 -2.44 5.41
C GLN D 298 -9.88 -3.46 4.73
N SER D 299 -10.48 -4.57 4.28
CA SER D 299 -9.78 -5.56 3.50
C SER D 299 -10.71 -6.11 2.42
N PRO D 300 -10.27 -6.09 1.14
CA PRO D 300 -11.17 -6.56 0.09
C PRO D 300 -11.45 -8.06 0.17
N LEU D 301 -12.61 -8.47 -0.34
CA LEU D 301 -13.00 -9.87 -0.36
C LEU D 301 -12.90 -10.40 -1.78
N PHE D 302 -12.41 -11.62 -1.94
CA PHE D 302 -12.32 -12.24 -3.25
C PHE D 302 -13.58 -13.03 -3.55
N ALA D 303 -14.06 -12.92 -4.78
CA ALA D 303 -15.23 -13.66 -5.22
C ALA D 303 -15.11 -13.99 -6.70
N LYS D 304 -15.44 -15.22 -7.06
CA LYS D 304 -15.45 -15.64 -8.45
C LYS D 304 -16.86 -15.49 -9.02
N ALA D 305 -16.94 -15.26 -10.32
CA ALA D 305 -18.23 -15.10 -10.99
C ALA D 305 -19.15 -16.27 -10.68
N GLY D 306 -20.38 -15.95 -10.25
CA GLY D 306 -21.34 -16.97 -9.89
C GLY D 306 -21.59 -17.02 -8.39
N ASP D 307 -20.63 -16.50 -7.62
CA ASP D 307 -20.77 -16.46 -6.17
C ASP D 307 -21.80 -15.43 -5.74
N THR D 308 -22.28 -15.56 -4.51
CA THR D 308 -23.27 -14.64 -3.96
C THR D 308 -22.67 -13.86 -2.80
N LEU D 309 -22.76 -12.53 -2.88
CA LEU D 309 -22.27 -11.66 -1.81
C LEU D 309 -23.44 -11.16 -0.97
N SER D 310 -23.52 -11.66 0.27
CA SER D 310 -24.65 -11.35 1.15
C SER D 310 -24.21 -10.50 2.34
N GLY D 311 -25.18 -9.85 2.98
CA GLY D 311 -24.91 -9.02 4.14
C GLY D 311 -25.98 -7.96 4.35
N THR D 312 -25.75 -7.07 5.30
CA THR D 312 -26.71 -6.02 5.63
C THR D 312 -26.04 -4.66 5.80
N CYS D 313 -26.58 -3.66 5.15
CA CYS D 313 -26.14 -2.28 5.33
C CYS D 313 -27.08 -1.59 6.32
N LEU D 314 -26.55 -1.27 7.50
CA LEU D 314 -27.38 -0.73 8.58
C LEU D 314 -27.12 0.76 8.80
N LEU D 315 -28.18 1.56 8.71
CA LEU D 315 -28.09 3.00 8.92
C LEU D 315 -28.73 3.38 10.25
N ILE D 316 -27.93 3.95 11.14
CA ILE D 316 -28.43 4.40 12.43
C ILE D 316 -28.23 5.92 12.54
N ALA D 317 -29.32 6.65 12.73
CA ALA D 317 -29.27 8.10 12.78
C ALA D 317 -28.63 8.61 14.08
N ASN D 318 -27.79 9.63 13.95
CA ASN D 318 -27.15 10.25 15.11
C ASN D 318 -27.65 11.68 15.28
N LYS D 319 -27.27 12.31 16.39
CA LYS D 319 -27.74 13.66 16.69
C LYS D 319 -26.98 14.75 15.94
N ARG D 320 -26.01 14.35 15.12
CA ARG D 320 -25.24 15.30 14.34
C ARG D 320 -25.82 15.44 12.93
N GLN D 321 -27.11 15.15 12.80
CA GLN D 321 -27.81 15.26 11.51
C GLN D 321 -27.15 14.41 10.43
N SER D 322 -26.65 13.24 10.83
CA SER D 322 -26.04 12.31 9.89
C SER D 322 -26.36 10.87 10.28
N TYR D 323 -25.55 9.93 9.80
CA TYR D 323 -25.79 8.52 10.07
C TYR D 323 -24.50 7.76 10.40
N ASP D 324 -24.63 6.73 11.21
CA ASP D 324 -23.55 5.79 11.46
C ASP D 324 -23.80 4.54 10.63
N ILE D 325 -22.97 4.33 9.63
CA ILE D 325 -23.22 3.31 8.61
C ILE D 325 -22.43 2.03 8.88
N SER D 326 -23.12 0.98 9.29
CA SER D 326 -22.49 -0.32 9.51
C SER D 326 -22.75 -1.24 8.32
N ILE D 327 -21.69 -1.73 7.71
CA ILE D 327 -21.79 -2.65 6.57
C ILE D 327 -21.10 -3.96 6.89
N VAL D 328 -21.84 -5.06 6.79
CA VAL D 328 -21.27 -6.39 6.93
C VAL D 328 -21.54 -7.13 5.63
N ALA D 329 -20.51 -7.79 5.10
CA ALA D 329 -20.65 -8.49 3.82
C ALA D 329 -19.87 -9.81 3.85
N GLN D 330 -20.39 -10.82 3.17
CA GLN D 330 -19.71 -12.11 3.10
C GLN D 330 -19.93 -12.82 1.77
N VAL D 331 -18.95 -13.61 1.37
CA VAL D 331 -19.10 -14.51 0.22
C VAL D 331 -19.65 -15.83 0.73
N ASP D 332 -20.92 -16.10 0.40
CA ASP D 332 -21.65 -17.23 0.96
C ASP D 332 -20.96 -18.58 0.66
N GLN D 333 -20.28 -18.66 -0.46
CA GLN D 333 -19.65 -19.91 -0.89
C GLN D 333 -18.41 -20.25 -0.08
N THR D 334 -17.68 -19.22 0.35
CA THR D 334 -16.38 -19.41 0.99
C THR D 334 -16.37 -18.99 2.45
N GLY D 335 -17.30 -18.11 2.82
CA GLY D 335 -17.35 -17.61 4.18
C GLY D 335 -16.47 -16.40 4.41
N SER D 336 -15.87 -15.88 3.33
CA SER D 336 -15.07 -14.67 3.41
C SER D 336 -15.92 -13.50 3.86
N LYS D 337 -15.55 -12.90 4.99
CA LYS D 337 -16.39 -11.92 5.67
C LYS D 337 -15.68 -10.58 5.82
N SER D 338 -16.47 -9.50 5.84
CA SER D 338 -15.92 -8.16 6.04
C SER D 338 -16.93 -7.26 6.74
N SER D 339 -16.44 -6.46 7.68
CA SER D 339 -17.28 -5.54 8.43
C SER D 339 -16.60 -4.20 8.59
N ASN D 340 -17.35 -3.11 8.37
CA ASN D 340 -16.80 -1.77 8.48
C ASN D 340 -17.88 -0.76 8.86
N LEU D 341 -17.51 0.19 9.72
CA LEU D 341 -18.42 1.23 10.17
C LEU D 341 -17.96 2.57 9.62
N LEU D 342 -18.88 3.35 9.05
CA LEU D 342 -18.53 4.62 8.41
C LEU D 342 -19.30 5.80 9.01
N ASP D 343 -18.63 6.95 9.05
CA ASP D 343 -19.25 8.18 9.52
C ASP D 343 -19.66 9.06 8.35
N LEU D 344 -20.96 9.12 8.10
CA LEU D 344 -21.50 9.85 6.95
C LEU D 344 -21.35 11.37 7.11
N LYS D 345 -21.07 11.83 8.32
CA LYS D 345 -20.96 13.25 8.59
C LYS D 345 -19.73 13.86 7.94
N ASN D 346 -18.62 13.13 7.97
CA ASN D 346 -17.35 13.62 7.43
C ASN D 346 -16.89 12.74 6.27
N PRO D 347 -17.37 13.04 5.05
CA PRO D 347 -16.95 12.28 3.87
C PRO D 347 -15.68 12.84 3.23
N PHE D 348 -15.07 12.07 2.33
CA PHE D 348 -13.86 12.49 1.64
C PHE D 348 -14.15 12.76 0.17
N PHE D 349 -13.99 14.02 -0.24
CA PHE D 349 -14.20 14.42 -1.62
C PHE D 349 -12.89 14.37 -2.40
N ARG D 350 -12.76 13.46 -3.36
CA ARG D 350 -11.58 13.39 -4.20
C ARG D 350 -11.92 13.73 -5.65
C1 EDO E . -10.18 -22.57 -19.28
O1 EDO E . -11.36 -23.18 -18.85
C2 EDO E . -9.32 -23.59 -20.04
O2 EDO E . -8.00 -23.12 -20.12
H11 EDO E . -10.39 -21.83 -19.87
H12 EDO E . -9.68 -22.24 -18.52
HO1 EDO E . -11.81 -22.63 -18.39
H21 EDO E . -9.68 -23.71 -20.93
H22 EDO E . -9.33 -24.42 -19.56
HO2 EDO E . -7.53 -23.68 -20.54
C1 PEG F . 11.99 -26.65 -3.46
O1 PEG F . 13.28 -26.81 -2.91
C2 PEG F . 11.04 -27.60 -2.74
O2 PEG F . 10.11 -28.08 -3.66
C3 PEG F . 9.19 -27.13 -4.13
C4 PEG F . 8.20 -27.83 -5.06
O4 PEG F . 7.44 -26.85 -5.71
H11 PEG F . 11.70 -25.73 -3.34
H12 PEG F . 12.01 -26.86 -4.40
HO1 PEG F . 13.85 -26.80 -3.54
H21 PEG F . 11.53 -28.35 -2.36
H22 PEG F . 10.58 -27.11 -2.03
H31 PEG F . 9.67 -26.43 -4.62
H32 PEG F . 8.71 -26.73 -3.38
H41 PEG F . 8.68 -28.35 -5.71
H42 PEG F . 7.61 -28.40 -4.54
HO4 PEG F . 6.66 -27.15 -5.88
C1 PEG G . -13.59 -36.93 -13.33
O1 PEG G . -14.96 -36.72 -13.54
C2 PEG G . -12.82 -35.74 -13.89
O2 PEG G . -13.41 -34.57 -13.43
C3 PEG G . -12.71 -33.40 -13.75
C4 PEG G . -13.67 -32.21 -13.59
O4 PEG G . -13.28 -31.47 -12.46
H11 PEG G . -13.41 -37.02 -12.38
H12 PEG G . -13.32 -37.74 -13.78
HO1 PEG G . -15.37 -37.46 -13.49
H21 PEG G . -11.89 -35.78 -13.60
H22 PEG G . -12.85 -35.76 -14.86
H31 PEG G . -12.39 -33.44 -14.66
H32 PEG G . -11.96 -33.29 -13.14
H41 PEG G . -13.62 -31.66 -14.38
H42 PEG G . -14.58 -32.54 -13.47
HO4 PEG G . -13.90 -30.90 -12.28
N DSH H . 0.57 -27.75 -3.11
N1 DSH H . 5.60 -34.28 8.02
C2 DSH H . 4.96 -33.11 8.23
N3 DSH H . 4.75 -32.10 7.38
C4 DSH H . 5.28 -32.37 6.19
C5 DSH H . 5.96 -33.53 5.81
C6 DSH H . 6.12 -34.51 6.80
N6 DSH H . 6.77 -35.67 6.60
N7 DSH H . 6.35 -33.45 4.49
C8 DSH H . 5.91 -32.28 4.09
N9 DSH H . 5.26 -31.58 5.07
CA DSH H . 1.74 -28.65 -2.90
CB DSH H . 2.45 -28.33 -1.61
SD DSH H . 2.17 -28.15 1.18
CG DSH H . 1.76 -28.93 -0.41
C1' DSH H . 4.65 -30.25 4.94
C2' DSH H . 5.57 -29.21 4.32
O2' DSH H . 6.42 -28.63 5.30
C3' DSH H . 4.55 -28.20 3.79
O3' DSH H . 4.17 -27.25 4.79
C4' DSH H . 3.35 -29.08 3.39
O4' DSH H . 3.53 -30.34 4.08
C5' DSH H . 3.34 -29.33 1.90
HN DSH H . 0.72 -26.83 -2.70
HNA DSH H . 0.40 -27.61 -4.11
H2 DSH H . 4.56 -32.99 9.24
HN6 DSH H . 7.18 -35.90 5.70
HN6A DSH H . 6.85 -36.33 7.35
H8 DSH H . 6.06 -31.90 3.08
HA DSH H . 1.39 -29.68 -2.90
HB DSH H . 2.52 -27.25 -1.44
HG DSH H . 1.99 -29.99 -0.31
HGA DSH H . 0.67 -28.90 -0.55
H1' DSH H . 4.30 -29.94 5.92
H2' DSH H . 6.17 -29.61 3.50
HO2' DSH H . 5.84 -28.08 5.90
H3' DSH H . 4.93 -27.65 2.93
HO3' DSH H . 3.91 -27.78 5.59
H4' DSH H . 2.40 -28.71 3.76
H5' DSH H . 3.01 -30.33 1.65
H5'A DSH H . 4.32 -29.24 1.44
HAA DSH H . 2.41 -28.57 -3.75
HBA DSH H . 3.48 -28.69 -1.62
H21 DSH H . -0.27 -28.14 -2.70
C1 EDO I . 34.85 3.12 -12.50
O1 EDO I . 33.82 3.01 -13.46
C2 EDO I . 36.09 3.72 -13.16
O2 EDO I . 37.04 4.02 -12.18
H11 EDO I . 34.55 3.68 -11.78
H12 EDO I . 35.06 2.24 -12.17
HO1 EDO I . 33.35 3.73 -13.45
H21 EDO I . 36.46 3.09 -13.79
H22 EDO I . 35.84 4.53 -13.64
HO2 EDO I . 37.52 4.68 -12.45
C1 EDO J . 24.11 -19.04 -6.50
O1 EDO J . 23.58 -17.87 -7.09
C2 EDO J . 23.00 -20.09 -6.36
O2 EDO J . 23.54 -21.27 -5.84
H11 EDO J . 24.82 -19.39 -7.06
H12 EDO J . 24.46 -18.82 -5.62
HO1 EDO J . 24.22 -17.41 -7.42
H21 EDO J . 22.62 -20.27 -7.24
H22 EDO J . 22.31 -19.75 -5.78
HO2 EDO J . 23.01 -21.60 -5.27
N DSH K . 28.50 -14.48 -10.95
N1 DSH K . 36.39 -24.42 -4.58
C2 DSH K . 36.32 -24.70 -5.89
N3 DSH K . 35.45 -24.25 -6.79
C4 DSH K . 34.57 -23.40 -6.24
C5 DSH K . 34.52 -23.03 -4.91
C6 DSH K . 35.49 -23.56 -4.05
N6 DSH K . 35.56 -23.29 -2.75
N7 DSH K . 33.46 -22.14 -4.70
C8 DSH K . 32.92 -22.01 -5.88
N9 DSH K . 33.54 -22.75 -6.86
CA DSH K . 29.73 -15.22 -10.57
CB DSH K . 29.51 -16.71 -10.56
SD DSH K . 31.20 -18.96 -10.73
CG DSH K . 30.69 -17.41 -9.93
C1' DSH K . 33.19 -22.79 -8.28
C2' DSH K . 31.71 -23.03 -8.56
O2' DSH K . 31.45 -24.43 -8.61
C3' DSH K . 31.55 -22.38 -9.93
O3' DSH K . 31.97 -23.25 -10.98
C4' DSH K . 32.49 -21.17 -9.83
O4' DSH K . 33.49 -21.52 -8.85
C5' DSH K . 31.73 -19.96 -9.32
HN DSH K . 28.40 -13.63 -10.41
HNA DSH K . 28.53 -14.22 -11.94
H2 DSH K . 37.08 -25.40 -6.24
HN6 DSH K . 34.91 -22.65 -2.30
HN6A DSH K . 36.29 -23.71 -2.18
H8 DSH K . 32.06 -21.38 -6.07
HA DSH K . 30.54 -14.96 -11.26
HB DSH K . 29.37 -17.11 -11.56
HG DSH K . 30.49 -17.64 -8.88
HGA DSH K . 31.55 -16.74 -9.90
H1' DSH K . 33.83 -23.52 -8.77
H2' DSH K . 31.06 -22.56 -7.83
HO2' DSH K . 31.96 -24.81 -9.38
H3' DSH K . 30.53 -22.08 -10.11
HO3' DSH K . 32.91 -23.51 -10.79
H4' DSH K . 33.04 -20.95 -10.74
H5' DSH K . 32.35 -19.34 -8.68
H5'A DSH K . 30.88 -20.22 -8.69
HAA DSH K . 30.08 -14.88 -9.59
HBA DSH K . 28.61 -16.98 -10.00
H21 DSH K . 27.67 -15.05 -10.80
C1 EDO L . 13.62 37.52 9.66
O1 EDO L . 13.60 37.55 11.06
C2 EDO L . 12.56 36.54 9.16
O2 EDO L . 13.06 35.83 8.07
H11 EDO L . 14.50 37.23 9.35
H12 EDO L . 13.44 38.41 9.31
HO1 EDO L . 14.29 37.97 11.35
H21 EDO L . 12.34 35.92 9.87
H22 EDO L . 11.77 37.04 8.90
HO2 EDO L . 13.17 35.01 8.28
N DSH M . -1.25 25.33 12.95
N1 DSH M . -6.90 23.78 25.98
C2 DSH M . -6.23 22.70 25.56
N3 DSH M . -5.87 22.37 24.32
C4 DSH M . -6.26 23.29 23.44
C5 DSH M . -6.97 24.45 23.72
C6 DSH M . -7.29 24.70 25.07
N6 DSH M . -7.98 25.76 25.49
N7 DSH M . -7.21 25.17 22.56
C8 DSH M . -6.66 24.44 21.62
N9 DSH M . -6.08 23.28 22.08
CA DSH M . -1.26 24.93 14.38
CB DSH M . -2.64 24.57 14.84
SD DSH M . -3.05 22.83 16.99
CG DSH M . -2.69 24.49 16.35
C1' DSH M . -5.44 22.25 21.28
C2' DSH M . -6.33 21.64 20.21
O2' DSH M . -7.16 20.61 20.74
C3' DSH M . -5.26 21.08 19.25
O3' DSH M . -4.78 19.81 19.66
C4' DSH M . -4.16 22.14 19.33
O4' DSH M . -4.33 22.81 20.60
C5' DSH M . -4.34 23.15 18.21
HN DSH M . -0.70 26.16 12.80
HNA DSH M . -2.19 25.53 12.63
H2 DSH M . -5.95 22.00 26.35
HN6 DSH M . -8.32 26.47 24.85
HN6A DSH M . -8.19 25.87 26.48
H8 DSH M . -6.67 24.72 20.57
HA DSH M . -0.85 25.74 14.98
HB DSH M . -2.96 23.61 14.44
HG DSH M . -3.44 25.15 16.75
HGA DSH M . -1.75 24.83 16.77
H1' DSH M . -5.04 21.48 21.95
H2' DSH M . -6.94 22.39 19.70
HO2' DSH M . -6.56 19.86 21.01
H3' DSH M . -5.65 21.01 18.24
HO3' DSH M . -4.60 19.87 20.63
H4' DSH M . -3.15 21.74 19.36
H5' DSH M . -4.22 24.18 18.56
H5'A DSH M . -5.33 23.14 17.75
HAA DSH M . -0.56 24.10 14.54
HBA DSH M . -3.38 25.29 14.51
H21 DSH M . -0.87 24.60 12.37
C1 EDO N . -33.47 6.06 -14.08
O1 EDO N . -34.38 6.41 -15.09
C2 EDO N . -34.09 5.01 -13.17
O2 EDO N . -35.47 4.93 -13.42
H11 EDO N . -33.25 6.85 -13.57
H12 EDO N . -32.67 5.70 -14.49
HO1 EDO N . -34.03 6.94 -15.63
H21 EDO N . -33.69 4.15 -13.34
H22 EDO N . -33.95 5.27 -12.24
HO2 EDO N . -35.85 4.51 -12.79
N DSH O . -29.05 19.27 -1.52
N1 DSH O . -36.97 23.18 8.90
C2 DSH O . -36.88 24.11 7.94
N3 DSH O . -35.93 24.27 7.02
C4 DSH O . -34.98 23.34 7.14
C5 DSH O . -34.93 22.32 8.07
C6 DSH O . -36.00 22.24 8.99
N6 DSH O . -36.09 21.32 9.95
N7 DSH O . -33.81 21.54 7.89
C8 DSH O . -33.20 22.09 6.87
N9 DSH O . -33.85 23.19 6.36
CA DSH O . -29.32 19.41 -0.06
CB DSH O . -30.63 20.10 0.20
SD DSH O . -31.67 22.60 0.94
CG DSH O . -30.49 21.24 1.19
C1' DSH O . -33.44 24.02 5.23
C2' DSH O . -31.94 24.08 4.98
O2' DSH O . -31.34 25.09 5.78
C3' DSH O . -31.89 24.43 3.49
O3' DSH O . -31.97 25.84 3.29
C4' DSH O . -33.14 23.73 2.94
O4' DSH O . -34.02 23.49 4.06
C5' DSH O . -32.84 22.39 2.31
HN DSH O . -29.89 19.04 -2.04
HNA DSH O . -28.70 20.14 -1.91
H2 DSH O . -37.71 24.82 7.92
HN6 DSH O . -35.40 20.59 10.06
HN6A DSH O . -36.89 21.32 10.58
H8 DSH O . -32.27 21.72 6.46
HA DSH O . -28.50 19.96 0.40
HB DSH O . -31.05 20.51 -0.72
HG DSH O . -30.64 20.88 2.21
HGA DSH O . -29.48 21.64 1.17
H1' DSH O . -33.86 25.03 5.37
H2' DSH O . -31.46 23.11 5.17
HO2' DSH O . -31.69 25.97 5.46
H3' DSH O . -30.99 24.06 3.03
HO3' DSH O . -32.76 26.16 3.79
H4' DSH O . -33.72 24.36 2.27
H5' DSH O . -33.73 21.92 1.90
H5'A DSH O . -32.46 21.65 3.03
HAA DSH O . -29.30 18.43 0.41
HBA DSH O . -31.37 19.40 0.58
H21 DSH O . -28.38 18.55 -1.71
#